data_9DIN
# 
_entry.id   9DIN 
# 
_audit_conform.dict_name       mmcif_pdbx.dic 
_audit_conform.dict_version    5.403 
_audit_conform.dict_location   http://mmcif.pdb.org/dictionaries/ascii/mmcif_pdbx.dic 
# 
loop_
_database_2.database_id 
_database_2.database_code 
_database_2.pdbx_database_accession 
_database_2.pdbx_DOI 
PDB   9DIN         pdb_00009din 10.2210/pdb9din/pdb 
WWPDB D_1000288031 ?            ?                   
# 
loop_
_pdbx_audit_revision_history.ordinal 
_pdbx_audit_revision_history.data_content_type 
_pdbx_audit_revision_history.major_revision 
_pdbx_audit_revision_history.minor_revision 
_pdbx_audit_revision_history.revision_date 
_pdbx_audit_revision_history.part_number 
1 'Structure model' 1 0 2025-04-16 ? 
2 'Structure model' 1 1 2025-05-07 ? 
# 
_pdbx_audit_revision_details.ordinal             1 
_pdbx_audit_revision_details.revision_ordinal    1 
_pdbx_audit_revision_details.data_content_type   'Structure model' 
_pdbx_audit_revision_details.provider            repository 
_pdbx_audit_revision_details.type                'Initial release' 
_pdbx_audit_revision_details.description         ? 
_pdbx_audit_revision_details.details             ? 
# 
_pdbx_audit_revision_group.ordinal             1 
_pdbx_audit_revision_group.revision_ordinal    2 
_pdbx_audit_revision_group.data_content_type   'Structure model' 
_pdbx_audit_revision_group.group               'Database references' 
# 
loop_
_pdbx_audit_revision_category.ordinal 
_pdbx_audit_revision_category.revision_ordinal 
_pdbx_audit_revision_category.data_content_type 
_pdbx_audit_revision_category.category 
1 2 'Structure model' citation        
2 2 'Structure model' citation_author 
# 
loop_
_pdbx_audit_revision_item.ordinal 
_pdbx_audit_revision_item.revision_ordinal 
_pdbx_audit_revision_item.data_content_type 
_pdbx_audit_revision_item.item 
1 2 'Structure model' '_citation.journal_volume'          
2 2 'Structure model' '_citation.page_first'              
3 2 'Structure model' '_citation.page_last'               
4 2 'Structure model' '_citation_author.identifier_ORCID' 
# 
_pdbx_database_status.status_code                     REL 
_pdbx_database_status.status_code_sf                  REL 
_pdbx_database_status.status_code_mr                  ? 
_pdbx_database_status.entry_id                        9DIN 
_pdbx_database_status.recvd_initial_deposition_date   2024-09-05 
_pdbx_database_status.SG_entry                        N 
_pdbx_database_status.deposit_site                    RCSB 
_pdbx_database_status.process_site                    RCSB 
_pdbx_database_status.status_code_cs                  ? 
_pdbx_database_status.status_code_nmr_data            ? 
_pdbx_database_status.methods_development_category    ? 
_pdbx_database_status.pdb_format_compatible           N 
# 
loop_
_pdbx_contact_author.id 
_pdbx_contact_author.email 
_pdbx_contact_author.name_first 
_pdbx_contact_author.name_last 
_pdbx_contact_author.name_mi 
_pdbx_contact_author.role 
_pdbx_contact_author.identifier_ORCID 
3 caz@uic.edu         Celerino Abad-Zapatero ? 'principal investigator/group leader' 0000-0003-0741-9579 
4 ninamwolf@gmail.com Nina     Wolf          M 'principal investigator/group leader' 0000-0002-4685-4103 
# 
loop_
_audit_author.name 
_audit_author.pdbx_ordinal 
_audit_author.identifier_ORCID 
'Abad-Zapatero, C.' 1 0000-0003-0741-9579 
'Wolf, N.M.'        2 0000-0002-4685-4103 
# 
loop_
_citation.abstract 
_citation.abstract_id_CAS 
_citation.book_id_ISBN 
_citation.book_publisher 
_citation.book_publisher_city 
_citation.book_title 
_citation.coordinate_linkage 
_citation.country 
_citation.database_id_Medline 
_citation.details 
_citation.id 
_citation.journal_abbrev 
_citation.journal_id_ASTM 
_citation.journal_id_CSD 
_citation.journal_id_ISSN 
_citation.journal_full 
_citation.journal_issue 
_citation.journal_volume 
_citation.language 
_citation.page_first 
_citation.page_last 
_citation.title 
_citation.year 
_citation.database_id_CSD 
_citation.pdbx_database_id_DOI 
_citation.pdbx_database_id_PubMed 
_citation.pdbx_database_id_patent 
_citation.unpublished_flag 
? ? ? ? ? ? ? US ? ? primary J.Nat.Prod.      ? ? 1520-6025 ? ? 88 ? 907 925 
'Structure-Based Analysis of Semisynthetic Anti-TB Rufomycin Analogues.' 2025 ? 10.1021/acs.jnatprod.4c01266 40126472 ? ? 
? ? ? ? ? ? ? US ? ? 1       'ACS Infect Dis' ? ? 2373-8227 ? ? 5  ? 829 840 
;High-Resolution Structure of ClpC1-Rufomycin and Ligand Binding Studies Provide a Framework to Design and Optimize Anti-Tuberculosis Leads.
;
2019 ? 10.1021/acsinfecdis.8b00276  30990022 ? ? 
# 
loop_
_citation_author.citation_id 
_citation_author.name 
_citation_author.ordinal 
_citation_author.identifier_ORCID 
primary 'Zhou, B.'          1  ?                   
primary 'Shetye, G.'        2  ?                   
primary 'Klein, L.L.'       3  ?                   
primary 'Wolf, N.M.'        4  ?                   
primary 'Lee, H.'           5  ?                   
primary 'McAlpine, J.B.'    6  ?                   
primary 'Harris, G.'        7  ?                   
primary 'Chen, S.N.'        8  ?                   
primary 'Suh, J.W.'         9  ?                   
primary 'Cho, S.H.'         10 ?                   
primary 'Franzblau, S.G.'   11 ?                   
primary 'Abad-Zapatero, C.' 12 ?                   
primary 'Pauli, G.F.'       13 ?                   
1       'Wolf, N.M.'        14 ?                   
1       'Lee, H.'           15 ?                   
1       'Choules, M.P.'     16 0000-0003-1771-3245 
1       'Pauli, G.F.'       17 0000-0003-1022-4326 
1       'Phansalkar, R.'    18 0000-0001-9664-1950 
1       'Anderson, J.R.'    19 ?                   
1       'Gao, W.'           20 ?                   
1       'Ren, J.'           21 ?                   
1       'Santarsiero, B.D.' 22 ?                   
1       'Lee, H.'           23 ?                   
1       'Cheng, J.'         24 ?                   
1       'Jin, Y.Y.'         25 ?                   
1       'Ho, N.A.'          26 ?                   
1       'Duc, N.M.'         27 ?                   
1       'Suh, J.W.'         28 ?                   
1       'Abad-Zapatero, C.' 29 ?                   
1       'Cho, S.'           30 0000-0003-0926-6246 
# 
loop_
_entity.id 
_entity.type 
_entity.src_method 
_entity.pdbx_description 
_entity.formula_weight 
_entity.pdbx_number_of_molecules 
_entity.pdbx_ec 
_entity.pdbx_mutation 
_entity.pdbx_fragment 
_entity.details 
1 polymer     man 'ATP-dependent Clp protease ATP-binding subunit ClpC1' 17469.012 1  ? ? ? ? 
2 polymer     syn 'Rufomycin analog'                                     1156.841  1  ? ? ? ? 
3 non-polymer syn 'ACETIC ACID'                                          60.052    1  ? ? ? ? 
4 non-polymer syn GLYCEROL                                               92.094    1  ? ? ? ? 
5 non-polymer nat 'CHLORIDE ION'                                         35.453    1  ? ? ? ? 
6 water       nat water                                                  18.015    57 ? ? ? ? 
# 
loop_
_entity_poly.entity_id 
_entity_poly.type 
_entity_poly.nstd_linkage 
_entity_poly.nstd_monomer 
_entity_poly.pdbx_seq_one_letter_code 
_entity_poly.pdbx_seq_one_letter_code_can 
_entity_poly.pdbx_strand_id 
_entity_poly.pdbx_target_identifier 
1 'polypeptide(L)' no no  
;AFERFTDRARRVVVLAQEEARMLNHNYIGTEHILLGLIHEGEGVAAKSLESLGISLEGVRSQVEEIIGQGQQAPSGHIPF
TPRAKKVLELSLREALQLGHNYIGTEHILLGLIREGEGVAAQVLVKLGAELTRVRQQVIQLLSGYKLAAALEHHHHHH
;
;AFERFTDRARRVVVLAQEEARMLNHNYIGTEHILLGLIHEGEGVAAKSLESLGISLEGVRSQVEEIIGQGQQAPSGHIPF
TPRAKKVLELSLREALQLGHNYIGTEHILLGLIREGEGVAAQVLVKLGAELTRVRQQVIQLLSGYKLAAALEHHHHHH
;
A ? 
2 'polypeptide(L)' no yes '(A1A5S)(MLE)(NIY)A(A1A5T)L(NLE)' XLYAXLL C ? 
# 
loop_
_pdbx_entity_nonpoly.entity_id 
_pdbx_entity_nonpoly.name 
_pdbx_entity_nonpoly.comp_id 
3 'ACETIC ACID'  ACY 
4 GLYCEROL       GOL 
5 'CHLORIDE ION' CL  
6 water          HOH 
# 
loop_
_entity_poly_seq.entity_id 
_entity_poly_seq.num 
_entity_poly_seq.mon_id 
_entity_poly_seq.hetero 
1 1   ALA   n 
1 2   PHE   n 
1 3   GLU   n 
1 4   ARG   n 
1 5   PHE   n 
1 6   THR   n 
1 7   ASP   n 
1 8   ARG   n 
1 9   ALA   n 
1 10  ARG   n 
1 11  ARG   n 
1 12  VAL   n 
1 13  VAL   n 
1 14  VAL   n 
1 15  LEU   n 
1 16  ALA   n 
1 17  GLN   n 
1 18  GLU   n 
1 19  GLU   n 
1 20  ALA   n 
1 21  ARG   n 
1 22  MET   n 
1 23  LEU   n 
1 24  ASN   n 
1 25  HIS   n 
1 26  ASN   n 
1 27  TYR   n 
1 28  ILE   n 
1 29  GLY   n 
1 30  THR   n 
1 31  GLU   n 
1 32  HIS   n 
1 33  ILE   n 
1 34  LEU   n 
1 35  LEU   n 
1 36  GLY   n 
1 37  LEU   n 
1 38  ILE   n 
1 39  HIS   n 
1 40  GLU   n 
1 41  GLY   n 
1 42  GLU   n 
1 43  GLY   n 
1 44  VAL   n 
1 45  ALA   n 
1 46  ALA   n 
1 47  LYS   n 
1 48  SER   n 
1 49  LEU   n 
1 50  GLU   n 
1 51  SER   n 
1 52  LEU   n 
1 53  GLY   n 
1 54  ILE   n 
1 55  SER   n 
1 56  LEU   n 
1 57  GLU   n 
1 58  GLY   n 
1 59  VAL   n 
1 60  ARG   n 
1 61  SER   n 
1 62  GLN   n 
1 63  VAL   n 
1 64  GLU   n 
1 65  GLU   n 
1 66  ILE   n 
1 67  ILE   n 
1 68  GLY   n 
1 69  GLN   n 
1 70  GLY   n 
1 71  GLN   n 
1 72  GLN   n 
1 73  ALA   n 
1 74  PRO   n 
1 75  SER   n 
1 76  GLY   n 
1 77  HIS   n 
1 78  ILE   n 
1 79  PRO   n 
1 80  PHE   n 
1 81  THR   n 
1 82  PRO   n 
1 83  ARG   n 
1 84  ALA   n 
1 85  LYS   n 
1 86  LYS   n 
1 87  VAL   n 
1 88  LEU   n 
1 89  GLU   n 
1 90  LEU   n 
1 91  SER   n 
1 92  LEU   n 
1 93  ARG   n 
1 94  GLU   n 
1 95  ALA   n 
1 96  LEU   n 
1 97  GLN   n 
1 98  LEU   n 
1 99  GLY   n 
1 100 HIS   n 
1 101 ASN   n 
1 102 TYR   n 
1 103 ILE   n 
1 104 GLY   n 
1 105 THR   n 
1 106 GLU   n 
1 107 HIS   n 
1 108 ILE   n 
1 109 LEU   n 
1 110 LEU   n 
1 111 GLY   n 
1 112 LEU   n 
1 113 ILE   n 
1 114 ARG   n 
1 115 GLU   n 
1 116 GLY   n 
1 117 GLU   n 
1 118 GLY   n 
1 119 VAL   n 
1 120 ALA   n 
1 121 ALA   n 
1 122 GLN   n 
1 123 VAL   n 
1 124 LEU   n 
1 125 VAL   n 
1 126 LYS   n 
1 127 LEU   n 
1 128 GLY   n 
1 129 ALA   n 
1 130 GLU   n 
1 131 LEU   n 
1 132 THR   n 
1 133 ARG   n 
1 134 VAL   n 
1 135 ARG   n 
1 136 GLN   n 
1 137 GLN   n 
1 138 VAL   n 
1 139 ILE   n 
1 140 GLN   n 
1 141 LEU   n 
1 142 LEU   n 
1 143 SER   n 
1 144 GLY   n 
1 145 TYR   n 
1 146 LYS   n 
1 147 LEU   n 
1 148 ALA   n 
1 149 ALA   n 
1 150 ALA   n 
1 151 LEU   n 
1 152 GLU   n 
1 153 HIS   n 
1 154 HIS   n 
1 155 HIS   n 
1 156 HIS   n 
1 157 HIS   n 
1 158 HIS   n 
2 1   A1A5S n 
2 2   MLE   n 
2 3   NIY   n 
2 4   ALA   n 
2 5   A1A5T n 
2 6   LEU   n 
2 7   NLE   n 
# 
_entity_src_gen.entity_id                          1 
_entity_src_gen.pdbx_src_id                        1 
_entity_src_gen.pdbx_alt_source_flag               sample 
_entity_src_gen.pdbx_seq_type                      'Biological sequence' 
_entity_src_gen.pdbx_beg_seq_num                   1 
_entity_src_gen.pdbx_end_seq_num                   158 
_entity_src_gen.gene_src_common_name               ? 
_entity_src_gen.gene_src_genus                     ? 
_entity_src_gen.pdbx_gene_src_gene                 'clpC1, Rv3596c, MTCY07H7B.26' 
_entity_src_gen.gene_src_species                   ? 
_entity_src_gen.gene_src_strain                    ? 
_entity_src_gen.gene_src_tissue                    ? 
_entity_src_gen.gene_src_tissue_fraction           ? 
_entity_src_gen.gene_src_details                   ? 
_entity_src_gen.pdbx_gene_src_fragment             ? 
_entity_src_gen.pdbx_gene_src_scientific_name      'Mycobacterium tuberculosis' 
_entity_src_gen.pdbx_gene_src_ncbi_taxonomy_id     1773 
_entity_src_gen.pdbx_gene_src_variant              ? 
_entity_src_gen.pdbx_gene_src_cell_line            ? 
_entity_src_gen.pdbx_gene_src_atcc                 ? 
_entity_src_gen.pdbx_gene_src_organ                ? 
_entity_src_gen.pdbx_gene_src_organelle            ? 
_entity_src_gen.pdbx_gene_src_cell                 ? 
_entity_src_gen.pdbx_gene_src_cellular_location    ? 
_entity_src_gen.host_org_common_name               ? 
_entity_src_gen.pdbx_host_org_scientific_name      'Escherichia coli' 
_entity_src_gen.pdbx_host_org_ncbi_taxonomy_id     562 
_entity_src_gen.host_org_genus                     ? 
_entity_src_gen.pdbx_host_org_gene                 ? 
_entity_src_gen.pdbx_host_org_organ                ? 
_entity_src_gen.host_org_species                   ? 
_entity_src_gen.pdbx_host_org_tissue               ? 
_entity_src_gen.pdbx_host_org_tissue_fraction      ? 
_entity_src_gen.pdbx_host_org_strain               ? 
_entity_src_gen.pdbx_host_org_variant              ? 
_entity_src_gen.pdbx_host_org_cell_line            ? 
_entity_src_gen.pdbx_host_org_atcc                 ? 
_entity_src_gen.pdbx_host_org_culture_collection   ? 
_entity_src_gen.pdbx_host_org_cell                 ? 
_entity_src_gen.pdbx_host_org_organelle            ? 
_entity_src_gen.pdbx_host_org_cellular_location    ? 
_entity_src_gen.pdbx_host_org_vector_type          ? 
_entity_src_gen.pdbx_host_org_vector               ? 
_entity_src_gen.host_org_details                   ? 
_entity_src_gen.expression_system_id               ? 
_entity_src_gen.plasmid_name                       ? 
_entity_src_gen.plasmid_details                    ? 
_entity_src_gen.pdbx_description                   ? 
# 
_pdbx_entity_src_syn.entity_id              2 
_pdbx_entity_src_syn.pdbx_src_id            1 
_pdbx_entity_src_syn.pdbx_alt_source_flag   sample 
_pdbx_entity_src_syn.pdbx_beg_seq_num       1 
_pdbx_entity_src_syn.pdbx_end_seq_num       7 
_pdbx_entity_src_syn.organism_scientific    'synthetic construct' 
_pdbx_entity_src_syn.organism_common_name   ? 
_pdbx_entity_src_syn.ncbi_taxonomy_id       32630 
_pdbx_entity_src_syn.details                ? 
# 
loop_
_chem_comp.id 
_chem_comp.type 
_chem_comp.mon_nstd_flag 
_chem_comp.name 
_chem_comp.pdbx_synonyms 
_chem_comp.formula 
_chem_comp.formula_weight 
A1A5S 'L-peptide linking' n '1-[(3S)-4-chloro-3-hydroxy-2-methylbutan-2-yl]-L-tryptophan' ?                               
'C16 H21 Cl N2 O3' 324.803 
A1A5T 'L-peptide linking' n '(4S)-5-butoxy-N-methyl-L-leucine'                            ?                               
'C11 H23 N O3'     217.305 
ACY   non-polymer         . 'ACETIC ACID'                                                 ?                               
'C2 H4 O2'         60.052  
ALA   'L-peptide linking' y ALANINE                                                       ?                               
'C3 H7 N O2'       89.093  
ARG   'L-peptide linking' y ARGININE                                                      ?                               
'C6 H15 N4 O2 1'   175.209 
ASN   'L-peptide linking' y ASPARAGINE                                                    ?                               
'C4 H8 N2 O3'      132.118 
ASP   'L-peptide linking' y 'ASPARTIC ACID'                                               ?                               
'C4 H7 N O4'       133.103 
CL    non-polymer         . 'CHLORIDE ION'                                                ?                               'Cl -1' 
35.453  
GLN   'L-peptide linking' y GLUTAMINE                                                     ?                               
'C5 H10 N2 O3'     146.144 
GLU   'L-peptide linking' y 'GLUTAMIC ACID'                                               ?                               
'C5 H9 N O4'       147.129 
GLY   'peptide linking'   y GLYCINE                                                       ?                               
'C2 H5 N O2'       75.067  
GOL   non-polymer         . GLYCEROL                                                      'GLYCERIN; PROPANE-1,2,3-TRIOL' 
'C3 H8 O3'         92.094  
HIS   'L-peptide linking' y HISTIDINE                                                     ?                               
'C6 H10 N3 O2 1'   156.162 
HOH   non-polymer         . WATER                                                         ?                               'H2 O' 
18.015  
ILE   'L-peptide linking' y ISOLEUCINE                                                    ?                               
'C6 H13 N O2'      131.173 
LEU   'L-peptide linking' y LEUCINE                                                       ?                               
'C6 H13 N O2'      131.173 
LYS   'L-peptide linking' y LYSINE                                                        ?                               
'C6 H15 N2 O2 1'   147.195 
MET   'L-peptide linking' y METHIONINE                                                    ?                               
'C5 H11 N O2 S'    149.211 
MLE   'L-peptide linking' n N-METHYLLEUCINE                                               ?                               
'C7 H15 N O2'      145.199 
NIY   'L-peptide linking' n META-NITRO-TYROSINE                                           ?                               
'C9 H10 N2 O5'     226.186 
NLE   'L-peptide linking' n NORLEUCINE                                                    ?                               
'C6 H13 N O2'      131.173 
PHE   'L-peptide linking' y PHENYLALANINE                                                 ?                               
'C9 H11 N O2'      165.189 
PRO   'L-peptide linking' y PROLINE                                                       ?                               
'C5 H9 N O2'       115.130 
SER   'L-peptide linking' y SERINE                                                        ?                               
'C3 H7 N O3'       105.093 
THR   'L-peptide linking' y THREONINE                                                     ?                               
'C4 H9 N O3'       119.119 
TYR   'L-peptide linking' y TYROSINE                                                      ?                               
'C9 H11 N O3'      181.189 
VAL   'L-peptide linking' y VALINE                                                        ?                               
'C5 H11 N O2'      117.146 
# 
loop_
_pdbx_poly_seq_scheme.asym_id 
_pdbx_poly_seq_scheme.entity_id 
_pdbx_poly_seq_scheme.seq_id 
_pdbx_poly_seq_scheme.mon_id 
_pdbx_poly_seq_scheme.ndb_seq_num 
_pdbx_poly_seq_scheme.pdb_seq_num 
_pdbx_poly_seq_scheme.auth_seq_num 
_pdbx_poly_seq_scheme.pdb_mon_id 
_pdbx_poly_seq_scheme.auth_mon_id 
_pdbx_poly_seq_scheme.pdb_strand_id 
_pdbx_poly_seq_scheme.pdb_ins_code 
_pdbx_poly_seq_scheme.hetero 
A 1 1   ALA   1   1   1   ALA   ALA A . n 
A 1 2   PHE   2   2   2   PHE   PHE A . n 
A 1 3   GLU   3   3   3   GLU   GLU A . n 
A 1 4   ARG   4   4   4   ARG   ARG A . n 
A 1 5   PHE   5   5   5   PHE   PHE A . n 
A 1 6   THR   6   6   6   THR   THR A . n 
A 1 7   ASP   7   7   7   ASP   ASP A . n 
A 1 8   ARG   8   8   8   ARG   ARG A . n 
A 1 9   ALA   9   9   9   ALA   ALA A . n 
A 1 10  ARG   10  10  10  ARG   ARG A . n 
A 1 11  ARG   11  11  11  ARG   ARG A . n 
A 1 12  VAL   12  12  12  VAL   VAL A . n 
A 1 13  VAL   13  13  13  VAL   VAL A . n 
A 1 14  VAL   14  14  14  VAL   VAL A . n 
A 1 15  LEU   15  15  15  LEU   LEU A . n 
A 1 16  ALA   16  16  16  ALA   ALA A . n 
A 1 17  GLN   17  17  17  GLN   GLN A . n 
A 1 18  GLU   18  18  18  GLU   GLU A . n 
A 1 19  GLU   19  19  19  GLU   GLU A . n 
A 1 20  ALA   20  20  20  ALA   ALA A . n 
A 1 21  ARG   21  21  21  ARG   ARG A . n 
A 1 22  MET   22  22  22  MET   MET A . n 
A 1 23  LEU   23  23  23  LEU   LEU A . n 
A 1 24  ASN   24  24  24  ASN   ASN A . n 
A 1 25  HIS   25  25  25  HIS   HIS A . n 
A 1 26  ASN   26  26  26  ASN   ASN A . n 
A 1 27  TYR   27  27  27  TYR   TYR A . n 
A 1 28  ILE   28  28  28  ILE   ILE A . n 
A 1 29  GLY   29  29  29  GLY   GLY A . n 
A 1 30  THR   30  30  30  THR   THR A . n 
A 1 31  GLU   31  31  31  GLU   GLU A . n 
A 1 32  HIS   32  32  32  HIS   HIS A . n 
A 1 33  ILE   33  33  33  ILE   ILE A . n 
A 1 34  LEU   34  34  34  LEU   LEU A . n 
A 1 35  LEU   35  35  35  LEU   LEU A . n 
A 1 36  GLY   36  36  36  GLY   GLY A . n 
A 1 37  LEU   37  37  37  LEU   LEU A . n 
A 1 38  ILE   38  38  38  ILE   ILE A . n 
A 1 39  HIS   39  39  39  HIS   HIS A . n 
A 1 40  GLU   40  40  40  GLU   GLU A . n 
A 1 41  GLY   41  41  41  GLY   GLY A . n 
A 1 42  GLU   42  42  42  GLU   GLU A . n 
A 1 43  GLY   43  43  43  GLY   GLY A . n 
A 1 44  VAL   44  44  44  VAL   VAL A . n 
A 1 45  ALA   45  45  45  ALA   ALA A . n 
A 1 46  ALA   46  46  46  ALA   ALA A . n 
A 1 47  LYS   47  47  47  LYS   LYS A . n 
A 1 48  SER   48  48  48  SER   SER A . n 
A 1 49  LEU   49  49  49  LEU   LEU A . n 
A 1 50  GLU   50  50  50  GLU   GLU A . n 
A 1 51  SER   51  51  51  SER   SER A . n 
A 1 52  LEU   52  52  52  LEU   LEU A . n 
A 1 53  GLY   53  53  53  GLY   GLY A . n 
A 1 54  ILE   54  54  54  ILE   ILE A . n 
A 1 55  SER   55  55  55  SER   SER A . n 
A 1 56  LEU   56  56  56  LEU   LEU A . n 
A 1 57  GLU   57  57  57  GLU   GLU A . n 
A 1 58  GLY   58  58  58  GLY   GLY A . n 
A 1 59  VAL   59  59  59  VAL   VAL A . n 
A 1 60  ARG   60  60  60  ARG   ARG A . n 
A 1 61  SER   61  61  61  SER   SER A . n 
A 1 62  GLN   62  62  62  GLN   GLN A . n 
A 1 63  VAL   63  63  63  VAL   VAL A . n 
A 1 64  GLU   64  64  64  GLU   GLU A . n 
A 1 65  GLU   65  65  65  GLU   GLU A . n 
A 1 66  ILE   66  66  66  ILE   ILE A . n 
A 1 67  ILE   67  67  67  ILE   ILE A . n 
A 1 68  GLY   68  68  68  GLY   GLY A . n 
A 1 69  GLN   69  69  69  GLN   GLN A . n 
A 1 70  GLY   70  70  70  GLY   GLY A . n 
A 1 71  GLN   71  71  71  GLN   GLN A . n 
A 1 72  GLN   72  72  72  GLN   GLN A . n 
A 1 73  ALA   73  73  73  ALA   ALA A . n 
A 1 74  PRO   74  74  74  PRO   PRO A . n 
A 1 75  SER   75  75  75  SER   SER A . n 
A 1 76  GLY   76  76  76  GLY   GLY A . n 
A 1 77  HIS   77  77  77  HIS   HIS A . n 
A 1 78  ILE   78  78  78  ILE   ILE A . n 
A 1 79  PRO   79  79  79  PRO   PRO A . n 
A 1 80  PHE   80  80  80  PHE   PHE A . n 
A 1 81  THR   81  81  81  THR   THR A . n 
A 1 82  PRO   82  82  82  PRO   PRO A . n 
A 1 83  ARG   83  83  83  ARG   ARG A . n 
A 1 84  ALA   84  84  84  ALA   ALA A . n 
A 1 85  LYS   85  85  85  LYS   LYS A . n 
A 1 86  LYS   86  86  86  LYS   LYS A . n 
A 1 87  VAL   87  87  87  VAL   VAL A . n 
A 1 88  LEU   88  88  88  LEU   LEU A . n 
A 1 89  GLU   89  89  89  GLU   GLU A . n 
A 1 90  LEU   90  90  90  LEU   LEU A . n 
A 1 91  SER   91  91  91  SER   SER A . n 
A 1 92  LEU   92  92  92  LEU   LEU A . n 
A 1 93  ARG   93  93  93  ARG   ARG A . n 
A 1 94  GLU   94  94  94  GLU   GLU A . n 
A 1 95  ALA   95  95  95  ALA   ALA A . n 
A 1 96  LEU   96  96  96  LEU   LEU A . n 
A 1 97  GLN   97  97  97  GLN   GLN A . n 
A 1 98  LEU   98  98  98  LEU   LEU A . n 
A 1 99  GLY   99  99  99  GLY   GLY A . n 
A 1 100 HIS   100 100 100 HIS   HIS A . n 
A 1 101 ASN   101 101 101 ASN   ASN A . n 
A 1 102 TYR   102 102 102 TYR   TYR A . n 
A 1 103 ILE   103 103 103 ILE   ILE A . n 
A 1 104 GLY   104 104 104 GLY   GLY A . n 
A 1 105 THR   105 105 105 THR   THR A . n 
A 1 106 GLU   106 106 106 GLU   GLU A . n 
A 1 107 HIS   107 107 107 HIS   HIS A . n 
A 1 108 ILE   108 108 108 ILE   ILE A . n 
A 1 109 LEU   109 109 109 LEU   LEU A . n 
A 1 110 LEU   110 110 110 LEU   LEU A . n 
A 1 111 GLY   111 111 111 GLY   GLY A . n 
A 1 112 LEU   112 112 112 LEU   LEU A . n 
A 1 113 ILE   113 113 113 ILE   ILE A . n 
A 1 114 ARG   114 114 114 ARG   ARG A . n 
A 1 115 GLU   115 115 115 GLU   GLU A . n 
A 1 116 GLY   116 116 116 GLY   GLY A . n 
A 1 117 GLU   117 117 117 GLU   GLU A . n 
A 1 118 GLY   118 118 118 GLY   GLY A . n 
A 1 119 VAL   119 119 119 VAL   VAL A . n 
A 1 120 ALA   120 120 120 ALA   ALA A . n 
A 1 121 ALA   121 121 121 ALA   ALA A . n 
A 1 122 GLN   122 122 122 GLN   GLN A . n 
A 1 123 VAL   123 123 123 VAL   VAL A . n 
A 1 124 LEU   124 124 124 LEU   LEU A . n 
A 1 125 VAL   125 125 125 VAL   VAL A . n 
A 1 126 LYS   126 126 126 LYS   LYS A . n 
A 1 127 LEU   127 127 127 LEU   LEU A . n 
A 1 128 GLY   128 128 128 GLY   GLY A . n 
A 1 129 ALA   129 129 129 ALA   ALA A . n 
A 1 130 GLU   130 130 130 GLU   GLU A . n 
A 1 131 LEU   131 131 131 LEU   LEU A . n 
A 1 132 THR   132 132 132 THR   THR A . n 
A 1 133 ARG   133 133 133 ARG   ARG A . n 
A 1 134 VAL   134 134 134 VAL   VAL A . n 
A 1 135 ARG   135 135 135 ARG   ARG A . n 
A 1 136 GLN   136 136 136 GLN   GLN A . n 
A 1 137 GLN   137 137 137 GLN   GLN A . n 
A 1 138 VAL   138 138 138 VAL   VAL A . n 
A 1 139 ILE   139 139 139 ILE   ILE A . n 
A 1 140 GLN   140 140 140 GLN   GLN A . n 
A 1 141 LEU   141 141 141 LEU   LEU A . n 
A 1 142 LEU   142 142 142 LEU   LEU A . n 
A 1 143 SER   143 143 143 SER   SER A . n 
A 1 144 GLY   144 144 144 GLY   GLY A . n 
A 1 145 TYR   145 145 ?   ?     ?   A . n 
A 1 146 LYS   146 146 ?   ?     ?   A . n 
A 1 147 LEU   147 147 ?   ?     ?   A . n 
A 1 148 ALA   148 148 ?   ?     ?   A . n 
A 1 149 ALA   149 149 ?   ?     ?   A . n 
A 1 150 ALA   150 150 ?   ?     ?   A . n 
A 1 151 LEU   151 151 ?   ?     ?   A . n 
A 1 152 GLU   152 152 ?   ?     ?   A . n 
A 1 153 HIS   153 153 ?   ?     ?   A . n 
A 1 154 HIS   154 154 ?   ?     ?   A . n 
A 1 155 HIS   155 155 ?   ?     ?   A . n 
A 1 156 HIS   156 156 ?   ?     ?   A . n 
A 1 157 HIS   157 157 ?   ?     ?   A . n 
A 1 158 HIS   158 158 ?   ?     ?   A . n 
B 2 1   A1A5S 1   1   204 A1A5S IJY C . n 
B 2 2   MLE   2   2   204 MLE   IJY C . n 
B 2 3   NIY   3   3   204 NIY   IJY C . n 
B 2 4   ALA   4   4   204 ALA   IJY C . n 
B 2 5   A1A5T 5   5   204 A1A5T IJY C . n 
B 2 6   LEU   6   6   204 LEU   IJY C . n 
B 2 7   NLE   7   7   204 NLE   IJY C . n 
# 
loop_
_pdbx_entity_instance_feature.ordinal 
_pdbx_entity_instance_feature.comp_id 
_pdbx_entity_instance_feature.asym_id 
_pdbx_entity_instance_feature.seq_num 
_pdbx_entity_instance_feature.auth_comp_id 
_pdbx_entity_instance_feature.auth_asym_id 
_pdbx_entity_instance_feature.auth_seq_num 
_pdbx_entity_instance_feature.feature_type 
_pdbx_entity_instance_feature.details 
1 ACY   ? ? ACY   ? ? 'SUBJECT OF INVESTIGATION' ? 
2 NLE   ? ? NLE   ? ? 'SUBJECT OF INVESTIGATION' ? 
3 A1A5T ? ? A1A5T ? ? 'SUBJECT OF INVESTIGATION' ? 
4 A1A5S ? ? A1A5S ? ? 'SUBJECT OF INVESTIGATION' ? 
5 MLE   ? ? MLE   ? ? 'SUBJECT OF INVESTIGATION' ? 
6 NIY   ? ? NIY   ? ? 'SUBJECT OF INVESTIGATION' ? 
# 
loop_
_pdbx_nonpoly_scheme.asym_id 
_pdbx_nonpoly_scheme.entity_id 
_pdbx_nonpoly_scheme.mon_id 
_pdbx_nonpoly_scheme.ndb_seq_num 
_pdbx_nonpoly_scheme.pdb_seq_num 
_pdbx_nonpoly_scheme.auth_seq_num 
_pdbx_nonpoly_scheme.pdb_mon_id 
_pdbx_nonpoly_scheme.auth_mon_id 
_pdbx_nonpoly_scheme.pdb_strand_id 
_pdbx_nonpoly_scheme.pdb_ins_code 
C 3 ACY 1  201 201 ACY ACT A . 
D 4 GOL 1  202 203 GOL GOL A . 
E 5 CL  1  203 1   CL  CL  A . 
F 6 HOH 1  301 40  HOH HOH A . 
F 6 HOH 2  302 571 HOH HOH A . 
F 6 HOH 3  303 491 HOH HOH A . 
F 6 HOH 4  304 27  HOH HOH A . 
F 6 HOH 5  305 232 HOH HOH A . 
F 6 HOH 6  306 5   HOH HOH A . 
F 6 HOH 7  307 569 HOH HOH A . 
F 6 HOH 8  308 30  HOH HOH A . 
F 6 HOH 9  309 584 HOH HOH A . 
F 6 HOH 10 310 124 HOH HOH A . 
F 6 HOH 11 311 32  HOH HOH A . 
F 6 HOH 12 312 621 HOH HOH A . 
F 6 HOH 13 313 6   HOH HOH A . 
F 6 HOH 14 314 84  HOH HOH A . 
F 6 HOH 15 315 562 HOH HOH A . 
F 6 HOH 16 316 35  HOH HOH A . 
F 6 HOH 17 317 500 HOH HOH A . 
F 6 HOH 18 318 105 HOH HOH A . 
F 6 HOH 19 319 21  HOH HOH A . 
F 6 HOH 20 320 9   HOH HOH A . 
F 6 HOH 21 321 383 HOH HOH A . 
F 6 HOH 22 322 8   HOH HOH A . 
F 6 HOH 23 323 15  HOH HOH A . 
F 6 HOH 24 324 26  HOH HOH A . 
F 6 HOH 25 325 4   HOH HOH A . 
F 6 HOH 26 326 12  HOH HOH A . 
F 6 HOH 27 327 19  HOH HOH A . 
F 6 HOH 28 328 10  HOH HOH A . 
F 6 HOH 29 329 23  HOH HOH A . 
F 6 HOH 30 330 3   HOH HOH A . 
F 6 HOH 31 331 429 HOH HOH A . 
F 6 HOH 32 332 14  HOH HOH A . 
F 6 HOH 33 333 616 HOH HOH A . 
F 6 HOH 34 334 17  HOH HOH A . 
F 6 HOH 35 335 596 HOH HOH A . 
F 6 HOH 36 336 574 HOH HOH A . 
F 6 HOH 37 337 11  HOH HOH A . 
F 6 HOH 38 338 125 HOH HOH A . 
F 6 HOH 39 339 13  HOH HOH A . 
F 6 HOH 40 340 611 HOH HOH A . 
F 6 HOH 41 341 238 HOH HOH A . 
F 6 HOH 42 342 73  HOH HOH A . 
F 6 HOH 43 343 170 HOH HOH A . 
F 6 HOH 44 344 586 HOH HOH A . 
F 6 HOH 45 345 607 HOH HOH A . 
F 6 HOH 46 346 28  HOH HOH A . 
F 6 HOH 47 347 34  HOH HOH A . 
F 6 HOH 48 348 242 HOH HOH A . 
F 6 HOH 49 349 204 HOH HOH A . 
F 6 HOH 50 350 632 HOH HOH A . 
F 6 HOH 51 351 602 HOH HOH A . 
F 6 HOH 52 352 578 HOH HOH A . 
G 6 HOH 1  101 137 HOH HOH C . 
G 6 HOH 2  102 1   HOH HOH C . 
G 6 HOH 3  103 16  HOH HOH C . 
G 6 HOH 4  104 633 HOH HOH C . 
G 6 HOH 5  105 490 HOH HOH C . 
# 
loop_
_software.citation_id 
_software.classification 
_software.compiler_name 
_software.compiler_version 
_software.contact_author 
_software.contact_author_email 
_software.date 
_software.description 
_software.dependencies 
_software.hardware 
_software.language 
_software.location 
_software.mods 
_software.name 
_software.os 
_software.os_version 
_software.type 
_software.version 
_software.pdbx_ordinal 
? refinement       ? ? ? ? ? ? ? ? ? ? ? PHENIX    ? ? ? 1.21.1_5286 1 
? 'data reduction' ? ? ? ? ? ? ? ? ? ? ? HKL-2000  ? ? ? .           2 
? 'data scaling'   ? ? ? ? ? ? ? ? ? ? ? SCALEPACK ? ? ? .           3 
? phasing          ? ? ? ? ? ? ? ? ? ? ? AMoRE     ? ? ? .           4 
# 
_cell.angle_alpha                  90.000 
_cell.angle_alpha_esd              ? 
_cell.angle_beta                   90.000 
_cell.angle_beta_esd               ? 
_cell.angle_gamma                  90.000 
_cell.angle_gamma_esd              ? 
_cell.entry_id                     9DIN 
_cell.details                      ? 
_cell.formula_units_Z              ? 
_cell.length_a                     33.960 
_cell.length_a_esd                 ? 
_cell.length_b                     58.160 
_cell.length_b_esd                 ? 
_cell.length_c                     60.740 
_cell.length_c_esd                 ? 
_cell.volume                       119968.573 
_cell.volume_esd                   ? 
_cell.Z_PDB                        4 
_cell.reciprocal_angle_alpha       ? 
_cell.reciprocal_angle_beta        ? 
_cell.reciprocal_angle_gamma       ? 
_cell.reciprocal_angle_alpha_esd   ? 
_cell.reciprocal_angle_beta_esd    ? 
_cell.reciprocal_angle_gamma_esd   ? 
_cell.reciprocal_length_a          ? 
_cell.reciprocal_length_b          ? 
_cell.reciprocal_length_c          ? 
_cell.reciprocal_length_a_esd      ? 
_cell.reciprocal_length_b_esd      ? 
_cell.reciprocal_length_c_esd      ? 
_cell.pdbx_unique_axis             ? 
_cell.pdbx_esd_method              ? 
# 
_symmetry.entry_id                         9DIN 
_symmetry.cell_setting                     ? 
_symmetry.Int_Tables_number                19 
_symmetry.space_group_name_Hall            'P 2ac 2ab' 
_symmetry.space_group_name_H-M             'P 21 21 21' 
_symmetry.pdbx_full_space_group_name_H-M   ? 
# 
_exptl.absorpt_coefficient_mu     ? 
_exptl.absorpt_correction_T_max   ? 
_exptl.absorpt_correction_T_min   ? 
_exptl.absorpt_correction_type    ? 
_exptl.absorpt_process_details    ? 
_exptl.entry_id                   9DIN 
_exptl.crystals_number            1 
_exptl.details                    ? 
_exptl.method                     'X-RAY DIFFRACTION' 
_exptl.method_details             ? 
# 
_exptl_crystal.colour                       ? 
_exptl_crystal.density_diffrn               ? 
_exptl_crystal.density_Matthews             1.61 
_exptl_crystal.density_method               ? 
_exptl_crystal.density_percent_sol          23.61 
_exptl_crystal.description                  prismatic 
_exptl_crystal.F_000                        ? 
_exptl_crystal.id                           1 
_exptl_crystal.preparation                  ? 
_exptl_crystal.size_max                     ? 
_exptl_crystal.size_mid                     ? 
_exptl_crystal.size_min                     ? 
_exptl_crystal.size_rad                     ? 
_exptl_crystal.colour_lustre                ? 
_exptl_crystal.colour_modifier              ? 
_exptl_crystal.colour_primary               ? 
_exptl_crystal.density_meas                 ? 
_exptl_crystal.density_meas_esd             ? 
_exptl_crystal.density_meas_gt              ? 
_exptl_crystal.density_meas_lt              ? 
_exptl_crystal.density_meas_temp            ? 
_exptl_crystal.density_meas_temp_esd        ? 
_exptl_crystal.density_meas_temp_gt         ? 
_exptl_crystal.density_meas_temp_lt         ? 
_exptl_crystal.pdbx_crystal_image_url       ? 
_exptl_crystal.pdbx_crystal_image_format    ? 
_exptl_crystal.pdbx_mosaicity               ? 
_exptl_crystal.pdbx_mosaicity_esd           ? 
_exptl_crystal.pdbx_mosaic_method           ? 
_exptl_crystal.pdbx_mosaic_block_size       ? 
_exptl_crystal.pdbx_mosaic_block_size_esd   ? 
# 
_exptl_crystal_grow.apparatus       ? 
_exptl_crystal_grow.atmosphere      ? 
_exptl_crystal_grow.crystal_id      1 
_exptl_crystal_grow.details         ? 
_exptl_crystal_grow.method          'VAPOR DIFFUSION, HANGING DROP' 
_exptl_crystal_grow.method_ref      ? 
_exptl_crystal_grow.pH              8.5 
_exptl_crystal_grow.pressure        ? 
_exptl_crystal_grow.pressure_esd    ? 
_exptl_crystal_grow.seeding         ? 
_exptl_crystal_grow.seeding_ref     ? 
_exptl_crystal_grow.temp_details    ? 
_exptl_crystal_grow.temp_esd        ? 
_exptl_crystal_grow.time            ? 
_exptl_crystal_grow.pdbx_details    '0.2 M Sodium acetate, 0.1 M TRIS pH 8.5, 16% PEG 4000' 
_exptl_crystal_grow.pdbx_pH_range   ? 
_exptl_crystal_grow.temp            295 
# 
_diffrn.ambient_environment              ? 
_diffrn.ambient_temp                     100 
_diffrn.ambient_temp_details             ? 
_diffrn.ambient_temp_esd                 ? 
_diffrn.crystal_id                       1 
_diffrn.crystal_support                  ? 
_diffrn.crystal_treatment                ? 
_diffrn.details                          ? 
_diffrn.id                               1 
_diffrn.ambient_pressure                 ? 
_diffrn.ambient_pressure_esd             ? 
_diffrn.ambient_pressure_gt              ? 
_diffrn.ambient_pressure_lt              ? 
_diffrn.ambient_temp_gt                  ? 
_diffrn.ambient_temp_lt                  ? 
_diffrn.pdbx_serial_crystal_experiment   N 
# 
_diffrn_detector.details                      ? 
_diffrn_detector.detector                     PIXEL 
_diffrn_detector.diffrn_id                    1 
_diffrn_detector.type                         'DECTRIS EIGER X 9M' 
_diffrn_detector.area_resol_mean              ? 
_diffrn_detector.dtime                        ? 
_diffrn_detector.pdbx_frames_total            ? 
_diffrn_detector.pdbx_collection_time_total   ? 
_diffrn_detector.pdbx_collection_date         2020-07-22 
_diffrn_detector.pdbx_frequency               ? 
_diffrn_detector.id                           ? 
_diffrn_detector.number_of_axes               ? 
# 
_diffrn_radiation.collimation                      ? 
_diffrn_radiation.diffrn_id                        1 
_diffrn_radiation.filter_edge                      ? 
_diffrn_radiation.inhomogeneity                    ? 
_diffrn_radiation.monochromator                    diamond 
_diffrn_radiation.polarisn_norm                    ? 
_diffrn_radiation.polarisn_ratio                   ? 
_diffrn_radiation.probe                            ? 
_diffrn_radiation.type                             ? 
_diffrn_radiation.xray_symbol                      ? 
_diffrn_radiation.wavelength_id                    1 
_diffrn_radiation.pdbx_monochromatic_or_laue_m_l   M 
_diffrn_radiation.pdbx_wavelength_list             ? 
_diffrn_radiation.pdbx_wavelength                  ? 
_diffrn_radiation.pdbx_diffrn_protocol             'SINGLE WAVELENGTH' 
_diffrn_radiation.pdbx_analyzer                    ? 
_diffrn_radiation.pdbx_scattering_type             x-ray 
# 
_diffrn_radiation_wavelength.id           1 
_diffrn_radiation_wavelength.wavelength   1.12713 
_diffrn_radiation_wavelength.wt           1.0 
# 
_diffrn_source.current                     ? 
_diffrn_source.details                     ? 
_diffrn_source.diffrn_id                   1 
_diffrn_source.power                       ? 
_diffrn_source.size                        ? 
_diffrn_source.source                      SYNCHROTRON 
_diffrn_source.target                      ? 
_diffrn_source.type                        'APS BEAMLINE 21-ID-D' 
_diffrn_source.voltage                     ? 
_diffrn_source.take-off_angle              ? 
_diffrn_source.pdbx_wavelength_list        1.12713 
_diffrn_source.pdbx_wavelength             ? 
_diffrn_source.pdbx_synchrotron_beamline   21-ID-D 
_diffrn_source.pdbx_synchrotron_site       APS 
# 
_reflns.B_iso_Wilson_estimate                          21.34 
_reflns.entry_id                                       9DIN 
_reflns.data_reduction_details                         ? 
_reflns.data_reduction_method                          ? 
_reflns.d_resolution_high                              1.64 
_reflns.d_resolution_low                               42.01 
_reflns.details                                        ? 
_reflns.limit_h_max                                    ? 
_reflns.limit_h_min                                    ? 
_reflns.limit_k_max                                    ? 
_reflns.limit_k_min                                    ? 
_reflns.limit_l_max                                    ? 
_reflns.limit_l_min                                    ? 
_reflns.number_all                                     ? 
_reflns.number_obs                                     15221 
_reflns.observed_criterion                             ? 
_reflns.observed_criterion_F_max                       ? 
_reflns.observed_criterion_F_min                       ? 
_reflns.observed_criterion_I_max                       ? 
_reflns.observed_criterion_I_min                       ? 
_reflns.observed_criterion_sigma_F                     0.0 
_reflns.observed_criterion_sigma_I                     1.0 
_reflns.percent_possible_obs                           94.2 
_reflns.R_free_details                                 ? 
_reflns.Rmerge_F_all                                   ? 
_reflns.Rmerge_F_obs                                   ? 
_reflns.Friedel_coverage                               ? 
_reflns.number_gt                                      ? 
_reflns.threshold_expression                           ? 
_reflns.pdbx_redundancy                                5.8 
_reflns.pdbx_netI_over_av_sigmaI                       ? 
_reflns.pdbx_netI_over_sigmaI                          25.9 
_reflns.pdbx_res_netI_over_av_sigmaI_2                 ? 
_reflns.pdbx_res_netI_over_sigmaI_2                    ? 
_reflns.pdbx_chi_squared                               ? 
_reflns.pdbx_scaling_rejects                           ? 
_reflns.pdbx_d_res_high_opt                            ? 
_reflns.pdbx_d_res_low_opt                             ? 
_reflns.pdbx_d_res_opt_method                          ? 
_reflns.phase_calculation_details                      ? 
_reflns.pdbx_Rrim_I_all                                0.109 
_reflns.pdbx_Rpim_I_all                                0.044 
_reflns.pdbx_d_opt                                     ? 
_reflns.pdbx_number_measured_all                       ? 
_reflns.pdbx_diffrn_id                                 1 
_reflns.pdbx_ordinal                                   1 
_reflns.pdbx_CC_half                                   0.997 
_reflns.pdbx_CC_star                                   0.999 
_reflns.pdbx_R_split                                   ? 
_reflns.pdbx_Rmerge_I_obs                              0.071 
_reflns.pdbx_Rmerge_I_all                              ? 
_reflns.pdbx_Rsym_value                                0.071 
_reflns.pdbx_CC_split_method                           ? 
_reflns.pdbx_aniso_diffraction_limit_axis_1_ortho[1]   ? 
_reflns.pdbx_aniso_diffraction_limit_axis_1_ortho[2]   ? 
_reflns.pdbx_aniso_diffraction_limit_axis_1_ortho[3]   ? 
_reflns.pdbx_aniso_diffraction_limit_axis_2_ortho[1]   ? 
_reflns.pdbx_aniso_diffraction_limit_axis_2_ortho[2]   ? 
_reflns.pdbx_aniso_diffraction_limit_axis_2_ortho[3]   ? 
_reflns.pdbx_aniso_diffraction_limit_axis_3_ortho[1]   ? 
_reflns.pdbx_aniso_diffraction_limit_axis_3_ortho[2]   ? 
_reflns.pdbx_aniso_diffraction_limit_axis_3_ortho[3]   ? 
_reflns.pdbx_aniso_diffraction_limit_1                 ? 
_reflns.pdbx_aniso_diffraction_limit_2                 ? 
_reflns.pdbx_aniso_diffraction_limit_3                 ? 
_reflns.pdbx_aniso_B_tensor_eigenvector_1_ortho[1]     ? 
_reflns.pdbx_aniso_B_tensor_eigenvector_1_ortho[2]     ? 
_reflns.pdbx_aniso_B_tensor_eigenvector_1_ortho[3]     ? 
_reflns.pdbx_aniso_B_tensor_eigenvector_2_ortho[1]     ? 
_reflns.pdbx_aniso_B_tensor_eigenvector_2_ortho[2]     ? 
_reflns.pdbx_aniso_B_tensor_eigenvector_2_ortho[3]     ? 
_reflns.pdbx_aniso_B_tensor_eigenvector_3_ortho[1]     ? 
_reflns.pdbx_aniso_B_tensor_eigenvector_3_ortho[2]     ? 
_reflns.pdbx_aniso_B_tensor_eigenvector_3_ortho[3]     ? 
_reflns.pdbx_aniso_B_tensor_eigenvalue_1               ? 
_reflns.pdbx_aniso_B_tensor_eigenvalue_2               ? 
_reflns.pdbx_aniso_B_tensor_eigenvalue_3               ? 
_reflns.pdbx_orthogonalization_convention              ? 
_reflns.pdbx_percent_possible_ellipsoidal              ? 
_reflns.pdbx_percent_possible_spherical                ? 
_reflns.pdbx_percent_possible_ellipsoidal_anomalous    ? 
_reflns.pdbx_percent_possible_spherical_anomalous      ? 
_reflns.pdbx_redundancy_anomalous                      ? 
_reflns.pdbx_CC_half_anomalous                         ? 
_reflns.pdbx_absDiff_over_sigma_anomalous              ? 
_reflns.pdbx_percent_possible_anomalous                ? 
_reflns.pdbx_observed_signal_threshold                 ? 
_reflns.pdbx_signal_type                               ? 
_reflns.pdbx_signal_details                            ? 
_reflns.pdbx_signal_software_id                        ? 
# 
_reflns_shell.d_res_high                                    1.65 
_reflns_shell.d_res_low                                     1.68 
_reflns_shell.meanI_over_sigI_all                           ? 
_reflns_shell.meanI_over_sigI_obs                           2.2 
_reflns_shell.number_measured_all                           ? 
_reflns_shell.number_measured_obs                           ? 
_reflns_shell.number_possible                               ? 
_reflns_shell.number_unique_all                             ? 
_reflns_shell.number_unique_obs                             514 
_reflns_shell.percent_possible_obs                          ? 
_reflns_shell.Rmerge_F_all                                  ? 
_reflns_shell.Rmerge_F_obs                                  ? 
_reflns_shell.meanI_over_sigI_gt                            ? 
_reflns_shell.meanI_over_uI_all                             ? 
_reflns_shell.meanI_over_uI_gt                              ? 
_reflns_shell.number_measured_gt                            ? 
_reflns_shell.number_unique_gt                              ? 
_reflns_shell.percent_possible_gt                           ? 
_reflns_shell.Rmerge_F_gt                                   ? 
_reflns_shell.Rmerge_I_gt                                   ? 
_reflns_shell.pdbx_redundancy                               5.1 
_reflns_shell.pdbx_chi_squared                              0.677 
_reflns_shell.pdbx_netI_over_sigmaI_all                     ? 
_reflns_shell.pdbx_netI_over_sigmaI_obs                     ? 
_reflns_shell.pdbx_Rrim_I_all                               0.539 
_reflns_shell.pdbx_Rpim_I_all                               0.205 
_reflns_shell.pdbx_rejects                                  ? 
_reflns_shell.pdbx_ordinal                                  1 
_reflns_shell.pdbx_diffrn_id                                1 
_reflns_shell.pdbx_CC_half                                  0.924 
_reflns_shell.pdbx_CC_star                                  0.980 
_reflns_shell.pdbx_R_split                                  ? 
_reflns_shell.percent_possible_all                          67.8 
_reflns_shell.Rmerge_I_all                                  ? 
_reflns_shell.Rmerge_I_obs                                  ? 
_reflns_shell.pdbx_Rsym_value                               ? 
_reflns_shell.pdbx_percent_possible_ellipsoidal             ? 
_reflns_shell.pdbx_percent_possible_spherical               ? 
_reflns_shell.pdbx_percent_possible_ellipsoidal_anomalous   ? 
_reflns_shell.pdbx_percent_possible_spherical_anomalous     ? 
_reflns_shell.pdbx_redundancy_anomalous                     ? 
_reflns_shell.pdbx_CC_half_anomalous                        ? 
_reflns_shell.pdbx_absDiff_over_sigma_anomalous             ? 
_reflns_shell.pdbx_percent_possible_anomalous               ? 
# 
_refine.aniso_B[1][1]                            ? 
_refine.aniso_B[1][2]                            ? 
_refine.aniso_B[1][3]                            ? 
_refine.aniso_B[2][2]                            ? 
_refine.aniso_B[2][3]                            ? 
_refine.aniso_B[3][3]                            ? 
_refine.B_iso_max                                ? 
_refine.B_iso_mean                               29.17 
_refine.B_iso_min                                ? 
_refine.correlation_coeff_Fo_to_Fc               ? 
_refine.correlation_coeff_Fo_to_Fc_free          ? 
_refine.details                                  ? 
_refine.diff_density_max                         ? 
_refine.diff_density_max_esd                     ? 
_refine.diff_density_min                         ? 
_refine.diff_density_min_esd                     ? 
_refine.diff_density_rms                         ? 
_refine.diff_density_rms_esd                     ? 
_refine.entry_id                                 9DIN 
_refine.pdbx_refine_id                           'X-RAY DIFFRACTION' 
_refine.ls_abs_structure_details                 ? 
_refine.ls_abs_structure_Flack                   ? 
_refine.ls_abs_structure_Flack_esd               ? 
_refine.ls_abs_structure_Rogers                  ? 
_refine.ls_abs_structure_Rogers_esd              ? 
_refine.ls_d_res_high                            1.64 
_refine.ls_d_res_low                             30.37 
_refine.ls_extinction_coef                       ? 
_refine.ls_extinction_coef_esd                   ? 
_refine.ls_extinction_expression                 ? 
_refine.ls_extinction_method                     ? 
_refine.ls_goodness_of_fit_all                   ? 
_refine.ls_goodness_of_fit_all_esd               ? 
_refine.ls_goodness_of_fit_obs                   ? 
_refine.ls_goodness_of_fit_obs_esd               ? 
_refine.ls_hydrogen_treatment                    ? 
_refine.ls_matrix_type                           ? 
_refine.ls_number_constraints                    ? 
_refine.ls_number_parameters                     ? 
_refine.ls_number_reflns_all                     ? 
_refine.ls_number_reflns_obs                     15190 
_refine.ls_number_reflns_R_free                  1415 
_refine.ls_number_reflns_R_work                  26719 
_refine.ls_number_restraints                     ? 
_refine.ls_percent_reflns_obs                    99.46 
_refine.ls_percent_reflns_R_free                 5.03 
_refine.ls_R_factor_all                          ? 
_refine.ls_R_factor_obs                          0.1814 
_refine.ls_R_factor_R_free                       0.2109 
_refine.ls_R_factor_R_free_error                 ? 
_refine.ls_R_factor_R_free_error_details         ? 
_refine.ls_R_factor_R_work                       0.1800 
_refine.ls_R_Fsqd_factor_obs                     ? 
_refine.ls_R_I_factor_obs                        ? 
_refine.ls_redundancy_reflns_all                 ? 
_refine.ls_redundancy_reflns_obs                 ? 
_refine.ls_restrained_S_all                      ? 
_refine.ls_restrained_S_obs                      ? 
_refine.ls_shift_over_esd_max                    ? 
_refine.ls_shift_over_esd_mean                   ? 
_refine.ls_structure_factor_coef                 ? 
_refine.ls_weighting_details                     ? 
_refine.ls_weighting_scheme                      ? 
_refine.ls_wR_factor_all                         ? 
_refine.ls_wR_factor_obs                         ? 
_refine.ls_wR_factor_R_free                      ? 
_refine.ls_wR_factor_R_work                      ? 
_refine.occupancy_max                            ? 
_refine.occupancy_min                            ? 
_refine.solvent_model_details                    'FLAT BULK SOLVENT MODEL' 
_refine.solvent_model_param_bsol                 ? 
_refine.solvent_model_param_ksol                 ? 
_refine.pdbx_R_complete                          ? 
_refine.ls_R_factor_gt                           ? 
_refine.ls_goodness_of_fit_gt                    ? 
_refine.ls_goodness_of_fit_ref                   ? 
_refine.ls_shift_over_su_max                     ? 
_refine.ls_shift_over_su_max_lt                  ? 
_refine.ls_shift_over_su_mean                    ? 
_refine.ls_shift_over_su_mean_lt                 ? 
_refine.pdbx_ls_sigma_I                          ? 
_refine.pdbx_ls_sigma_F                          0.05 
_refine.pdbx_ls_sigma_Fsqd                       ? 
_refine.pdbx_data_cutoff_high_absF               ? 
_refine.pdbx_data_cutoff_high_rms_absF           ? 
_refine.pdbx_data_cutoff_low_absF                ? 
_refine.pdbx_isotropic_thermal_model             ? 
_refine.pdbx_ls_cross_valid_method               'FREE R-VALUE' 
_refine.pdbx_method_to_determine_struct          'MOLECULAR REPLACEMENT' 
_refine.pdbx_starting_model                      ? 
_refine.pdbx_stereochemistry_target_values       'GeoStd + Monomer Library + CDL v1.2' 
_refine.pdbx_R_Free_selection_details            ? 
_refine.pdbx_stereochem_target_val_spec_case     ? 
_refine.pdbx_overall_ESU_R                       ? 
_refine.pdbx_overall_ESU_R_Free                  ? 
_refine.pdbx_solvent_vdw_probe_radii             1.1000 
_refine.pdbx_solvent_ion_probe_radii             ? 
_refine.pdbx_solvent_shrinkage_radii             0.9000 
_refine.pdbx_real_space_R                        ? 
_refine.pdbx_density_correlation                 ? 
_refine.pdbx_pd_number_of_powder_patterns        ? 
_refine.pdbx_pd_number_of_points                 ? 
_refine.pdbx_pd_meas_number_of_points            ? 
_refine.pdbx_pd_proc_ls_prof_R_factor            ? 
_refine.pdbx_pd_proc_ls_prof_wR_factor           ? 
_refine.pdbx_pd_Marquardt_correlation_coeff      ? 
_refine.pdbx_pd_Fsqrd_R_factor                   ? 
_refine.pdbx_pd_ls_matrix_band_width             ? 
_refine.pdbx_overall_phase_error                 26.7111 
_refine.pdbx_overall_SU_R_free_Cruickshank_DPI   ? 
_refine.pdbx_overall_SU_R_free_Blow_DPI          ? 
_refine.pdbx_overall_SU_R_Blow_DPI               ? 
_refine.pdbx_TLS_residual_ADP_flag               ? 
_refine.pdbx_diffrn_id                           1 
_refine.overall_SU_B                             ? 
_refine.overall_SU_ML                            0.2202 
_refine.overall_SU_R_Cruickshank_DPI             ? 
_refine.overall_SU_R_free                        ? 
_refine.overall_FOM_free_R_set                   ? 
_refine.overall_FOM_work_R_set                   ? 
_refine.pdbx_average_fsc_overall                 ? 
_refine.pdbx_average_fsc_work                    ? 
_refine.pdbx_average_fsc_free                    ? 
# 
_refine_hist.pdbx_refine_id                   'X-RAY DIFFRACTION' 
_refine_hist.cycle_id                         LAST 
_refine_hist.details                          ? 
_refine_hist.d_res_high                       1.64 
_refine_hist.d_res_low                        30.37 
_refine_hist.number_atoms_solvent             57 
_refine_hist.number_atoms_total               1258 
_refine_hist.number_reflns_all                ? 
_refine_hist.number_reflns_obs                ? 
_refine_hist.number_reflns_R_free             ? 
_refine_hist.number_reflns_R_work             ? 
_refine_hist.R_factor_all                     ? 
_refine_hist.R_factor_obs                     ? 
_refine_hist.R_factor_R_free                  ? 
_refine_hist.R_factor_R_work                  ? 
_refine_hist.pdbx_number_residues_total       ? 
_refine_hist.pdbx_B_iso_mean_ligand           ? 
_refine_hist.pdbx_B_iso_mean_solvent          ? 
_refine_hist.pdbx_number_atoms_protein        1110 
_refine_hist.pdbx_number_atoms_nucleic_acid   0 
_refine_hist.pdbx_number_atoms_ligand         91 
_refine_hist.pdbx_number_atoms_lipid          ? 
_refine_hist.pdbx_number_atoms_carb           ? 
_refine_hist.pdbx_pseudo_atom_details         ? 
# 
loop_
_refine_ls_restr.pdbx_refine_id 
_refine_ls_restr.criterion 
_refine_ls_restr.dev_ideal 
_refine_ls_restr.dev_ideal_target 
_refine_ls_restr.number 
_refine_ls_restr.rejects 
_refine_ls_restr.type 
_refine_ls_restr.weight 
_refine_ls_restr.pdbx_restraint_function 
'X-RAY DIFFRACTION' ? 0.0090  ? 1215 ? f_bond_d           ? ? 
'X-RAY DIFFRACTION' ? 1.5239  ? 1642 ? f_angle_d          ? ? 
'X-RAY DIFFRACTION' ? 0.0840  ? 188  ? f_chiral_restr     ? ? 
'X-RAY DIFFRACTION' ? 0.0102  ? 208  ? f_plane_restr      ? ? 
'X-RAY DIFFRACTION' ? 21.0038 ? 462  ? f_dihedral_angle_d ? ? 
# 
loop_
_refine_ls_shell.pdbx_refine_id 
_refine_ls_shell.d_res_high 
_refine_ls_shell.d_res_low 
_refine_ls_shell.number_reflns_all 
_refine_ls_shell.number_reflns_obs 
_refine_ls_shell.number_reflns_R_free 
_refine_ls_shell.number_reflns_R_work 
_refine_ls_shell.percent_reflns_obs 
_refine_ls_shell.percent_reflns_R_free 
_refine_ls_shell.R_factor_all 
_refine_ls_shell.R_factor_obs 
_refine_ls_shell.R_factor_R_free_error 
_refine_ls_shell.R_factor_R_work 
_refine_ls_shell.redundancy_reflns_all 
_refine_ls_shell.redundancy_reflns_obs 
_refine_ls_shell.wR_factor_all 
_refine_ls_shell.wR_factor_obs 
_refine_ls_shell.wR_factor_R_free 
_refine_ls_shell.wR_factor_R_work 
_refine_ls_shell.pdbx_R_complete 
_refine_ls_shell.pdbx_total_number_of_bins_used 
_refine_ls_shell.pdbx_phase_error 
_refine_ls_shell.pdbx_fsc_work 
_refine_ls_shell.pdbx_fsc_free 
_refine_ls_shell.R_factor_R_free 
'X-RAY DIFFRACTION' 1.64 1.70  . . 131 2676 99.19  . . . . 0.2996 . . . . . . . . . . . 0.3566 
'X-RAY DIFFRACTION' 1.70 1.77  . . 158 2665 99.19  . . . . 0.2676 . . . . . . . . . . . 0.3200 
'X-RAY DIFFRACTION' 1.77 1.85  . . 144 2659 99.57  . . . . 0.2330 . . . . . . . . . . . 0.2484 
'X-RAY DIFFRACTION' 1.85 1.95  . . 175 2636 99.57  . . . . 0.2070 . . . . . . . . . . . 0.2525 
'X-RAY DIFFRACTION' 1.95 2.07  . . 160 2660 99.65  . . . . 0.2055 . . . . . . . . . . . 0.2815 
'X-RAY DIFFRACTION' 2.07 2.23  . . 146 2654 98.84  . . . . 0.1696 . . . . . . . . . . . 0.2352 
'X-RAY DIFFRACTION' 2.23 2.46  . . 104 2728 100.00 . . . . 0.1844 . . . . . . . . . . . 0.2194 
'X-RAY DIFFRACTION' 2.46 2.81  . . 121 2712 99.93  . . . . 0.1778 . . . . . . . . . . . 0.2152 
'X-RAY DIFFRACTION' 2.81 3.54  . . 145 2653 99.71  . . . . 0.1684 . . . . . . . . . . . 0.2003 
'X-RAY DIFFRACTION' 3.54 30.37 . . 131 2676 98.91  . . . . 0.1532 . . . . . . . . . . . 0.1538 
# 
_struct.entry_id                     9DIN 
_struct.title                        'Structure of ClpC1 N-terminal Domain complexed with semi-synthetic Rufomycin analog' 
_struct.pdbx_model_details           ? 
_struct.pdbx_formula_weight          ? 
_struct.pdbx_formula_weight_method   ? 
_struct.pdbx_model_type_details      ? 
_struct.pdbx_CASP_flag               N 
# 
_struct_keywords.entry_id        9DIN 
_struct_keywords.text            'ClpC1 ATPase, Rufomycin, Antibiotic, ClpC1-NTD-complex, CHAPERONE, CHAPERONE-ANTIBIOTIC complex' 
_struct_keywords.pdbx_keywords   CHAPERONE/ANTIBIOTIC 
# 
loop_
_struct_asym.id 
_struct_asym.pdbx_blank_PDB_chainid_flag 
_struct_asym.pdbx_modified 
_struct_asym.entity_id 
_struct_asym.details 
A N N 1 ? 
B N N 2 ? 
C N N 3 ? 
D N N 4 ? 
E N N 5 ? 
F N N 6 ? 
G N N 6 ? 
# 
loop_
_struct_ref.id 
_struct_ref.db_name 
_struct_ref.db_code 
_struct_ref.pdbx_db_accession 
_struct_ref.pdbx_db_isoform 
_struct_ref.entity_id 
_struct_ref.pdbx_seq_one_letter_code 
_struct_ref.pdbx_align_begin 
1 UNP CLPC1_MYCTU P9WPC9 ? 1 
;FERFTDRARRVVVLAQEEARMLNHNYIGTEHILLGLIHEGEGVAAKSLESLGISLEGVRSQVEEIIGQGQQAPSGHIPFT
PRAKKVLELSLREALQLGHNYIGTEHILLGLIREGEGVAAQVLVKLGAELTRVRQQVIQLLSGY
;
2 
2 PDB 9DIN        9DIN   ? 2 ? 1 
# 
loop_
_struct_ref_seq.align_id 
_struct_ref_seq.ref_id 
_struct_ref_seq.pdbx_PDB_id_code 
_struct_ref_seq.pdbx_strand_id 
_struct_ref_seq.seq_align_beg 
_struct_ref_seq.pdbx_seq_align_beg_ins_code 
_struct_ref_seq.seq_align_end 
_struct_ref_seq.pdbx_seq_align_end_ins_code 
_struct_ref_seq.pdbx_db_accession 
_struct_ref_seq.db_align_beg 
_struct_ref_seq.pdbx_db_align_beg_ins_code 
_struct_ref_seq.db_align_end 
_struct_ref_seq.pdbx_db_align_end_ins_code 
_struct_ref_seq.pdbx_auth_seq_align_beg 
_struct_ref_seq.pdbx_auth_seq_align_end 
1 1 9DIN A 2 ? 145 ? P9WPC9 2 ? 145 ? 2 145 
2 2 9DIN C 1 ? 7   ? 9DIN   1 ? 7   ? 1 7   
# 
loop_
_struct_ref_seq_dif.align_id 
_struct_ref_seq_dif.pdbx_pdb_id_code 
_struct_ref_seq_dif.mon_id 
_struct_ref_seq_dif.pdbx_pdb_strand_id 
_struct_ref_seq_dif.seq_num 
_struct_ref_seq_dif.pdbx_pdb_ins_code 
_struct_ref_seq_dif.pdbx_seq_db_name 
_struct_ref_seq_dif.pdbx_seq_db_accession_code 
_struct_ref_seq_dif.db_mon_id 
_struct_ref_seq_dif.pdbx_seq_db_seq_num 
_struct_ref_seq_dif.details 
_struct_ref_seq_dif.pdbx_auth_seq_num 
_struct_ref_seq_dif.pdbx_ordinal 
1 9DIN ALA A 1   ? UNP P9WPC9 ? ? 'expression tag' 1   1  
1 9DIN LYS A 146 ? UNP P9WPC9 ? ? 'expression tag' 146 2  
1 9DIN LEU A 147 ? UNP P9WPC9 ? ? 'expression tag' 147 3  
1 9DIN ALA A 148 ? UNP P9WPC9 ? ? 'expression tag' 148 4  
1 9DIN ALA A 149 ? UNP P9WPC9 ? ? 'expression tag' 149 5  
1 9DIN ALA A 150 ? UNP P9WPC9 ? ? 'expression tag' 150 6  
1 9DIN LEU A 151 ? UNP P9WPC9 ? ? 'expression tag' 151 7  
1 9DIN GLU A 152 ? UNP P9WPC9 ? ? 'expression tag' 152 8  
1 9DIN HIS A 153 ? UNP P9WPC9 ? ? 'expression tag' 153 9  
1 9DIN HIS A 154 ? UNP P9WPC9 ? ? 'expression tag' 154 10 
1 9DIN HIS A 155 ? UNP P9WPC9 ? ? 'expression tag' 155 11 
1 9DIN HIS A 156 ? UNP P9WPC9 ? ? 'expression tag' 156 12 
1 9DIN HIS A 157 ? UNP P9WPC9 ? ? 'expression tag' 157 13 
1 9DIN HIS A 158 ? UNP P9WPC9 ? ? 'expression tag' 158 14 
# 
_pdbx_struct_assembly.id                   1 
_pdbx_struct_assembly.details              author_and_software_defined_assembly 
_pdbx_struct_assembly.method_details       PISA 
_pdbx_struct_assembly.oligomeric_details   dimeric 
_pdbx_struct_assembly.oligomeric_count     2 
# 
loop_
_pdbx_struct_assembly_prop.biol_id 
_pdbx_struct_assembly_prop.type 
_pdbx_struct_assembly_prop.value 
_pdbx_struct_assembly_prop.details 
1 'ABSA (A^2)' 1510 ? 
1 MORE         -20  ? 
1 'SSA (A^2)'  7270 ? 
# 
_pdbx_struct_assembly_gen.assembly_id       1 
_pdbx_struct_assembly_gen.oper_expression   1 
_pdbx_struct_assembly_gen.asym_id_list      A,B,C,D,E,F,G 
# 
_pdbx_struct_assembly_auth_evidence.id                     1 
_pdbx_struct_assembly_auth_evidence.assembly_id            1 
_pdbx_struct_assembly_auth_evidence.experimental_support   'surface plasmon resonance' 
_pdbx_struct_assembly_auth_evidence.details                ? 
# 
_pdbx_struct_oper_list.id                   1 
_pdbx_struct_oper_list.type                 'identity operation' 
_pdbx_struct_oper_list.name                 1_555 
_pdbx_struct_oper_list.symmetry_operation   x,y,z 
_pdbx_struct_oper_list.matrix[1][1]         1.0000000000 
_pdbx_struct_oper_list.matrix[1][2]         0.0000000000 
_pdbx_struct_oper_list.matrix[1][3]         0.0000000000 
_pdbx_struct_oper_list.vector[1]            0.0000000000 
_pdbx_struct_oper_list.matrix[2][1]         0.0000000000 
_pdbx_struct_oper_list.matrix[2][2]         1.0000000000 
_pdbx_struct_oper_list.matrix[2][3]         0.0000000000 
_pdbx_struct_oper_list.vector[2]            0.0000000000 
_pdbx_struct_oper_list.matrix[3][1]         0.0000000000 
_pdbx_struct_oper_list.matrix[3][2]         0.0000000000 
_pdbx_struct_oper_list.matrix[3][3]         1.0000000000 
_pdbx_struct_oper_list.vector[3]            0.0000000000 
# 
loop_
_struct_conf.conf_type_id 
_struct_conf.id 
_struct_conf.pdbx_PDB_helix_id 
_struct_conf.beg_label_comp_id 
_struct_conf.beg_label_asym_id 
_struct_conf.beg_label_seq_id 
_struct_conf.pdbx_beg_PDB_ins_code 
_struct_conf.end_label_comp_id 
_struct_conf.end_label_asym_id 
_struct_conf.end_label_seq_id 
_struct_conf.pdbx_end_PDB_ins_code 
_struct_conf.beg_auth_comp_id 
_struct_conf.beg_auth_asym_id 
_struct_conf.beg_auth_seq_id 
_struct_conf.end_auth_comp_id 
_struct_conf.end_auth_asym_id 
_struct_conf.end_auth_seq_id 
_struct_conf.pdbx_PDB_helix_class 
_struct_conf.details 
_struct_conf.pdbx_PDB_helix_length 
HELX_P HELX_P1 AA1 ALA A 1   ? PHE A 5   ? ALA A 1   PHE A 5   5 ? 5  
HELX_P HELX_P2 AA2 THR A 6   ? LEU A 23  ? THR A 6   LEU A 23  1 ? 18 
HELX_P HELX_P3 AA3 GLY A 29  ? GLY A 41  ? GLY A 29  GLY A 41  1 ? 13 
HELX_P HELX_P4 AA4 GLY A 43  ? LEU A 52  ? GLY A 43  LEU A 52  1 ? 10 
HELX_P HELX_P5 AA5 SER A 55  ? ILE A 67  ? SER A 55  ILE A 67  1 ? 13 
HELX_P HELX_P6 AA6 THR A 81  ? LEU A 98  ? THR A 81  LEU A 98  1 ? 18 
HELX_P HELX_P7 AA7 GLY A 104 ? GLY A 116 ? GLY A 104 GLY A 116 1 ? 13 
HELX_P HELX_P8 AA8 GLY A 118 ? LEU A 127 ? GLY A 118 LEU A 127 1 ? 10 
HELX_P HELX_P9 AA9 GLU A 130 ? SER A 143 ? GLU A 130 SER A 143 1 ? 14 
# 
_struct_conf_type.id          HELX_P 
_struct_conf_type.criteria    ? 
_struct_conf_type.reference   ? 
# 
loop_
_struct_conn.id 
_struct_conn.conn_type_id 
_struct_conn.pdbx_leaving_atom_flag 
_struct_conn.pdbx_PDB_id 
_struct_conn.ptnr1_label_asym_id 
_struct_conn.ptnr1_label_comp_id 
_struct_conn.ptnr1_label_seq_id 
_struct_conn.ptnr1_label_atom_id 
_struct_conn.pdbx_ptnr1_label_alt_id 
_struct_conn.pdbx_ptnr1_PDB_ins_code 
_struct_conn.pdbx_ptnr1_standard_comp_id 
_struct_conn.ptnr1_symmetry 
_struct_conn.ptnr2_label_asym_id 
_struct_conn.ptnr2_label_comp_id 
_struct_conn.ptnr2_label_seq_id 
_struct_conn.ptnr2_label_atom_id 
_struct_conn.pdbx_ptnr2_label_alt_id 
_struct_conn.pdbx_ptnr2_PDB_ins_code 
_struct_conn.ptnr1_auth_asym_id 
_struct_conn.ptnr1_auth_comp_id 
_struct_conn.ptnr1_auth_seq_id 
_struct_conn.ptnr2_auth_asym_id 
_struct_conn.ptnr2_auth_comp_id 
_struct_conn.ptnr2_auth_seq_id 
_struct_conn.ptnr2_symmetry 
_struct_conn.pdbx_ptnr3_label_atom_id 
_struct_conn.pdbx_ptnr3_label_seq_id 
_struct_conn.pdbx_ptnr3_label_comp_id 
_struct_conn.pdbx_ptnr3_label_asym_id 
_struct_conn.pdbx_ptnr3_label_alt_id 
_struct_conn.pdbx_ptnr3_PDB_ins_code 
_struct_conn.details 
_struct_conn.pdbx_dist_value 
_struct_conn.pdbx_value_order 
_struct_conn.pdbx_role 
covale1 covale one  ? B A1A5S 1 C   ? ? ? 1_555 B MLE   2 N ? ? C A1A5S 1 C MLE   2 1_555 ? ? ? ? ? ? ? 1.449 ? ? 
covale2 covale one  ? B A1A5S 1 N   ? ? ? 1_555 B NLE   7 C ? ? C A1A5S 1 C NLE   7 1_555 ? ? ? ? ? ? ? 1.300 ? ? 
covale3 covale both ? B MLE   2 C   ? ? ? 1_555 B NIY   3 N ? ? C MLE   2 C NIY   3 1_555 ? ? ? ? ? ? ? 1.414 ? ? 
covale4 covale both ? B NIY   3 C   ? ? ? 1_555 B ALA   4 N ? ? C NIY   3 C ALA   4 1_555 ? ? ? ? ? ? ? 1.412 ? ? 
covale5 covale one  ? B ALA   4 C   ? ? ? 1_555 B A1A5T 5 N ? ? C ALA   4 C A1A5T 5 1_555 ? ? ? ? ? ? ? 1.469 ? ? 
covale6 covale one  ? B A1A5T 5 C   ? ? ? 1_555 B LEU   6 N ? ? C A1A5T 5 C LEU   6 1_555 ? ? ? ? ? ? ? 1.533 ? ? 
covale7 covale one  ? B A1A5T 5 CD2 ? ? ? 1_555 B LEU   6 N ? ? C A1A5T 5 C LEU   6 1_555 ? ? ? ? ? ? ? 1.511 ? ? 
covale8 covale both ? B LEU   6 C   ? ? ? 1_555 B NLE   7 N ? ? C LEU   6 C NLE   7 1_555 ? ? ? ? ? ? ? 1.416 ? ? 
# 
_struct_conn_type.id          covale 
_struct_conn_type.criteria    ? 
_struct_conn_type.reference   ? 
# 
loop_
_pdbx_modification_feature.ordinal 
_pdbx_modification_feature.label_comp_id 
_pdbx_modification_feature.label_asym_id 
_pdbx_modification_feature.label_seq_id 
_pdbx_modification_feature.label_alt_id 
_pdbx_modification_feature.modified_residue_label_comp_id 
_pdbx_modification_feature.modified_residue_label_asym_id 
_pdbx_modification_feature.modified_residue_label_seq_id 
_pdbx_modification_feature.modified_residue_label_alt_id 
_pdbx_modification_feature.auth_comp_id 
_pdbx_modification_feature.auth_asym_id 
_pdbx_modification_feature.auth_seq_id 
_pdbx_modification_feature.PDB_ins_code 
_pdbx_modification_feature.symmetry 
_pdbx_modification_feature.modified_residue_auth_comp_id 
_pdbx_modification_feature.modified_residue_auth_asym_id 
_pdbx_modification_feature.modified_residue_auth_seq_id 
_pdbx_modification_feature.modified_residue_PDB_ins_code 
_pdbx_modification_feature.modified_residue_symmetry 
_pdbx_modification_feature.comp_id_linking_atom 
_pdbx_modification_feature.modified_residue_id_linking_atom 
_pdbx_modification_feature.modified_residue_id 
_pdbx_modification_feature.ref_pcm_id 
_pdbx_modification_feature.ref_comp_id 
_pdbx_modification_feature.type 
_pdbx_modification_feature.category 
1 MLE   B 2 ? .   . . . MLE   C 2 ? 1_555 .   . . . .     .   . LEU 1 MLE   Methylation 'Named protein modification' 
2 NIY   B 3 ? .   . . . NIY   C 3 ? 1_555 .   . . . .     .   . TYR 1 NIY   Nitration   'Named protein modification' 
3 NLE   B 7 ? .   . . . NLE   C 7 ? 1_555 .   . . . .     .   . LEU 1 NLE   Norleucine  'Named protein modification' 
4 A1A5S B 1 ? .   . . . A1A5S C 1 ? 1_555 .   . . . .     .   . TRP 1 A1A5S None        'Non-standard residue'       
5 A1A5T B 5 ? .   . . . A1A5T C 5 ? 1_555 .   . . . .     .   . LEU 1 A1A5T None        'Non-standard residue'       
6 A1A5S B 1 ? NLE B 7 ? A1A5S C 1 ? 1_555 NLE C 7 ? 1_555 N   C .   . .     None        'Non-standard linkage'       
7 A1A5T B 5 ? LEU B 6 ? A1A5T C 5 ? 1_555 LEU C 6 ? 1_555 CD2 N .   . .     None        'Non-standard linkage'       
# 
_struct_mon_prot_cis.pdbx_id                1 
_struct_mon_prot_cis.label_comp_id          A1A5S 
_struct_mon_prot_cis.label_seq_id           1 
_struct_mon_prot_cis.label_asym_id          B 
_struct_mon_prot_cis.label_alt_id           . 
_struct_mon_prot_cis.pdbx_PDB_ins_code      ? 
_struct_mon_prot_cis.auth_comp_id           A1A5S 
_struct_mon_prot_cis.auth_seq_id            1 
_struct_mon_prot_cis.auth_asym_id           C 
_struct_mon_prot_cis.pdbx_label_comp_id_2   MLE 
_struct_mon_prot_cis.pdbx_label_seq_id_2    2 
_struct_mon_prot_cis.pdbx_label_asym_id_2   B 
_struct_mon_prot_cis.pdbx_PDB_ins_code_2    ? 
_struct_mon_prot_cis.pdbx_auth_comp_id_2    MLE 
_struct_mon_prot_cis.pdbx_auth_seq_id_2     2 
_struct_mon_prot_cis.pdbx_auth_asym_id_2    C 
_struct_mon_prot_cis.pdbx_PDB_model_num     1 
_struct_mon_prot_cis.pdbx_omega_angle       -1.97 
# 
_pdbx_entry_details.entry_id                   9DIN 
_pdbx_entry_details.nonpolymer_details         ? 
_pdbx_entry_details.sequence_details           ? 
_pdbx_entry_details.compound_details           ? 
_pdbx_entry_details.source_details             ? 
_pdbx_entry_details.has_ligand_of_interest     Y 
_pdbx_entry_details.has_protein_modification   Y 
# 
loop_
_pdbx_validate_close_contact.id 
_pdbx_validate_close_contact.PDB_model_num 
_pdbx_validate_close_contact.auth_atom_id_1 
_pdbx_validate_close_contact.auth_asym_id_1 
_pdbx_validate_close_contact.auth_comp_id_1 
_pdbx_validate_close_contact.auth_seq_id_1 
_pdbx_validate_close_contact.PDB_ins_code_1 
_pdbx_validate_close_contact.label_alt_id_1 
_pdbx_validate_close_contact.auth_atom_id_2 
_pdbx_validate_close_contact.auth_asym_id_2 
_pdbx_validate_close_contact.auth_comp_id_2 
_pdbx_validate_close_contact.auth_seq_id_2 
_pdbx_validate_close_contact.PDB_ins_code_2 
_pdbx_validate_close_contact.label_alt_id_2 
_pdbx_validate_close_contact.dist 
1 1 O   A HOH 310 ? ? O A HOH 348 ? ? 1.94 
2 1 O   A HOH 312 ? ? O A HOH 350 ? ? 2.03 
3 1 NH1 A ARG 93  ? ? O A HOH 301 ? ? 2.03 
4 1 NH2 A ARG 11  ? ? O A HOH 302 ? ? 2.04 
5 1 O   A HOH 343 ? ? O A HOH 349 ? ? 2.11 
6 1 NH1 A ARG 135 ? ? O A HOH 303 ? ? 2.11 
7 1 O   A HOH 335 ? ? O A HOH 336 ? ? 2.15 
# 
loop_
_pdbx_validate_symm_contact.id 
_pdbx_validate_symm_contact.PDB_model_num 
_pdbx_validate_symm_contact.auth_atom_id_1 
_pdbx_validate_symm_contact.auth_asym_id_1 
_pdbx_validate_symm_contact.auth_comp_id_1 
_pdbx_validate_symm_contact.auth_seq_id_1 
_pdbx_validate_symm_contact.PDB_ins_code_1 
_pdbx_validate_symm_contact.label_alt_id_1 
_pdbx_validate_symm_contact.site_symmetry_1 
_pdbx_validate_symm_contact.auth_atom_id_2 
_pdbx_validate_symm_contact.auth_asym_id_2 
_pdbx_validate_symm_contact.auth_comp_id_2 
_pdbx_validate_symm_contact.auth_seq_id_2 
_pdbx_validate_symm_contact.PDB_ins_code_2 
_pdbx_validate_symm_contact.label_alt_id_2 
_pdbx_validate_symm_contact.site_symmetry_2 
_pdbx_validate_symm_contact.dist 
1 1 O A HOH 342 ? ? 1_555 O A HOH 349 ? ? 3_445 1.75 
2 1 O A HOH 348 ? ? 1_555 O C HOH 101 ? ? 3_455 2.12 
# 
_pdbx_validate_rmsd_bond.id                        1 
_pdbx_validate_rmsd_bond.PDB_model_num             1 
_pdbx_validate_rmsd_bond.auth_atom_id_1            C 
_pdbx_validate_rmsd_bond.auth_asym_id_1            C 
_pdbx_validate_rmsd_bond.auth_comp_id_1            A1A5T 
_pdbx_validate_rmsd_bond.auth_seq_id_1             5 
_pdbx_validate_rmsd_bond.PDB_ins_code_1            ? 
_pdbx_validate_rmsd_bond.label_alt_id_1            ? 
_pdbx_validate_rmsd_bond.auth_atom_id_2            N 
_pdbx_validate_rmsd_bond.auth_asym_id_2            C 
_pdbx_validate_rmsd_bond.auth_comp_id_2            LEU 
_pdbx_validate_rmsd_bond.auth_seq_id_2             6 
_pdbx_validate_rmsd_bond.PDB_ins_code_2            ? 
_pdbx_validate_rmsd_bond.label_alt_id_2            ? 
_pdbx_validate_rmsd_bond.bond_value                1.533 
_pdbx_validate_rmsd_bond.bond_target_value         1.336 
_pdbx_validate_rmsd_bond.bond_deviation            0.197 
_pdbx_validate_rmsd_bond.bond_standard_deviation   0.023 
_pdbx_validate_rmsd_bond.linker_flag               Y 
# 
_pdbx_validate_torsion.id              1 
_pdbx_validate_torsion.PDB_model_num   1 
_pdbx_validate_torsion.auth_comp_id    A1A5T 
_pdbx_validate_torsion.auth_asym_id    C 
_pdbx_validate_torsion.auth_seq_id     5 
_pdbx_validate_torsion.PDB_ins_code    ? 
_pdbx_validate_torsion.label_alt_id    ? 
_pdbx_validate_torsion.phi             54.94 
_pdbx_validate_torsion.psi             -115.94 
# 
_pdbx_molecule_features.prd_id    PRD_002569 
_pdbx_molecule_features.name      'Rufomycin analog' 
_pdbx_molecule_features.type      'Cyclic peptide' 
_pdbx_molecule_features.class     Inhibitor 
_pdbx_molecule_features.details   ? 
# 
_pdbx_molecule.instance_id   1 
_pdbx_molecule.prd_id        PRD_002569 
_pdbx_molecule.asym_id       B 
# 
loop_
_space_group_symop.id 
_space_group_symop.operation_xyz 
1 x,y,z           
2 x+1/2,-y+1/2,-z 
3 -x,y+1/2,-z+1/2 
4 -x+1/2,-y,z+1/2 
# 
loop_
_pdbx_unobs_or_zero_occ_residues.id 
_pdbx_unobs_or_zero_occ_residues.PDB_model_num 
_pdbx_unobs_or_zero_occ_residues.polymer_flag 
_pdbx_unobs_or_zero_occ_residues.occupancy_flag 
_pdbx_unobs_or_zero_occ_residues.auth_asym_id 
_pdbx_unobs_or_zero_occ_residues.auth_comp_id 
_pdbx_unobs_or_zero_occ_residues.auth_seq_id 
_pdbx_unobs_or_zero_occ_residues.PDB_ins_code 
_pdbx_unobs_or_zero_occ_residues.label_asym_id 
_pdbx_unobs_or_zero_occ_residues.label_comp_id 
_pdbx_unobs_or_zero_occ_residues.label_seq_id 
1  1 Y 1 A TYR 145 ? A TYR 145 
2  1 Y 1 A LYS 146 ? A LYS 146 
3  1 Y 1 A LEU 147 ? A LEU 147 
4  1 Y 1 A ALA 148 ? A ALA 148 
5  1 Y 1 A ALA 149 ? A ALA 149 
6  1 Y 1 A ALA 150 ? A ALA 150 
7  1 Y 1 A LEU 151 ? A LEU 151 
8  1 Y 1 A GLU 152 ? A GLU 152 
9  1 Y 1 A HIS 153 ? A HIS 153 
10 1 Y 1 A HIS 154 ? A HIS 154 
11 1 Y 1 A HIS 155 ? A HIS 155 
12 1 Y 1 A HIS 156 ? A HIS 156 
13 1 Y 1 A HIS 157 ? A HIS 157 
14 1 Y 1 A HIS 158 ? A HIS 158 
# 
loop_
_chem_comp_atom.comp_id 
_chem_comp_atom.atom_id 
_chem_comp_atom.type_symbol 
_chem_comp_atom.pdbx_aromatic_flag 
_chem_comp_atom.pdbx_stereo_config 
_chem_comp_atom.pdbx_ordinal 
A1A5S C1   C  N N 1   
A1A5S C2   C  N N 2   
A1A5S C3   C  N N 3   
A1A5S C4   C  N S 4   
A1A5S C5   C  N N 5   
A1A5S CD1  C  Y N 6   
A1A5S CG   C  Y N 7   
A1A5S O1   O  N N 8   
A1A5S CB   C  N N 9   
A1A5S CA   C  N S 10  
A1A5S O    O  N N 11  
A1A5S C    C  N N 12  
A1A5S CE2  C  Y N 13  
A1A5S CD2  C  Y N 14  
A1A5S CE3  C  Y N 15  
A1A5S CZ3  C  Y N 16  
A1A5S CH2  C  Y N 17  
A1A5S CZ2  C  Y N 18  
A1A5S NE1  N  Y N 19  
A1A5S N    N  N N 20  
A1A5S CL1  CL N N 21  
A1A5S H13  H  N N 22  
A1A5S H11  H  N N 23  
A1A5S H12  H  N N 24  
A1A5S H32  H  N N 25  
A1A5S H31  H  N N 26  
A1A5S H33  H  N N 27  
A1A5S H41  H  N N 28  
A1A5S H52  H  N N 29  
A1A5S H51  H  N N 30  
A1A5S HD1  H  N N 31  
A1A5S H14  H  N N 32  
A1A5S HB3  H  N N 33  
A1A5S HB2  H  N N 34  
A1A5S HA   H  N N 35  
A1A5S HE3  H  N N 36  
A1A5S HZ3  H  N N 37  
A1A5S HH2  H  N N 38  
A1A5S HZ2  H  N N 39  
A1A5S H    H  N N 40  
A1A5S H2   H  N N 41  
A1A5S OXT  O  N N 42  
A1A5S HXT  H  N N 43  
A1A5T O2   O  N N 44  
A1A5T C    C  N N 45  
A1A5T CA   C  N S 46  
A1A5T CD1  C  N N 47  
A1A5T CD2  C  N N 48  
A1A5T CB   C  N N 49  
A1A5T CG   C  N S 50  
A1A5T C28  C  N N 51  
A1A5T C29  C  N N 52  
A1A5T C30  C  N N 53  
A1A5T C31  C  N N 54  
A1A5T C40  C  N N 55  
A1A5T N    N  N N 56  
A1A5T O    O  N N 57  
A1A5T HA   H  N N 58  
A1A5T HD11 H  N N 59  
A1A5T HD12 H  N N 60  
A1A5T HD13 H  N N 61  
A1A5T HD21 H  N N 62  
A1A5T HD22 H  N N 63  
A1A5T HB2  H  N N 64  
A1A5T HB3  H  N N 65  
A1A5T HG   H  N N 66  
A1A5T H281 H  N N 67  
A1A5T H282 H  N N 68  
A1A5T H292 H  N N 69  
A1A5T H291 H  N N 70  
A1A5T H301 H  N N 71  
A1A5T H302 H  N N 72  
A1A5T H312 H  N N 73  
A1A5T H311 H  N N 74  
A1A5T H313 H  N N 75  
A1A5T H401 H  N N 76  
A1A5T H403 H  N N 77  
A1A5T H402 H  N N 78  
A1A5T H    H  N N 79  
A1A5T OXT  O  N N 80  
A1A5T HXT  H  N N 81  
ACY   C    C  N N 82  
ACY   O    O  N N 83  
ACY   OXT  O  N N 84  
ACY   CH3  C  N N 85  
ACY   HXT  H  N N 86  
ACY   H1   H  N N 87  
ACY   H2   H  N N 88  
ACY   H3   H  N N 89  
ALA   N    N  N N 90  
ALA   CA   C  N S 91  
ALA   C    C  N N 92  
ALA   O    O  N N 93  
ALA   CB   C  N N 94  
ALA   OXT  O  N N 95  
ALA   H    H  N N 96  
ALA   H2   H  N N 97  
ALA   HA   H  N N 98  
ALA   HB1  H  N N 99  
ALA   HB2  H  N N 100 
ALA   HB3  H  N N 101 
ALA   HXT  H  N N 102 
ARG   N    N  N N 103 
ARG   CA   C  N S 104 
ARG   C    C  N N 105 
ARG   O    O  N N 106 
ARG   CB   C  N N 107 
ARG   CG   C  N N 108 
ARG   CD   C  N N 109 
ARG   NE   N  N N 110 
ARG   CZ   C  N N 111 
ARG   NH1  N  N N 112 
ARG   NH2  N  N N 113 
ARG   OXT  O  N N 114 
ARG   H    H  N N 115 
ARG   H2   H  N N 116 
ARG   HA   H  N N 117 
ARG   HB2  H  N N 118 
ARG   HB3  H  N N 119 
ARG   HG2  H  N N 120 
ARG   HG3  H  N N 121 
ARG   HD2  H  N N 122 
ARG   HD3  H  N N 123 
ARG   HE   H  N N 124 
ARG   HH11 H  N N 125 
ARG   HH12 H  N N 126 
ARG   HH21 H  N N 127 
ARG   HH22 H  N N 128 
ARG   HXT  H  N N 129 
ASN   N    N  N N 130 
ASN   CA   C  N S 131 
ASN   C    C  N N 132 
ASN   O    O  N N 133 
ASN   CB   C  N N 134 
ASN   CG   C  N N 135 
ASN   OD1  O  N N 136 
ASN   ND2  N  N N 137 
ASN   OXT  O  N N 138 
ASN   H    H  N N 139 
ASN   H2   H  N N 140 
ASN   HA   H  N N 141 
ASN   HB2  H  N N 142 
ASN   HB3  H  N N 143 
ASN   HD21 H  N N 144 
ASN   HD22 H  N N 145 
ASN   HXT  H  N N 146 
ASP   N    N  N N 147 
ASP   CA   C  N S 148 
ASP   C    C  N N 149 
ASP   O    O  N N 150 
ASP   CB   C  N N 151 
ASP   CG   C  N N 152 
ASP   OD1  O  N N 153 
ASP   OD2  O  N N 154 
ASP   OXT  O  N N 155 
ASP   H    H  N N 156 
ASP   H2   H  N N 157 
ASP   HA   H  N N 158 
ASP   HB2  H  N N 159 
ASP   HB3  H  N N 160 
ASP   HD2  H  N N 161 
ASP   HXT  H  N N 162 
CL    CL   CL N N 163 
GLN   N    N  N N 164 
GLN   CA   C  N S 165 
GLN   C    C  N N 166 
GLN   O    O  N N 167 
GLN   CB   C  N N 168 
GLN   CG   C  N N 169 
GLN   CD   C  N N 170 
GLN   OE1  O  N N 171 
GLN   NE2  N  N N 172 
GLN   OXT  O  N N 173 
GLN   H    H  N N 174 
GLN   H2   H  N N 175 
GLN   HA   H  N N 176 
GLN   HB2  H  N N 177 
GLN   HB3  H  N N 178 
GLN   HG2  H  N N 179 
GLN   HG3  H  N N 180 
GLN   HE21 H  N N 181 
GLN   HE22 H  N N 182 
GLN   HXT  H  N N 183 
GLU   N    N  N N 184 
GLU   CA   C  N S 185 
GLU   C    C  N N 186 
GLU   O    O  N N 187 
GLU   CB   C  N N 188 
GLU   CG   C  N N 189 
GLU   CD   C  N N 190 
GLU   OE1  O  N N 191 
GLU   OE2  O  N N 192 
GLU   OXT  O  N N 193 
GLU   H    H  N N 194 
GLU   H2   H  N N 195 
GLU   HA   H  N N 196 
GLU   HB2  H  N N 197 
GLU   HB3  H  N N 198 
GLU   HG2  H  N N 199 
GLU   HG3  H  N N 200 
GLU   HE2  H  N N 201 
GLU   HXT  H  N N 202 
GLY   N    N  N N 203 
GLY   CA   C  N N 204 
GLY   C    C  N N 205 
GLY   O    O  N N 206 
GLY   OXT  O  N N 207 
GLY   H    H  N N 208 
GLY   H2   H  N N 209 
GLY   HA2  H  N N 210 
GLY   HA3  H  N N 211 
GLY   HXT  H  N N 212 
GOL   C1   C  N N 213 
GOL   O1   O  N N 214 
GOL   C2   C  N N 215 
GOL   O2   O  N N 216 
GOL   C3   C  N N 217 
GOL   O3   O  N N 218 
GOL   H11  H  N N 219 
GOL   H12  H  N N 220 
GOL   HO1  H  N N 221 
GOL   H2   H  N N 222 
GOL   HO2  H  N N 223 
GOL   H31  H  N N 224 
GOL   H32  H  N N 225 
GOL   HO3  H  N N 226 
HIS   N    N  N N 227 
HIS   CA   C  N S 228 
HIS   C    C  N N 229 
HIS   O    O  N N 230 
HIS   CB   C  N N 231 
HIS   CG   C  Y N 232 
HIS   ND1  N  Y N 233 
HIS   CD2  C  Y N 234 
HIS   CE1  C  Y N 235 
HIS   NE2  N  Y N 236 
HIS   OXT  O  N N 237 
HIS   H    H  N N 238 
HIS   H2   H  N N 239 
HIS   HA   H  N N 240 
HIS   HB2  H  N N 241 
HIS   HB3  H  N N 242 
HIS   HD1  H  N N 243 
HIS   HD2  H  N N 244 
HIS   HE1  H  N N 245 
HIS   HE2  H  N N 246 
HIS   HXT  H  N N 247 
HOH   O    O  N N 248 
HOH   H1   H  N N 249 
HOH   H2   H  N N 250 
ILE   N    N  N N 251 
ILE   CA   C  N S 252 
ILE   C    C  N N 253 
ILE   O    O  N N 254 
ILE   CB   C  N S 255 
ILE   CG1  C  N N 256 
ILE   CG2  C  N N 257 
ILE   CD1  C  N N 258 
ILE   OXT  O  N N 259 
ILE   H    H  N N 260 
ILE   H2   H  N N 261 
ILE   HA   H  N N 262 
ILE   HB   H  N N 263 
ILE   HG12 H  N N 264 
ILE   HG13 H  N N 265 
ILE   HG21 H  N N 266 
ILE   HG22 H  N N 267 
ILE   HG23 H  N N 268 
ILE   HD11 H  N N 269 
ILE   HD12 H  N N 270 
ILE   HD13 H  N N 271 
ILE   HXT  H  N N 272 
LEU   N    N  N N 273 
LEU   CA   C  N S 274 
LEU   C    C  N N 275 
LEU   O    O  N N 276 
LEU   CB   C  N N 277 
LEU   CG   C  N N 278 
LEU   CD1  C  N N 279 
LEU   CD2  C  N N 280 
LEU   OXT  O  N N 281 
LEU   H    H  N N 282 
LEU   H2   H  N N 283 
LEU   HA   H  N N 284 
LEU   HB2  H  N N 285 
LEU   HB3  H  N N 286 
LEU   HG   H  N N 287 
LEU   HD11 H  N N 288 
LEU   HD12 H  N N 289 
LEU   HD13 H  N N 290 
LEU   HD21 H  N N 291 
LEU   HD22 H  N N 292 
LEU   HD23 H  N N 293 
LEU   HXT  H  N N 294 
LYS   N    N  N N 295 
LYS   CA   C  N S 296 
LYS   C    C  N N 297 
LYS   O    O  N N 298 
LYS   CB   C  N N 299 
LYS   CG   C  N N 300 
LYS   CD   C  N N 301 
LYS   CE   C  N N 302 
LYS   NZ   N  N N 303 
LYS   OXT  O  N N 304 
LYS   H    H  N N 305 
LYS   H2   H  N N 306 
LYS   HA   H  N N 307 
LYS   HB2  H  N N 308 
LYS   HB3  H  N N 309 
LYS   HG2  H  N N 310 
LYS   HG3  H  N N 311 
LYS   HD2  H  N N 312 
LYS   HD3  H  N N 313 
LYS   HE2  H  N N 314 
LYS   HE3  H  N N 315 
LYS   HZ1  H  N N 316 
LYS   HZ2  H  N N 317 
LYS   HZ3  H  N N 318 
LYS   HXT  H  N N 319 
MET   N    N  N N 320 
MET   CA   C  N S 321 
MET   C    C  N N 322 
MET   O    O  N N 323 
MET   CB   C  N N 324 
MET   CG   C  N N 325 
MET   SD   S  N N 326 
MET   CE   C  N N 327 
MET   OXT  O  N N 328 
MET   H    H  N N 329 
MET   H2   H  N N 330 
MET   HA   H  N N 331 
MET   HB2  H  N N 332 
MET   HB3  H  N N 333 
MET   HG2  H  N N 334 
MET   HG3  H  N N 335 
MET   HE1  H  N N 336 
MET   HE2  H  N N 337 
MET   HE3  H  N N 338 
MET   HXT  H  N N 339 
MLE   N    N  N N 340 
MLE   CN   C  N N 341 
MLE   CA   C  N S 342 
MLE   CB   C  N N 343 
MLE   CG   C  N N 344 
MLE   CD1  C  N N 345 
MLE   CD2  C  N N 346 
MLE   C    C  N N 347 
MLE   O    O  N N 348 
MLE   OXT  O  N N 349 
MLE   H    H  N N 350 
MLE   HN1  H  N N 351 
MLE   HN2  H  N N 352 
MLE   HN3  H  N N 353 
MLE   HA   H  N N 354 
MLE   HB2  H  N N 355 
MLE   HB3  H  N N 356 
MLE   HG   H  N N 357 
MLE   HD11 H  N N 358 
MLE   HD12 H  N N 359 
MLE   HD13 H  N N 360 
MLE   HD21 H  N N 361 
MLE   HD22 H  N N 362 
MLE   HD23 H  N N 363 
MLE   HXT  H  N N 364 
NIY   N    N  N N 365 
NIY   CA   C  N S 366 
NIY   C    C  N N 367 
NIY   O    O  N N 368 
NIY   CB   C  N N 369 
NIY   CG   C  Y N 370 
NIY   CD1  C  Y N 371 
NIY   CD2  C  Y N 372 
NIY   CE1  C  Y N 373 
NIY   CE2  C  Y N 374 
NIY   CZ   C  Y N 375 
NIY   OH   O  N N 376 
NIY   NN   N  N N 377 
NIY   O1   O  N N 378 
NIY   O2   O  N N 379 
NIY   OXT  O  N N 380 
NIY   H    H  N N 381 
NIY   H2   H  N N 382 
NIY   HA   H  N N 383 
NIY   HB2  H  N N 384 
NIY   HB3  H  N N 385 
NIY   HD1  H  N N 386 
NIY   HD2  H  N N 387 
NIY   HE2  H  N N 388 
NIY   HH   H  N N 389 
NIY   HXT  H  N N 390 
NLE   N    N  N N 391 
NLE   CA   C  N S 392 
NLE   C    C  N N 393 
NLE   O    O  N N 394 
NLE   OXT  O  N N 395 
NLE   CB   C  N N 396 
NLE   CG   C  N N 397 
NLE   CD   C  N N 398 
NLE   CE   C  N N 399 
NLE   H    H  N N 400 
NLE   H2   H  N N 401 
NLE   HA   H  N N 402 
NLE   HXT  H  N N 403 
NLE   HB2  H  N N 404 
NLE   HB3  H  N N 405 
NLE   HG2  H  N N 406 
NLE   HG3  H  N N 407 
NLE   HD2  H  N N 408 
NLE   HD3  H  N N 409 
NLE   HE1  H  N N 410 
NLE   HE2  H  N N 411 
NLE   HE3  H  N N 412 
PHE   N    N  N N 413 
PHE   CA   C  N S 414 
PHE   C    C  N N 415 
PHE   O    O  N N 416 
PHE   CB   C  N N 417 
PHE   CG   C  Y N 418 
PHE   CD1  C  Y N 419 
PHE   CD2  C  Y N 420 
PHE   CE1  C  Y N 421 
PHE   CE2  C  Y N 422 
PHE   CZ   C  Y N 423 
PHE   OXT  O  N N 424 
PHE   H    H  N N 425 
PHE   H2   H  N N 426 
PHE   HA   H  N N 427 
PHE   HB2  H  N N 428 
PHE   HB3  H  N N 429 
PHE   HD1  H  N N 430 
PHE   HD2  H  N N 431 
PHE   HE1  H  N N 432 
PHE   HE2  H  N N 433 
PHE   HZ   H  N N 434 
PHE   HXT  H  N N 435 
PRO   N    N  N N 436 
PRO   CA   C  N S 437 
PRO   C    C  N N 438 
PRO   O    O  N N 439 
PRO   CB   C  N N 440 
PRO   CG   C  N N 441 
PRO   CD   C  N N 442 
PRO   OXT  O  N N 443 
PRO   H    H  N N 444 
PRO   HA   H  N N 445 
PRO   HB2  H  N N 446 
PRO   HB3  H  N N 447 
PRO   HG2  H  N N 448 
PRO   HG3  H  N N 449 
PRO   HD2  H  N N 450 
PRO   HD3  H  N N 451 
PRO   HXT  H  N N 452 
SER   N    N  N N 453 
SER   CA   C  N S 454 
SER   C    C  N N 455 
SER   O    O  N N 456 
SER   CB   C  N N 457 
SER   OG   O  N N 458 
SER   OXT  O  N N 459 
SER   H    H  N N 460 
SER   H2   H  N N 461 
SER   HA   H  N N 462 
SER   HB2  H  N N 463 
SER   HB3  H  N N 464 
SER   HG   H  N N 465 
SER   HXT  H  N N 466 
THR   N    N  N N 467 
THR   CA   C  N S 468 
THR   C    C  N N 469 
THR   O    O  N N 470 
THR   CB   C  N R 471 
THR   OG1  O  N N 472 
THR   CG2  C  N N 473 
THR   OXT  O  N N 474 
THR   H    H  N N 475 
THR   H2   H  N N 476 
THR   HA   H  N N 477 
THR   HB   H  N N 478 
THR   HG1  H  N N 479 
THR   HG21 H  N N 480 
THR   HG22 H  N N 481 
THR   HG23 H  N N 482 
THR   HXT  H  N N 483 
TYR   N    N  N N 484 
TYR   CA   C  N S 485 
TYR   C    C  N N 486 
TYR   O    O  N N 487 
TYR   CB   C  N N 488 
TYR   CG   C  Y N 489 
TYR   CD1  C  Y N 490 
TYR   CD2  C  Y N 491 
TYR   CE1  C  Y N 492 
TYR   CE2  C  Y N 493 
TYR   CZ   C  Y N 494 
TYR   OH   O  N N 495 
TYR   OXT  O  N N 496 
TYR   H    H  N N 497 
TYR   H2   H  N N 498 
TYR   HA   H  N N 499 
TYR   HB2  H  N N 500 
TYR   HB3  H  N N 501 
TYR   HD1  H  N N 502 
TYR   HD2  H  N N 503 
TYR   HE1  H  N N 504 
TYR   HE2  H  N N 505 
TYR   HH   H  N N 506 
TYR   HXT  H  N N 507 
VAL   N    N  N N 508 
VAL   CA   C  N S 509 
VAL   C    C  N N 510 
VAL   O    O  N N 511 
VAL   CB   C  N N 512 
VAL   CG1  C  N N 513 
VAL   CG2  C  N N 514 
VAL   OXT  O  N N 515 
VAL   H    H  N N 516 
VAL   H2   H  N N 517 
VAL   HA   H  N N 518 
VAL   HB   H  N N 519 
VAL   HG11 H  N N 520 
VAL   HG12 H  N N 521 
VAL   HG13 H  N N 522 
VAL   HG21 H  N N 523 
VAL   HG22 H  N N 524 
VAL   HG23 H  N N 525 
VAL   HXT  H  N N 526 
# 
loop_
_chem_comp_bond.comp_id 
_chem_comp_bond.atom_id_1 
_chem_comp_bond.atom_id_2 
_chem_comp_bond.value_order 
_chem_comp_bond.pdbx_aromatic_flag 
_chem_comp_bond.pdbx_stereo_config 
_chem_comp_bond.pdbx_ordinal 
A1A5S N   CA   sing N N 1   
A1A5S CB  CA   sing N N 2   
A1A5S CB  CG   sing N N 3   
A1A5S CA  C    sing N N 4   
A1A5S O   C    doub N N 5   
A1A5S CG  CD1  doub Y N 6   
A1A5S CG  CD2  sing Y N 7   
A1A5S CE3 CD2  doub Y N 8   
A1A5S CE3 CZ3  sing Y N 9   
A1A5S CL1 C5   sing N N 10  
A1A5S CD1 NE1  sing Y N 11  
A1A5S CD2 CE2  sing Y N 12  
A1A5S C5  C4   sing N N 13  
A1A5S CZ3 CH2  doub Y N 14  
A1A5S NE1 CE2  sing Y N 15  
A1A5S NE1 C2   sing N N 16  
A1A5S CE2 CZ2  doub Y N 17  
A1A5S C3  C2   sing N N 18  
A1A5S C4  C2   sing N N 19  
A1A5S C4  O1   sing N N 20  
A1A5S CH2 CZ2  sing Y N 21  
A1A5S C2  C1   sing N N 22  
A1A5S C1  H13  sing N N 23  
A1A5S C1  H11  sing N N 24  
A1A5S C1  H12  sing N N 25  
A1A5S C3  H32  sing N N 26  
A1A5S C3  H31  sing N N 27  
A1A5S C3  H33  sing N N 28  
A1A5S C4  H41  sing N N 29  
A1A5S C5  H52  sing N N 30  
A1A5S C5  H51  sing N N 31  
A1A5S CD1 HD1  sing N N 32  
A1A5S O1  H14  sing N N 33  
A1A5S CB  HB3  sing N N 34  
A1A5S CB  HB2  sing N N 35  
A1A5S CA  HA   sing N N 36  
A1A5S CE3 HE3  sing N N 37  
A1A5S CZ3 HZ3  sing N N 38  
A1A5S CH2 HH2  sing N N 39  
A1A5S CZ2 HZ2  sing N N 40  
A1A5S N   H    sing N N 41  
A1A5S N   H2   sing N N 42  
A1A5S C   OXT  sing N N 43  
A1A5S OXT HXT  sing N N 44  
A1A5T C31 C30  sing N N 45  
A1A5T C29 C30  sing N N 46  
A1A5T C29 C28  sing N N 47  
A1A5T C28 O2   sing N N 48  
A1A5T O2  CD2  sing N N 49  
A1A5T CD2 CG   sing N N 50  
A1A5T CD1 CG   sing N N 51  
A1A5T CG  CB   sing N N 52  
A1A5T CB  CA   sing N N 53  
A1A5T C   CA   sing N N 54  
A1A5T C   O    doub N N 55  
A1A5T CA  N    sing N N 56  
A1A5T N   C40  sing N N 57  
A1A5T CA  HA   sing N N 58  
A1A5T CD1 HD11 sing N N 59  
A1A5T CD1 HD12 sing N N 60  
A1A5T CD1 HD13 sing N N 61  
A1A5T CD2 HD21 sing N N 62  
A1A5T CD2 HD22 sing N N 63  
A1A5T CB  HB2  sing N N 64  
A1A5T CB  HB3  sing N N 65  
A1A5T CG  HG   sing N N 66  
A1A5T C28 H281 sing N N 67  
A1A5T C28 H282 sing N N 68  
A1A5T C29 H292 sing N N 69  
A1A5T C29 H291 sing N N 70  
A1A5T C30 H301 sing N N 71  
A1A5T C30 H302 sing N N 72  
A1A5T C31 H312 sing N N 73  
A1A5T C31 H311 sing N N 74  
A1A5T C31 H313 sing N N 75  
A1A5T C40 H401 sing N N 76  
A1A5T C40 H403 sing N N 77  
A1A5T C40 H402 sing N N 78  
A1A5T N   H    sing N N 79  
A1A5T C   OXT  sing N N 80  
A1A5T OXT HXT  sing N N 81  
ACY   C   O    doub N N 82  
ACY   C   OXT  sing N N 83  
ACY   C   CH3  sing N N 84  
ACY   OXT HXT  sing N N 85  
ACY   CH3 H1   sing N N 86  
ACY   CH3 H2   sing N N 87  
ACY   CH3 H3   sing N N 88  
ALA   N   CA   sing N N 89  
ALA   N   H    sing N N 90  
ALA   N   H2   sing N N 91  
ALA   CA  C    sing N N 92  
ALA   CA  CB   sing N N 93  
ALA   CA  HA   sing N N 94  
ALA   C   O    doub N N 95  
ALA   C   OXT  sing N N 96  
ALA   CB  HB1  sing N N 97  
ALA   CB  HB2  sing N N 98  
ALA   CB  HB3  sing N N 99  
ALA   OXT HXT  sing N N 100 
ARG   N   CA   sing N N 101 
ARG   N   H    sing N N 102 
ARG   N   H2   sing N N 103 
ARG   CA  C    sing N N 104 
ARG   CA  CB   sing N N 105 
ARG   CA  HA   sing N N 106 
ARG   C   O    doub N N 107 
ARG   C   OXT  sing N N 108 
ARG   CB  CG   sing N N 109 
ARG   CB  HB2  sing N N 110 
ARG   CB  HB3  sing N N 111 
ARG   CG  CD   sing N N 112 
ARG   CG  HG2  sing N N 113 
ARG   CG  HG3  sing N N 114 
ARG   CD  NE   sing N N 115 
ARG   CD  HD2  sing N N 116 
ARG   CD  HD3  sing N N 117 
ARG   NE  CZ   sing N N 118 
ARG   NE  HE   sing N N 119 
ARG   CZ  NH1  sing N N 120 
ARG   CZ  NH2  doub N N 121 
ARG   NH1 HH11 sing N N 122 
ARG   NH1 HH12 sing N N 123 
ARG   NH2 HH21 sing N N 124 
ARG   NH2 HH22 sing N N 125 
ARG   OXT HXT  sing N N 126 
ASN   N   CA   sing N N 127 
ASN   N   H    sing N N 128 
ASN   N   H2   sing N N 129 
ASN   CA  C    sing N N 130 
ASN   CA  CB   sing N N 131 
ASN   CA  HA   sing N N 132 
ASN   C   O    doub N N 133 
ASN   C   OXT  sing N N 134 
ASN   CB  CG   sing N N 135 
ASN   CB  HB2  sing N N 136 
ASN   CB  HB3  sing N N 137 
ASN   CG  OD1  doub N N 138 
ASN   CG  ND2  sing N N 139 
ASN   ND2 HD21 sing N N 140 
ASN   ND2 HD22 sing N N 141 
ASN   OXT HXT  sing N N 142 
ASP   N   CA   sing N N 143 
ASP   N   H    sing N N 144 
ASP   N   H2   sing N N 145 
ASP   CA  C    sing N N 146 
ASP   CA  CB   sing N N 147 
ASP   CA  HA   sing N N 148 
ASP   C   O    doub N N 149 
ASP   C   OXT  sing N N 150 
ASP   CB  CG   sing N N 151 
ASP   CB  HB2  sing N N 152 
ASP   CB  HB3  sing N N 153 
ASP   CG  OD1  doub N N 154 
ASP   CG  OD2  sing N N 155 
ASP   OD2 HD2  sing N N 156 
ASP   OXT HXT  sing N N 157 
GLN   N   CA   sing N N 158 
GLN   N   H    sing N N 159 
GLN   N   H2   sing N N 160 
GLN   CA  C    sing N N 161 
GLN   CA  CB   sing N N 162 
GLN   CA  HA   sing N N 163 
GLN   C   O    doub N N 164 
GLN   C   OXT  sing N N 165 
GLN   CB  CG   sing N N 166 
GLN   CB  HB2  sing N N 167 
GLN   CB  HB3  sing N N 168 
GLN   CG  CD   sing N N 169 
GLN   CG  HG2  sing N N 170 
GLN   CG  HG3  sing N N 171 
GLN   CD  OE1  doub N N 172 
GLN   CD  NE2  sing N N 173 
GLN   NE2 HE21 sing N N 174 
GLN   NE2 HE22 sing N N 175 
GLN   OXT HXT  sing N N 176 
GLU   N   CA   sing N N 177 
GLU   N   H    sing N N 178 
GLU   N   H2   sing N N 179 
GLU   CA  C    sing N N 180 
GLU   CA  CB   sing N N 181 
GLU   CA  HA   sing N N 182 
GLU   C   O    doub N N 183 
GLU   C   OXT  sing N N 184 
GLU   CB  CG   sing N N 185 
GLU   CB  HB2  sing N N 186 
GLU   CB  HB3  sing N N 187 
GLU   CG  CD   sing N N 188 
GLU   CG  HG2  sing N N 189 
GLU   CG  HG3  sing N N 190 
GLU   CD  OE1  doub N N 191 
GLU   CD  OE2  sing N N 192 
GLU   OE2 HE2  sing N N 193 
GLU   OXT HXT  sing N N 194 
GLY   N   CA   sing N N 195 
GLY   N   H    sing N N 196 
GLY   N   H2   sing N N 197 
GLY   CA  C    sing N N 198 
GLY   CA  HA2  sing N N 199 
GLY   CA  HA3  sing N N 200 
GLY   C   O    doub N N 201 
GLY   C   OXT  sing N N 202 
GLY   OXT HXT  sing N N 203 
GOL   C1  O1   sing N N 204 
GOL   C1  C2   sing N N 205 
GOL   C1  H11  sing N N 206 
GOL   C1  H12  sing N N 207 
GOL   O1  HO1  sing N N 208 
GOL   C2  O2   sing N N 209 
GOL   C2  C3   sing N N 210 
GOL   C2  H2   sing N N 211 
GOL   O2  HO2  sing N N 212 
GOL   C3  O3   sing N N 213 
GOL   C3  H31  sing N N 214 
GOL   C3  H32  sing N N 215 
GOL   O3  HO3  sing N N 216 
HIS   N   CA   sing N N 217 
HIS   N   H    sing N N 218 
HIS   N   H2   sing N N 219 
HIS   CA  C    sing N N 220 
HIS   CA  CB   sing N N 221 
HIS   CA  HA   sing N N 222 
HIS   C   O    doub N N 223 
HIS   C   OXT  sing N N 224 
HIS   CB  CG   sing N N 225 
HIS   CB  HB2  sing N N 226 
HIS   CB  HB3  sing N N 227 
HIS   CG  ND1  sing Y N 228 
HIS   CG  CD2  doub Y N 229 
HIS   ND1 CE1  doub Y N 230 
HIS   ND1 HD1  sing N N 231 
HIS   CD2 NE2  sing Y N 232 
HIS   CD2 HD2  sing N N 233 
HIS   CE1 NE2  sing Y N 234 
HIS   CE1 HE1  sing N N 235 
HIS   NE2 HE2  sing N N 236 
HIS   OXT HXT  sing N N 237 
HOH   O   H1   sing N N 238 
HOH   O   H2   sing N N 239 
ILE   N   CA   sing N N 240 
ILE   N   H    sing N N 241 
ILE   N   H2   sing N N 242 
ILE   CA  C    sing N N 243 
ILE   CA  CB   sing N N 244 
ILE   CA  HA   sing N N 245 
ILE   C   O    doub N N 246 
ILE   C   OXT  sing N N 247 
ILE   CB  CG1  sing N N 248 
ILE   CB  CG2  sing N N 249 
ILE   CB  HB   sing N N 250 
ILE   CG1 CD1  sing N N 251 
ILE   CG1 HG12 sing N N 252 
ILE   CG1 HG13 sing N N 253 
ILE   CG2 HG21 sing N N 254 
ILE   CG2 HG22 sing N N 255 
ILE   CG2 HG23 sing N N 256 
ILE   CD1 HD11 sing N N 257 
ILE   CD1 HD12 sing N N 258 
ILE   CD1 HD13 sing N N 259 
ILE   OXT HXT  sing N N 260 
LEU   N   CA   sing N N 261 
LEU   N   H    sing N N 262 
LEU   N   H2   sing N N 263 
LEU   CA  C    sing N N 264 
LEU   CA  CB   sing N N 265 
LEU   CA  HA   sing N N 266 
LEU   C   O    doub N N 267 
LEU   C   OXT  sing N N 268 
LEU   CB  CG   sing N N 269 
LEU   CB  HB2  sing N N 270 
LEU   CB  HB3  sing N N 271 
LEU   CG  CD1  sing N N 272 
LEU   CG  CD2  sing N N 273 
LEU   CG  HG   sing N N 274 
LEU   CD1 HD11 sing N N 275 
LEU   CD1 HD12 sing N N 276 
LEU   CD1 HD13 sing N N 277 
LEU   CD2 HD21 sing N N 278 
LEU   CD2 HD22 sing N N 279 
LEU   CD2 HD23 sing N N 280 
LEU   OXT HXT  sing N N 281 
LYS   N   CA   sing N N 282 
LYS   N   H    sing N N 283 
LYS   N   H2   sing N N 284 
LYS   CA  C    sing N N 285 
LYS   CA  CB   sing N N 286 
LYS   CA  HA   sing N N 287 
LYS   C   O    doub N N 288 
LYS   C   OXT  sing N N 289 
LYS   CB  CG   sing N N 290 
LYS   CB  HB2  sing N N 291 
LYS   CB  HB3  sing N N 292 
LYS   CG  CD   sing N N 293 
LYS   CG  HG2  sing N N 294 
LYS   CG  HG3  sing N N 295 
LYS   CD  CE   sing N N 296 
LYS   CD  HD2  sing N N 297 
LYS   CD  HD3  sing N N 298 
LYS   CE  NZ   sing N N 299 
LYS   CE  HE2  sing N N 300 
LYS   CE  HE3  sing N N 301 
LYS   NZ  HZ1  sing N N 302 
LYS   NZ  HZ2  sing N N 303 
LYS   NZ  HZ3  sing N N 304 
LYS   OXT HXT  sing N N 305 
MET   N   CA   sing N N 306 
MET   N   H    sing N N 307 
MET   N   H2   sing N N 308 
MET   CA  C    sing N N 309 
MET   CA  CB   sing N N 310 
MET   CA  HA   sing N N 311 
MET   C   O    doub N N 312 
MET   C   OXT  sing N N 313 
MET   CB  CG   sing N N 314 
MET   CB  HB2  sing N N 315 
MET   CB  HB3  sing N N 316 
MET   CG  SD   sing N N 317 
MET   CG  HG2  sing N N 318 
MET   CG  HG3  sing N N 319 
MET   SD  CE   sing N N 320 
MET   CE  HE1  sing N N 321 
MET   CE  HE2  sing N N 322 
MET   CE  HE3  sing N N 323 
MET   OXT HXT  sing N N 324 
MLE   N   CN   sing N N 325 
MLE   N   CA   sing N N 326 
MLE   N   H    sing N N 327 
MLE   CN  HN1  sing N N 328 
MLE   CN  HN2  sing N N 329 
MLE   CN  HN3  sing N N 330 
MLE   CA  CB   sing N N 331 
MLE   CA  C    sing N N 332 
MLE   CA  HA   sing N N 333 
MLE   CB  CG   sing N N 334 
MLE   CB  HB2  sing N N 335 
MLE   CB  HB3  sing N N 336 
MLE   CG  CD1  sing N N 337 
MLE   CG  CD2  sing N N 338 
MLE   CG  HG   sing N N 339 
MLE   CD1 HD11 sing N N 340 
MLE   CD1 HD12 sing N N 341 
MLE   CD1 HD13 sing N N 342 
MLE   CD2 HD21 sing N N 343 
MLE   CD2 HD22 sing N N 344 
MLE   CD2 HD23 sing N N 345 
MLE   C   O    doub N N 346 
MLE   C   OXT  sing N N 347 
MLE   OXT HXT  sing N N 348 
NIY   N   CA   sing N N 349 
NIY   N   H    sing N N 350 
NIY   N   H2   sing N N 351 
NIY   CA  C    sing N N 352 
NIY   CA  CB   sing N N 353 
NIY   CA  HA   sing N N 354 
NIY   C   O    doub N N 355 
NIY   C   OXT  sing N N 356 
NIY   CB  CG   sing N N 357 
NIY   CB  HB2  sing N N 358 
NIY   CB  HB3  sing N N 359 
NIY   CG  CD1  doub Y N 360 
NIY   CG  CD2  sing Y N 361 
NIY   CD1 CE1  sing Y N 362 
NIY   CD1 HD1  sing N N 363 
NIY   CD2 CE2  doub Y N 364 
NIY   CD2 HD2  sing N N 365 
NIY   CE1 CZ   doub Y N 366 
NIY   CE1 NN   sing N N 367 
NIY   CE2 CZ   sing Y N 368 
NIY   CE2 HE2  sing N N 369 
NIY   CZ  OH   sing N N 370 
NIY   OH  HH   sing N N 371 
NIY   NN  O1   sing N N 372 
NIY   NN  O2   doub N N 373 
NIY   OXT HXT  sing N N 374 
NLE   N   CA   sing N N 375 
NLE   N   H    sing N N 376 
NLE   N   H2   sing N N 377 
NLE   CA  C    sing N N 378 
NLE   CA  CB   sing N N 379 
NLE   CA  HA   sing N N 380 
NLE   C   O    doub N N 381 
NLE   C   OXT  sing N N 382 
NLE   OXT HXT  sing N N 383 
NLE   CB  CG   sing N N 384 
NLE   CB  HB2  sing N N 385 
NLE   CB  HB3  sing N N 386 
NLE   CG  CD   sing N N 387 
NLE   CG  HG2  sing N N 388 
NLE   CG  HG3  sing N N 389 
NLE   CD  CE   sing N N 390 
NLE   CD  HD2  sing N N 391 
NLE   CD  HD3  sing N N 392 
NLE   CE  HE1  sing N N 393 
NLE   CE  HE2  sing N N 394 
NLE   CE  HE3  sing N N 395 
PHE   N   CA   sing N N 396 
PHE   N   H    sing N N 397 
PHE   N   H2   sing N N 398 
PHE   CA  C    sing N N 399 
PHE   CA  CB   sing N N 400 
PHE   CA  HA   sing N N 401 
PHE   C   O    doub N N 402 
PHE   C   OXT  sing N N 403 
PHE   CB  CG   sing N N 404 
PHE   CB  HB2  sing N N 405 
PHE   CB  HB3  sing N N 406 
PHE   CG  CD1  doub Y N 407 
PHE   CG  CD2  sing Y N 408 
PHE   CD1 CE1  sing Y N 409 
PHE   CD1 HD1  sing N N 410 
PHE   CD2 CE2  doub Y N 411 
PHE   CD2 HD2  sing N N 412 
PHE   CE1 CZ   doub Y N 413 
PHE   CE1 HE1  sing N N 414 
PHE   CE2 CZ   sing Y N 415 
PHE   CE2 HE2  sing N N 416 
PHE   CZ  HZ   sing N N 417 
PHE   OXT HXT  sing N N 418 
PRO   N   CA   sing N N 419 
PRO   N   CD   sing N N 420 
PRO   N   H    sing N N 421 
PRO   CA  C    sing N N 422 
PRO   CA  CB   sing N N 423 
PRO   CA  HA   sing N N 424 
PRO   C   O    doub N N 425 
PRO   C   OXT  sing N N 426 
PRO   CB  CG   sing N N 427 
PRO   CB  HB2  sing N N 428 
PRO   CB  HB3  sing N N 429 
PRO   CG  CD   sing N N 430 
PRO   CG  HG2  sing N N 431 
PRO   CG  HG3  sing N N 432 
PRO   CD  HD2  sing N N 433 
PRO   CD  HD3  sing N N 434 
PRO   OXT HXT  sing N N 435 
SER   N   CA   sing N N 436 
SER   N   H    sing N N 437 
SER   N   H2   sing N N 438 
SER   CA  C    sing N N 439 
SER   CA  CB   sing N N 440 
SER   CA  HA   sing N N 441 
SER   C   O    doub N N 442 
SER   C   OXT  sing N N 443 
SER   CB  OG   sing N N 444 
SER   CB  HB2  sing N N 445 
SER   CB  HB3  sing N N 446 
SER   OG  HG   sing N N 447 
SER   OXT HXT  sing N N 448 
THR   N   CA   sing N N 449 
THR   N   H    sing N N 450 
THR   N   H2   sing N N 451 
THR   CA  C    sing N N 452 
THR   CA  CB   sing N N 453 
THR   CA  HA   sing N N 454 
THR   C   O    doub N N 455 
THR   C   OXT  sing N N 456 
THR   CB  OG1  sing N N 457 
THR   CB  CG2  sing N N 458 
THR   CB  HB   sing N N 459 
THR   OG1 HG1  sing N N 460 
THR   CG2 HG21 sing N N 461 
THR   CG2 HG22 sing N N 462 
THR   CG2 HG23 sing N N 463 
THR   OXT HXT  sing N N 464 
TYR   N   CA   sing N N 465 
TYR   N   H    sing N N 466 
TYR   N   H2   sing N N 467 
TYR   CA  C    sing N N 468 
TYR   CA  CB   sing N N 469 
TYR   CA  HA   sing N N 470 
TYR   C   O    doub N N 471 
TYR   C   OXT  sing N N 472 
TYR   CB  CG   sing N N 473 
TYR   CB  HB2  sing N N 474 
TYR   CB  HB3  sing N N 475 
TYR   CG  CD1  doub Y N 476 
TYR   CG  CD2  sing Y N 477 
TYR   CD1 CE1  sing Y N 478 
TYR   CD1 HD1  sing N N 479 
TYR   CD2 CE2  doub Y N 480 
TYR   CD2 HD2  sing N N 481 
TYR   CE1 CZ   doub Y N 482 
TYR   CE1 HE1  sing N N 483 
TYR   CE2 CZ   sing Y N 484 
TYR   CE2 HE2  sing N N 485 
TYR   CZ  OH   sing N N 486 
TYR   OH  HH   sing N N 487 
TYR   OXT HXT  sing N N 488 
VAL   N   CA   sing N N 489 
VAL   N   H    sing N N 490 
VAL   N   H2   sing N N 491 
VAL   CA  C    sing N N 492 
VAL   CA  CB   sing N N 493 
VAL   CA  HA   sing N N 494 
VAL   C   O    doub N N 495 
VAL   C   OXT  sing N N 496 
VAL   CB  CG1  sing N N 497 
VAL   CB  CG2  sing N N 498 
VAL   CB  HB   sing N N 499 
VAL   CG1 HG11 sing N N 500 
VAL   CG1 HG12 sing N N 501 
VAL   CG1 HG13 sing N N 502 
VAL   CG2 HG21 sing N N 503 
VAL   CG2 HG22 sing N N 504 
VAL   CG2 HG23 sing N N 505 
VAL   OXT HXT  sing N N 506 
# 
_pdbx_audit_support.funding_organization   
'National Institutes of Health/National Institute Of Allergy and Infectious Diseases (NIH/NIAID)' 
_pdbx_audit_support.country                'United States' 
_pdbx_audit_support.grant_number           U19AI142735 
_pdbx_audit_support.ordinal                1 
# 
_pdbx_initial_refinement_model.id               1 
_pdbx_initial_refinement_model.entity_id_list   ? 
_pdbx_initial_refinement_model.type             'experimental model' 
_pdbx_initial_refinement_model.source_name      PDB 
_pdbx_initial_refinement_model.accession_code   6cn8 
_pdbx_initial_refinement_model.details          ? 
# 
_space_group.name_H-M_alt     'P 21 21 21' 
_space_group.name_Hall        'P 2ac 2ab' 
_space_group.IT_number        19 
_space_group.crystal_system   orthorhombic 
_space_group.id               1 
# 
_atom_sites.entry_id                    9DIN 
_atom_sites.Cartn_transf_matrix[1][1]   ? 
_atom_sites.Cartn_transf_matrix[1][2]   ? 
_atom_sites.Cartn_transf_matrix[1][3]   ? 
_atom_sites.Cartn_transf_matrix[2][1]   ? 
_atom_sites.Cartn_transf_matrix[2][2]   ? 
_atom_sites.Cartn_transf_matrix[2][3]   ? 
_atom_sites.Cartn_transf_matrix[3][1]   ? 
_atom_sites.Cartn_transf_matrix[3][2]   ? 
_atom_sites.Cartn_transf_matrix[3][3]   ? 
_atom_sites.Cartn_transf_vector[1]      ? 
_atom_sites.Cartn_transf_vector[2]      ? 
_atom_sites.Cartn_transf_vector[3]      ? 
_atom_sites.Cartn_transform_axes        ? 
_atom_sites.fract_transf_matrix[1][1]   0.00177285 
_atom_sites.fract_transf_matrix[1][2]   0.02508010 
_atom_sites.fract_transf_matrix[1][3]   0.01532685 
_atom_sites.fract_transf_matrix[2][1]   0.01530632 
_atom_sites.fract_transf_matrix[2][2]   -0.00484365 
_atom_sites.fract_transf_matrix[2][3]   0.00615544 
_atom_sites.fract_transf_matrix[3][1]   0.00743431 
_atom_sites.fract_transf_matrix[3][2]   0.00727393 
_atom_sites.fract_transf_matrix[3][3]   -0.01276262 
_atom_sites.fract_transf_vector[1]      -0.320321 
_atom_sites.fract_transf_vector[2]      -0.136538 
_atom_sites.fract_transf_vector[3]      0.185073 
_atom_sites.solution_primary            ? 
_atom_sites.solution_secondary          ? 
_atom_sites.solution_hydrogens          ? 
_atom_sites.special_details             ? 
# 
loop_
_atom_type.symbol 
_atom_type.scat_dispersion_real 
_atom_type.scat_dispersion_imag 
_atom_type.scat_Cromer_Mann_a1 
_atom_type.scat_Cromer_Mann_a2 
_atom_type.scat_Cromer_Mann_a3 
_atom_type.scat_Cromer_Mann_a4 
_atom_type.scat_Cromer_Mann_b1 
_atom_type.scat_Cromer_Mann_b2 
_atom_type.scat_Cromer_Mann_b3 
_atom_type.scat_Cromer_Mann_b4 
_atom_type.scat_Cromer_Mann_c 
_atom_type.scat_source 
_atom_type.scat_dispersion_source 
C  ? ? 3.54356 2.42580 ? ? 25.62398 1.50364  ? ? 0.0 
;2-Gaussian fit: Grosse-Kunstleve RW, Sauter NK, Adams PD: Newsletter of the IUCr Commission on Crystallographic Computing 2004, 3, 22-31.
;
? 
CL ? ? 9.50761 7.44341 ? ? 1.04373  23.83732 ? ? 0.0 
;2-Gaussian fit: Grosse-Kunstleve RW, Sauter NK, Adams PD: Newsletter of the IUCr Commission on Crystallographic Computing 2004, 3, 22-31.
;
? 
H  ? ? 0.51345 0.48472 ? ? 24.73122 6.32584  ? ? 0.0 
;2-Gaussian fit: Grosse-Kunstleve RW, Sauter NK, Adams PD: Newsletter of the IUCr Commission on Crystallographic Computing 2004, 3, 22-31.
;
? 
N  ? ? 4.01032 2.96436 ? ? 19.97189 1.75589  ? ? 0.0 
;2-Gaussian fit: Grosse-Kunstleve RW, Sauter NK, Adams PD: Newsletter of the IUCr Commission on Crystallographic Computing 2004, 3, 22-31.
;
? 
O  ? ? 4.49882 3.47563 ? ? 15.80542 1.70748  ? ? 0.0 
;2-Gaussian fit: Grosse-Kunstleve RW, Sauter NK, Adams PD: Newsletter of the IUCr Commission on Crystallographic Computing 2004, 3, 22-31.
;
? 
S  ? ? 9.55732 6.39887 ? ? 1.23737  29.19336 ? ? 0.0 
;2-Gaussian fit: Grosse-Kunstleve RW, Sauter NK, Adams PD: Newsletter of the IUCr Commission on Crystallographic Computing 2004, 3, 22-31.
;
? 
# 
loop_
_atom_site.group_PDB 
_atom_site.id 
_atom_site.type_symbol 
_atom_site.label_atom_id 
_atom_site.label_alt_id 
_atom_site.label_comp_id 
_atom_site.label_asym_id 
_atom_site.label_entity_id 
_atom_site.label_seq_id 
_atom_site.pdbx_PDB_ins_code 
_atom_site.Cartn_x 
_atom_site.Cartn_y 
_atom_site.Cartn_z 
_atom_site.occupancy 
_atom_site.B_iso_or_equiv 
_atom_site.pdbx_formal_charge 
_atom_site.auth_seq_id 
_atom_site.auth_comp_id 
_atom_site.auth_asym_id 
_atom_site.auth_atom_id 
_atom_site.pdbx_PDB_model_num 
ATOM   1    N  N   . ALA   A 1 1   ? -0.00107  -16.05596 -1.84180  1.000 45.64402 ? 1   ALA   A N   1 
ATOM   2    C  CA  . ALA   A 1 1   ? -1.32831  -15.60872 -1.44604  1.000 34.08589 ? 1   ALA   A CA  1 
ATOM   3    C  C   . ALA   A 1 1   ? -1.40015  -15.17927 0.02064   1.000 30.72114 ? 1   ALA   A C   1 
ATOM   4    O  O   . ALA   A 1 1   ? -0.38830  -15.13142 0.72476   1.000 27.69410 ? 1   ALA   A O   1 
ATOM   5    C  CB  . ALA   A 1 1   ? -2.35081  -16.68299 -1.71270  1.000 29.53794 ? 1   ALA   A CB  1 
ATOM   6    N  N   . PHE   A 1 2   ? -2.61978  -14.86740 0.46660   1.000 25.34316 ? 2   PHE   A N   1 
ATOM   7    C  CA  . PHE   A 1 2   ? -2.80073  -14.17208 1.73799   1.000 26.75244 ? 2   PHE   A CA  1 
ATOM   8    C  C   . PHE   A 1 2   ? -2.49242  -15.06936 2.93153   1.000 26.83287 ? 2   PHE   A C   1 
ATOM   9    O  O   . PHE   A 1 2   ? -2.25811  -14.55941 4.03641   1.000 21.06847 ? 2   PHE   A O   1 
ATOM   10   C  CB  . PHE   A 1 2   ? -4.22752  -13.61915 1.83931   1.000 25.90453 ? 2   PHE   A CB  1 
ATOM   11   C  CG  . PHE   A 1 2   ? -4.49700  -12.41736 0.95702   1.000 23.79353 ? 2   PHE   A CG  1 
ATOM   12   C  CD1 . PHE   A 1 2   ? -3.60620  -11.36270 0.89627   1.000 20.82038 ? 2   PHE   A CD1 1 
ATOM   13   C  CD2 . PHE   A 1 2   ? -5.66725  -12.34627 0.19121   1.000 19.58158 ? 2   PHE   A CD2 1 
ATOM   14   C  CE1 . PHE   A 1 2   ? -3.84798  -10.26339 0.10400   1.000 17.73733 ? 2   PHE   A CE1 1 
ATOM   15   C  CE2 . PHE   A 1 2   ? -5.91290  -11.25549 -0.61966  1.000 20.71262 ? 2   PHE   A CE2 1 
ATOM   16   C  CZ  . PHE   A 1 2   ? -5.01422  -10.19915 -0.65792  1.000 22.40549 ? 2   PHE   A CZ  1 
ATOM   17   N  N   . GLU   A 1 3   ? -2.47312  -16.38992 2.74144   1.000 26.51086 ? 3   GLU   A N   1 
ATOM   18   C  CA  . GLU   A 1 3   ? -2.06484  -17.25551 3.83879   1.000 30.85842 ? 3   GLU   A CA  1 
ATOM   19   C  C   . GLU   A 1 3   ? -0.64398  -16.95425 4.27118   1.000 28.53115 ? 3   GLU   A C   1 
ATOM   20   O  O   . GLU   A 1 3   ? -0.30677  -17.19673 5.43090   1.000 30.63690 ? 3   GLU   A O   1 
ATOM   21   C  CB  . GLU   A 1 3   ? -2.18216  -18.74125 3.46258   1.000 35.70513 ? 3   GLU   A CB  1 
ATOM   22   C  CG  . GLU   A 1 3   ? -1.14652  -19.24555 2.46744   1.000 37.23371 ? 3   GLU   A CG  1 
ATOM   23   C  CD  . GLU   A 1 3   ? -1.59205  -19.07206 1.02479   1.000 45.99920 ? 3   GLU   A CD  1 
ATOM   24   O  OE1 . GLU   A 1 3   ? -2.62752  -18.40749 0.80055   1.000 38.09972 ? 3   GLU   A OE1 1 
ATOM   25   O  OE2 . GLU   A 1 3   ? -0.90926  -19.60285 0.11917   1.000 54.25848 ? 3   GLU   A OE2 1 
ATOM   26   N  N   . ARG   A 1 4   ? 0.18194   -16.41587 3.36671   1.000 26.21833 ? 4   ARG   A N   1 
ATOM   27   C  CA  . ARG   A 1 4   ? 1.54739   -16.02165 3.68682   1.000 26.36671 ? 4   ARG   A CA  1 
ATOM   28   C  C   . ARG   A 1 4   ? 1.64109   -14.63682 4.31494   1.000 23.08935 ? 4   ARG   A C   1 
ATOM   29   O  O   . ARG   A 1 4   ? 2.70822   -14.28396 4.83176   1.000 24.34394 ? 4   ARG   A O   1 
ATOM   30   C  CB  . ARG   A 1 4   ? 2.42197   -16.05787 2.42768   1.000 31.04892 ? 4   ARG   A CB  1 
ATOM   31   C  CG  . ARG   A 1 4   ? 2.79369   -17.44288 1.91738   1.000 37.82677 ? 4   ARG   A CG  1 
ATOM   32   C  CD  . ARG   A 1 4   ? 3.67455   -17.30540 0.68098   1.000 42.25500 ? 4   ARG   A CD  1 
ATOM   33   N  NE  . ARG   A 1 4   ? 4.27880   -18.56457 0.26230   1.000 57.25776 ? 4   ARG   A NE  1 
ATOM   34   C  CZ  . ARG   A 1 4   ? 5.49881   -18.96284 0.60078   1.000 61.47070 ? 4   ARG   A CZ  1 
ATOM   35   N  NH1 . ARG   A 1 4   ? 6.28602   -18.21684 1.35856   1.000 51.47651 ? 4   ARG   A NH1 1 
ATOM   36   N  NH2 . ARG   A 1 4   ? 5.94150   -20.13956 0.16713   1.000 74.36175 ? 4   ARG   A NH2 1 
ATOM   37   N  N   . PHE   A 1 5   ? 0.56620   -13.84556 4.31312   1.000 19.08585 ? 5   PHE   A N   1 
ATOM   38   C  CA  . PHE   A 1 5   ? 0.67342   -12.51263 4.86123   1.000 20.56161 ? 5   PHE   A CA  1 
ATOM   39   C  C   . PHE   A 1 5   ? 0.72636   -12.56582 6.38892   1.000 22.93540 ? 5   PHE   A C   1 
ATOM   40   O  O   . PHE   A 1 5   ? -0.01266  -13.32247 7.02716   1.000 24.13617 ? 5   PHE   A O   1 
ATOM   41   C  CB  . PHE   A 1 5   ? -0.51049  -11.65999 4.39709   1.000 19.81877 ? 5   PHE   A CB  1 
ATOM   42   C  CG  . PHE   A 1 5   ? -0.34686  -11.06176 3.01182   1.000 18.65509 ? 5   PHE   A CG  1 
ATOM   43   C  CD1 . PHE   A 1 5   ? 0.12600   -11.81344 1.94862   1.000 21.31760 ? 5   PHE   A CD1 1 
ATOM   44   C  CD2 . PHE   A 1 5   ? -0.72543  -9.74491  2.77591   1.000 19.07382 ? 5   PHE   A CD2 1 
ATOM   45   C  CE1 . PHE   A 1 5   ? 0.25782   -11.24904 0.67053   1.000 18.91574 ? 5   PHE   A CE1 1 
ATOM   46   C  CE2 . PHE   A 1 5   ? -0.58649  -9.16958  1.52992   1.000 20.01736 ? 5   PHE   A CE2 1 
ATOM   47   C  CZ  . PHE   A 1 5   ? -0.08648  -9.91613  0.46599   1.000 16.18833 ? 5   PHE   A CZ  1 
ATOM   48   N  N   . THR   A 1 6   ? 1.61377   -11.76394 6.98237   1.000 22.89049 ? 6   THR   A N   1 
ATOM   49   C  CA  . THR   A 1 6   ? 1.55664   -11.57837 8.42175   1.000 21.82349 ? 6   THR   A CA  1 
ATOM   50   C  C   . THR   A 1 6   ? 0.24632   -10.90912 8.81456   1.000 23.57246 ? 6   THR   A C   1 
ATOM   51   O  O   . THR   A 1 6   ? -0.47739  -10.36268 7.97930   1.000 23.15677 ? 6   THR   A O   1 
ATOM   52   C  CB  . THR   A 1 6   ? 2.70307   -10.71077 8.91849   1.000 22.75414 ? 6   THR   A CB  1 
ATOM   53   O  OG1 . THR   A 1 6   ? 2.52561   -9.37170  8.46357   1.000 21.54975 ? 6   THR   A OG1 1 
ATOM   54   C  CG2 . THR   A 1 6   ? 4.04503   -11.23955 8.40719   1.000 25.83457 ? 6   THR   A CG2 1 
ATOM   55   N  N   . ASP   A 1 7   ? -0.02922  -10.91462 10.12271  1.000 24.81847 ? 7   ASP   A N   1 
ATOM   56   C  CA  . ASP   A 1 7   ? -1.24441  -10.27665 10.62796  1.000 27.72806 ? 7   ASP   A CA  1 
ATOM   57   C  C   . ASP   A 1 7   ? -1.26951  -8.78803  10.29164  1.000 26.92538 ? 7   ASP   A C   1 
ATOM   58   O  O   . ASP   A 1 7   ? -2.30668  -8.25139  9.86245   1.000 23.81620 ? 7   ASP   A O   1 
ATOM   59   C  CB  . ASP   A 1 7   ? -1.35535  -10.49738 12.14178  1.000 33.36213 ? 7   ASP   A CB  1 
ATOM   60   C  CG  . ASP   A 1 7   ? -2.65748  -9.94334  12.72806  1.000 51.46637 ? 7   ASP   A CG  1 
ATOM   61   O  OD1 . ASP   A 1 7   ? -3.74184  -10.50267 12.43088  1.000 40.77184 ? 7   ASP   A OD1 1 
ATOM   62   O  OD2 . ASP   A 1 7   ? -2.59325  -8.94843  13.49000  1.000 45.07092 ? 7   ASP   A OD2 1 
ATOM   63   N  N   . ARG   A 1 8   ? -0.13234  -8.10376  10.45514  1.000 22.86474 ? 8   ARG   A N   1 
ATOM   64   C  CA  . ARG   A 1 8   ? -0.06660  -6.69460  10.09190  1.000 26.28231 ? 8   ARG   A CA  1 
ATOM   65   C  C   . ARG   A 1 8   ? -0.30380  -6.48589  8.60561   1.000 21.14591 ? 8   ARG   A C   1 
ATOM   66   O  O   . ARG   A 1 8   ? -0.91860  -5.49470  8.21187   1.000 22.47198 ? 8   ARG   A O   1 
ATOM   67   C  CB  . ARG   A 1 8   ? 1.28729   -6.10346  10.46977  1.000 27.95578 ? 8   ARG   A CB  1 
ATOM   68   C  CG  . ARG   A 1 8   ? 1.45387   -5.78241  11.91550  1.000 35.74871 ? 8   ARG   A CG  1 
ATOM   69   C  CD  . ARG   A 1 8   ? 2.79557   -5.09059  12.10698  1.000 39.71611 ? 8   ARG   A CD  1 
ATOM   70   N  NE  . ARG   A 1 8   ? 3.14305   -5.06073  13.51551  1.000 42.86655 ? 8   ARG   A NE  1 
ATOM   71   C  CZ  . ARG   A 1 8   ? 3.70450   -6.07791  14.15115  1.000 56.27083 ? 8   ARG   A CZ  1 
ATOM   72   N  NH1 . ARG   A 1 8   ? 4.02381   -7.19711  13.51732  1.000 62.67449 ? 8   ARG   A NH1 1 
ATOM   73   N  NH2 . ARG   A 1 8   ? 3.94191   -5.97521  15.45448  1.000 62.06665 ? 8   ARG   A NH2 1 
ATOM   74   N  N   . ALA   A 1 9   ? 0.23369   -7.37462  7.76252   1.000 20.02004 ? 9   ALA   A N   1 
ATOM   75   C  CA  . ALA   A 1 9   ? 0.06057   -7.22136  6.31884   1.000 20.32897 ? 9   ALA   A CA  1 
ATOM   76   C  C   . ALA   A 1 9   ? -1.39447  -7.45383  5.91862   1.000 20.94509 ? 9   ALA   A C   1 
ATOM   77   O  O   . ALA   A 1 9   ? -1.95132  -6.72667  5.07092   1.000 20.72224 ? 9   ALA   A O   1 
ATOM   78   C  CB  . ALA   A 1 9   ? 0.98680   -8.17717  5.56805   1.000 19.21605 ? 9   ALA   A CB  1 
ATOM   79   N  N   . ARG   A 1 10  ? -2.02335  -8.47491  6.51302   1.000 22.66279 ? 10  ARG   A N   1 
ATOM   80   C  CA  . ARG   A 1 10  ? -3.45632  -8.66737  6.28461   1.000 19.70801 ? 10  ARG   A CA  1 
ATOM   81   C  C   . ARG   A 1 10  ? -4.22424  -7.42759  6.68922   1.000 23.67773 ? 10  ARG   A C   1 
ATOM   82   O  O   . ARG   A 1 10  ? -5.13797  -6.98611  5.97653   1.000 22.09760 ? 10  ARG   A O   1 
ATOM   83   C  CB  . ARG   A 1 10  ? -3.95867  -9.86964  7.07983   1.000 20.27113 ? 10  ARG   A CB  1 
ATOM   84   C  CG  . ARG   A 1 10  ? -3.41875  -11.17642 6.61755   1.000 25.99352 ? 10  ARG   A CG  1 
ATOM   85   C  CD  . ARG   A 1 10  ? -3.91210  -12.33039 7.45750   1.000 26.02054 ? 10  ARG   A CD  1 
ATOM   86   N  NE  . ARG   A 1 10  ? -3.05172  -13.48159 7.21524   1.000 26.07334 ? 10  ARG   A NE  1 
ATOM   87   C  CZ  . ARG   A 1 10  ? -3.30115  -14.72676 7.59791   1.000 29.04057 ? 10  ARG   A CZ  1 
ATOM   88   N  NH1 . ARG   A 1 10  ? -4.38624  -15.03778 8.28813   1.000 31.33542 ? 10  ARG   A NH1 1 
ATOM   89   N  NH2 . ARG   A 1 10  ? -2.43447  -15.68226 7.28335   1.000 31.82467 ? 10  ARG   A NH2 1 
ATOM   90   N  N   . ARG   A 1 11  ? -3.85258  -6.83758  7.83052   1.000 18.71764 ? 11  ARG   A N   1 
ATOM   91   C  CA  . ARG   A 1 11  ? -4.53999  -5.63613  8.27308   1.000 23.34601 ? 11  ARG   A CA  1 
ATOM   92   C  C   . ARG   A 1 11  ? -4.31133  -4.48609  7.31182   1.000 23.73793 ? 11  ARG   A C   1 
ATOM   93   O  O   . ARG   A 1 11  ? -5.21670  -3.68791  7.10342   1.000 23.65386 ? 11  ARG   A O   1 
ATOM   94   C  CB  . ARG   A 1 11  ? -4.10051  -5.25358  9.68658   1.000 31.27445 ? 11  ARG   A CB  1 
ATOM   95   C  CG  . ARG   A 1 11  ? -4.83301  -4.02277  10.20895  1.000 42.32660 ? 11  ARG   A CG  1 
ATOM   96   C  CD  . ARG   A 1 11  ? -4.62984  -3.80888  11.69837  1.000 49.43733 ? 11  ARG   A CD  1 
ATOM   97   N  NE  . ARG   A 1 11  ? -5.13805  -4.93683  12.46077  1.000 59.20354 ? 11  ARG   A NE  1 
ATOM   98   C  CZ  . ARG   A 1 11  ? -4.37496  -5.87352  13.00276  1.000 57.75191 ? 11  ARG   A CZ  1 
ATOM   99   N  NH1 . ARG   A 1 11  ? -3.05029  -5.81708  12.93170  1.000 56.53877 ? 11  ARG   A NH1 1 
ATOM   100  N  NH2 . ARG   A 1 11  ? -4.95397  -6.89134  13.63134  1.000 52.84344 ? 11  ARG   A NH2 1 
ATOM   101  N  N   . VAL   A 1 12  ? -3.12492  -4.38661  6.70811   1.000 21.57355 ? 12  VAL   A N   1 
ATOM   102  C  CA  . VAL   A 1 12  ? -2.90989  -3.37220  5.67812   1.000 18.87881 ? 12  VAL   A CA  1 
ATOM   103  C  C   . VAL   A 1 12  ? -3.94155  -3.50295  4.56276   1.000 18.53568 ? 12  VAL   A C   1 
ATOM   104  O  O   . VAL   A 1 12  ? -4.46943  -2.49533  4.06304   1.000 19.84474 ? 12  VAL   A O   1 
ATOM   105  C  CB  . VAL   A 1 12  ? -1.48269  -3.47848  5.11644   1.000 20.60906 ? 12  VAL   A CB  1 
ATOM   106  C  CG1 . VAL   A 1 12  ? -1.32157  -2.62715  3.87900   1.000 20.05461 ? 12  VAL   A CG1 1 
ATOM   107  C  CG2 . VAL   A 1 12  ? -0.46344  -3.07595  6.17985   1.000 18.39340 ? 12  VAL   A CG2 1 
ATOM   108  N  N   . VAL   A 1 13  ? -4.20146  -4.73902  4.12206   1.000 19.96599 ? 13  VAL   A N   1 
ATOM   109  C  CA  . VAL   A 1 13  ? -5.17360  -4.93597  3.03118   1.000 19.61479 ? 13  VAL   A CA  1 
ATOM   110  C  C   . VAL   A 1 13  ? -6.58208  -4.54451  3.47952   1.000 21.34886 ? 13  VAL   A C   1 
ATOM   111  O  O   . VAL   A 1 13  ? -7.33660  -3.89087  2.72981   1.000 23.19911 ? 13  VAL   A O   1 
ATOM   112  C  CB  . VAL   A 1 13  ? -5.11989  -6.38470  2.52576   1.000 19.35541 ? 13  VAL   A CB  1 
ATOM   113  C  CG1 . VAL   A 1 13  ? -6.23054  -6.65379  1.47373   1.000 21.60340 ? 13  VAL   A CG1 1 
ATOM   114  C  CG2 . VAL   A 1 13  ? -3.73293  -6.68480  1.94297   1.000 21.64464 ? 13  VAL   A CG2 1 
ATOM   115  N  N   . VAL   A 1 14  ? -6.97083  -4.94633  4.69588   1.000 22.23439 ? 14  VAL   A N   1 
ATOM   116  C  CA  . VAL   A 1 14  ? -8.30787  -4.57562  5.19178   1.000 20.33923 ? 14  VAL   A CA  1 
ATOM   117  C  C   . VAL   A 1 14  ? -8.43075  -3.06461  5.31952   1.000 23.92664 ? 14  VAL   A C   1 
ATOM   118  O  O   . VAL   A 1 14  ? -9.46706  -2.46134  4.98329   1.000 24.30729 ? 14  VAL   A O   1 
ATOM   119  C  CB  . VAL   A 1 14  ? -8.60544  -5.26629  6.53615   1.000 21.47204 ? 14  VAL   A CB  1 
ATOM   120  C  CG1 . VAL   A 1 14  ? -9.99470  -4.87529  7.02899   1.000 30.12617 ? 14  VAL   A CG1 1 
ATOM   121  C  CG2 . VAL   A 1 14  ? -8.49721  -6.76878  6.40278   1.000 26.73519 ? 14  VAL   A CG2 1 
ATOM   122  N  N   . LEU   A 1 15  ? -7.38517  -2.42889  5.82582   1.000 21.39799 ? 15  LEU   A N   1 
ATOM   123  C  CA  . LEU   A 1 15  ? -7.37395  -0.98522  5.94373   1.000 22.94245 ? 15  LEU   A CA  1 
ATOM   124  C  C   . LEU   A 1 15  ? -7.44974  -0.32739  4.57228   1.000 21.88258 ? 15  LEU   A C   1 
ATOM   125  O  O   . LEU   A 1 15  ? -8.06440  0.72752   4.42530   1.000 25.09035 ? 15  LEU   A O   1 
ATOM   126  C  CB  . LEU   A 1 15  ? -6.11564  -0.54969  6.68399   1.000 23.84517 ? 15  LEU   A CB  1 
ATOM   127  C  CG  . LEU   A 1 15  ? -6.11108  -0.84691  8.17710   1.000 23.80257 ? 15  LEU   A CG  1 
ATOM   128  C  CD1 . LEU   A 1 15  ? -4.69623  -0.65243  8.72393   1.000 24.44763 ? 15  LEU   A CD1 1 
ATOM   129  C  CD2 . LEU   A 1 15  ? -7.09779  0.03515   8.92156   1.000 29.20662 ? 15  LEU   A CD2 1 
ATOM   130  N  N   . ALA   A 1 16  ? -6.79666  -0.90990  3.56594   1.000 22.98438 ? 16  ALA   A N   1 
ATOM   131  C  CA  . ALA   A 1 16  ? -6.87259  -0.33931  2.22312   1.000 17.58795 ? 16  ALA   A CA  1 
ATOM   132  C  C   . ALA   A 1 16  ? -8.30462  -0.33886  1.73233   1.000 23.84679 ? 16  ALA   A C   1 
ATOM   133  O  O   . ALA   A 1 16  ? -8.78511  0.66199   1.17247   1.000 22.79571 ? 16  ALA   A O   1 
ATOM   134  C  CB  . ALA   A 1 16  ? -5.97396  -1.12789  1.26708   1.000 20.14332 ? 16  ALA   A CB  1 
ATOM   135  N  N   . GLN   A 1 17  ? -9.00400  -1.45074  1.96388   1.000 21.36733 ? 17  GLN   A N   1 
ATOM   136  C  CA  . GLN   A 1 17  ? -10.40961 -1.53294  1.57399   1.000 23.71740 ? 17  GLN   A CA  1 
ATOM   137  C  C   . GLN   A 1 17  ? -11.24035 -0.47578  2.27475   1.000 25.46837 ? 17  GLN   A C   1 
ATOM   138  O  O   . GLN   A 1 17  ? -12.09977 0.17516   1.65291   1.000 25.62345 ? 17  GLN   A O   1 
ATOM   139  C  CB  . GLN   A 1 17  ? -10.97793 -2.91293  1.88573   1.000 25.64839 ? 17  GLN   A CB  1 
ATOM   140  C  CG  . GLN   A 1 17  ? -12.47283 -2.98132  1.58306   1.000 26.88381 ? 17  GLN   A CG  1 
ATOM   141  C  CD  . GLN   A 1 17  ? -13.05496 -4.35811  1.76493   1.000 28.64238 ? 17  GLN   A CD  1 
ATOM   142  O  OE1 . GLN   A 1 17  ? -13.27422 -5.07647  0.79713   1.000 29.49867 ? 17  GLN   A OE1 1 
ATOM   143  N  NE2 . GLN   A 1 17  ? -13.35086 -4.71540  3.00297   1.000 26.70729 ? 17  GLN   A NE2 1 
ATOM   144  N  N   . GLU   A 1 18  ? -11.02186 -0.30241  3.57444   1.000 23.49822 ? 18  GLU   A N   1 
ATOM   145  C  CA  . GLU   A 1 18  ? -11.87089 0.64195   4.28395   1.000 26.07051 ? 18  GLU   A CA  1 
ATOM   146  C  C   . GLU   A 1 18  ? -11.48174 2.08853   3.99429   1.000 28.64969 ? 18  GLU   A C   1 
ATOM   147  O  O   . GLU   A 1 18  ? -12.34176 2.97287   4.02897   1.000 27.46905 ? 18  GLU   A O   1 
ATOM   148  C  CB  . GLU   A 1 18  ? -11.85526 0.32904   5.77316   1.000 28.11873 ? 18  GLU   A CB  1 
ATOM   149  C  CG  . GLU   A 1 18  ? -12.30421 -1.10416  6.08640   1.000 27.24796 ? 18  GLU   A CG  1 
ATOM   150  C  CD  . GLU   A 1 18  ? -13.64501 -1.49088  5.43415   1.000 35.77807 ? 18  GLU   A CD  1 
ATOM   151  O  OE1 . GLU   A 1 18  ? -14.55012 -0.63566  5.34073   1.000 33.97538 ? 18  GLU   A OE1 1 
ATOM   152  O  OE2 . GLU   A 1 18  ? -13.79310 -2.65967  4.99956   1.000 35.21955 ? 18  GLU   A OE2 1 
ATOM   153  N  N   . GLU   A 1 19  ? -10.21604 2.35069   3.66597   1.000 25.00416 ? 19  GLU   A N   1 
ATOM   154  C  CA  . GLU   A 1 19  ? -9.85280  3.66899   3.15770   1.000 27.42838 ? 19  GLU   A CA  1 
ATOM   155  C  C   . GLU   A 1 19  ? -10.60391 3.97331   1.87950   1.000 27.33202 ? 19  GLU   A C   1 
ATOM   156  O  O   . GLU   A 1 19  ? -11.12211 5.08349   1.69786   1.000 27.41078 ? 19  GLU   A O   1 
ATOM   157  C  CB  . GLU   A 1 19  ? -8.35219  3.73343   2.90065   1.000 29.96827 ? 19  GLU   A CB  1 
ATOM   158  C  CG  . GLU   A 1 19  ? -7.58166  4.29479   4.04782   1.000 35.90773 ? 19  GLU   A CG  1 
ATOM   159  C  CD  . GLU   A 1 19  ? -7.87315  5.77114   4.25621   1.000 47.51407 ? 19  GLU   A CD  1 
ATOM   160  O  OE1 . GLU   A 1 19  ? -8.14554  6.47924   3.26434   1.000 46.48276 ? 19  GLU   A OE1 1 
ATOM   161  O  OE2 . GLU   A 1 19  ? -7.83798  6.22678   5.41581   1.000 54.50177 ? 19  GLU   A OE2 1 
ATOM   162  N  N   . ALA   A 1 20  ? -10.65894 2.99992   0.97162   1.000 23.67947 ? 20  ALA   A N   1 
ATOM   163  C  CA  . ALA   A 1 20  ? -11.40280 3.19531   -0.26670  1.000 25.37572 ? 20  ALA   A CA  1 
ATOM   164  C  C   . ALA   A 1 20  ? -12.86417 3.46931   0.03403   1.000 28.42218 ? 20  ALA   A C   1 
ATOM   165  O  O   . ALA   A 1 20  ? -13.45925 4.40246   -0.52526  1.000 24.41301 ? 20  ALA   A O   1 
ATOM   166  C  CB  . ALA   A 1 20  ? -11.24820 1.96955   -1.16857  1.000 25.87468 ? 20  ALA   A CB  1 
ATOM   167  N  N   . ARG   A 1 21  ? -13.45876 2.66643   0.92313   1.000 25.10882 ? 21  ARG   A N   1 
ATOM   168  C  CA  . ARG   A 1 21  ? -14.86866 2.85807   1.27030   1.000 28.60507 ? 21  ARG   A CA  1 
ATOM   169  C  C   . ARG   A 1 21  ? -15.11490 4.26825   1.79250   1.000 30.03089 ? 21  ARG   A C   1 
ATOM   170  O  O   . ARG   A 1 21  ? -16.06471 4.94689   1.37278   1.000 27.80858 ? 21  ARG   A O   1 
ATOM   171  C  CB  . ARG   A 1 21  ? -15.29555 1.81310   2.30131   1.000 29.22437 ? 21  ARG   A CB  1 
ATOM   172  C  CG  . ARG   A 1 21  ? -16.77623 1.51029   2.27315   1.000 32.01787 ? 21  ARG   A CG  1 
ATOM   173  C  CD  . ARG   A 1 21  ? -17.19213 0.55980   3.37924   1.000 36.04356 ? 21  ARG   A CD  1 
ATOM   174  N  NE  . ARG   A 1 21  ? -16.42781 -0.67781  3.36090   1.000 28.08253 ? 21  ARG   A NE  1 
ATOM   175  C  CZ  . ARG   A 1 21  ? -16.70479 -1.71346  2.58076   1.000 34.08912 ? 21  ARG   A CZ  1 
ATOM   176  N  NH1 . ARG   A 1 21  ? -17.67915 -1.66232  1.68562   1.000 40.07513 ? 21  ARG   A NH1 1 
ATOM   177  N  NH2 . ARG   A 1 21  ? -15.99241 -2.83128  2.70330   1.000 33.73178 ? 21  ARG   A NH2 1 
ATOM   178  N  N   . MET   A 1 22  ? -14.26098 4.74159   2.69633   1.000 25.31618 ? 22  MET   A N   1 
ATOM   179  C  CA  . MET   A 1 22  ? -14.48436 6.05388   3.29411   1.000 26.53347 ? 22  MET   A CA  1 
ATOM   180  C  C   . MET   A 1 22  ? -14.22400 7.20928   2.33236   1.000 29.88490 ? 22  MET   A C   1 
ATOM   181  O  O   . MET   A 1 22  ? -14.73224 8.31455   2.55966   1.000 33.47646 ? 22  MET   A O   1 
ATOM   182  C  CB  . MET   A 1 22  ? -13.64094 6.19834   4.55166   1.000 31.54206 ? 22  MET   A CB  1 
ATOM   183  C  CG  . MET   A 1 22  ? -14.10389 5.27169   5.66048   1.000 30.93209 ? 22  MET   A CG  1 
ATOM   184  S  SD  . MET   A 1 22  ? -15.85440 5.60691   6.09423   1.000 34.33631 ? 22  MET   A SD  1 
ATOM   185  C  CE  . MET   A 1 22  ? -16.61871 4.17927   5.33207   1.000 28.88144 ? 22  MET   A CE  1 
ATOM   186  N  N   . LEU   A 1 23  ? -13.48420 6.98052   1.25682   1.000 29.23045 ? 23  LEU   A N   1 
ATOM   187  C  CA  . LEU   A 1 23  ? -13.33156 7.95088   0.18506   1.000 30.70698 ? 23  LEU   A CA  1 
ATOM   188  C  C   . LEU   A 1 23  ? -14.43357 7.83577   -0.85960  1.000 29.78791 ? 23  LEU   A C   1 
ATOM   189  O  O   . LEU   A 1 23  ? -14.36525 8.50598   -1.89380  1.000 29.61261 ? 23  LEU   A O   1 
ATOM   190  C  CB  . LEU   A 1 23  ? -11.96560 7.78064   -0.47999  1.000 28.98987 ? 23  LEU   A CB  1 
ATOM   191  C  CG  . LEU   A 1 23  ? -10.76591 8.06025   0.40768   1.000 32.35887 ? 23  LEU   A CG  1 
ATOM   192  C  CD1 . LEU   A 1 23  ? -9.48474  7.49144   -0.21043  1.000 30.35073 ? 23  LEU   A CD1 1 
ATOM   193  C  CD2 . LEU   A 1 23  ? -10.67333 9.55708   0.64137   1.000 32.17251 ? 23  LEU   A CD2 1 
ATOM   194  N  N   . ASN   A 1 24  ? -15.45109 7.01845   -0.59533  1.000 26.91620 ? 24  ASN   A N   1 
ATOM   195  C  CA  . ASN   A 1 24  ? -16.47244 6.66116   -1.56939  1.000 34.01920 ? 24  ASN   A CA  1 
ATOM   196  C  C   . ASN   A 1 24  ? -15.85415 6.17954   -2.87625  1.000 30.24492 ? 24  ASN   A C   1 
ATOM   197  O  O   . ASN   A 1 24  ? -16.29450 6.53757   -3.96735  1.000 30.17368 ? 24  ASN   A O   1 
ATOM   198  C  CB  . ASN   A 1 24  ? -17.43076 7.83243   -1.82326  1.000 36.47957 ? 24  ASN   A CB  1 
ATOM   199  C  CG  . ASN   A 1 24  ? -18.05539 8.36284   -0.55043  1.000 42.21198 ? 24  ASN   A CG  1 
ATOM   200  O  OD1 . ASN   A 1 24  ? -17.95951 7.74740   0.51579   1.000 46.92894 ? 24  ASN   A OD1 1 
ATOM   201  N  ND2 . ASN   A 1 24  ? -18.70772 9.51373   -0.65618  1.000 43.53672 ? 24  ASN   A ND2 1 
ATOM   202  N  N   . HIS   A 1 25  ? -14.80925 5.36756   -2.76968  1.000 22.68418 ? 25  HIS   A N   1 
ATOM   203  C  CA  . HIS   A 1 25  ? -14.25094 4.71747   -3.93895  1.000 26.15366 ? 25  HIS   A CA  1 
ATOM   204  C  C   . HIS   A 1 25  ? -14.79613 3.29884   -4.03505  1.000 24.32638 ? 25  HIS   A C   1 
ATOM   205  O  O   . HIS   A 1 25  ? -15.19066 2.70419   -3.03161  1.000 27.85827 ? 25  HIS   A O   1 
ATOM   206  C  CB  . HIS   A 1 25  ? -12.72200 4.72048   -3.85418  1.000 18.57192 ? 25  HIS   A CB  1 
ATOM   207  C  CG  . HIS   A 1 25  ? -12.12235 6.08270   -4.00389  1.000 24.84106 ? 25  HIS   A CG  1 
ATOM   208  N  ND1 . HIS   A 1 25  ? -10.87274 6.41104   -3.52744  1.000 23.93536 ? 25  HIS   A ND1 1 
ATOM   209  C  CD2 . HIS   A 1 25  ? -12.62785 7.21795   -4.54490  1.000 25.02385 ? 25  HIS   A CD2 1 
ATOM   210  C  CE1 . HIS   A 1 25  ? -10.61866 7.67913   -3.79847  1.000 25.37197 ? 25  HIS   A CE1 1 
ATOM   211  N  NE2 . HIS   A 1 25  ? -11.67077 8.19004   -4.41586  1.000 26.74431 ? 25  HIS   A NE2 1 
ATOM   212  N  N   . ASN   A 1 26  ? -14.85390 2.76102   -5.25963  1.000 20.36332 ? 26  ASN   A N   1 
ATOM   213  C  CA  . ASN   A 1 26  ? -15.36068 1.41034   -5.45484  1.000 23.43007 ? 26  ASN   A CA  1 
ATOM   214  C  C   . ASN   A 1 26  ? -14.30559 0.45660   -5.98510  1.000 25.22463 ? 26  ASN   A C   1 
ATOM   215  O  O   . ASN   A 1 26  ? -14.65655 -0.62997  -6.45355  1.000 25.01801 ? 26  ASN   A O   1 
ATOM   216  C  CB  . ASN   A 1 26  ? -16.57680 1.39747   -6.39081  1.000 30.15539 ? 26  ASN   A CB  1 
ATOM   217  C  CG  . ASN   A 1 26  ? -16.44851 2.38217   -7.51217  1.000 35.36751 ? 26  ASN   A CG  1 
ATOM   218  O  OD1 . ASN   A 1 26  ? -16.80078 3.56123   -7.36618  1.000 39.06406 ? 26  ASN   A OD1 1 
ATOM   219  N  ND2 . ASN   A 1 26  ? -15.94569 1.92008   -8.64647  1.000 47.13543 ? 26  ASN   A ND2 1 
ATOM   220  N  N   . TYR   A 1 27  ? -13.02997 0.84656   -5.94622  1.000 21.23378 ? 27  TYR   A N   1 
ATOM   221  C  CA  . TYR   A 1 27  ? -11.91012 -0.06966  -6.13385  1.000 20.96720 ? 27  TYR   A CA  1 
ATOM   222  C  C   . TYR   A 1 27  ? -10.89957 0.22236   -5.05428  1.000 22.19780 ? 27  TYR   A C   1 
ATOM   223  O  O   . TYR   A 1 27  ? -10.89223 1.31189   -4.46719  1.000 23.00066 ? 27  TYR   A O   1 
ATOM   224  C  CB  . TYR   A 1 27  ? -11.20699 0.07137   -7.47797  1.000 22.21531 ? 27  TYR   A CB  1 
ATOM   225  C  CG  . TYR   A 1 27  ? -12.15321 -0.10092  -8.61001  1.000 23.24221 ? 27  TYR   A CG  1 
ATOM   226  C  CD1 . TYR   A 1 27  ? -12.42522 -1.35307  -9.10262  1.000 24.22297 ? 27  TYR   A CD1 1 
ATOM   227  C  CD2 . TYR   A 1 27  ? -12.79692 0.98679   -9.15126  1.000 25.91395 ? 27  TYR   A CD2 1 
ATOM   228  C  CE1 . TYR   A 1 27  ? -13.32572 -1.51825  -10.12920 1.000 30.31206 ? 27  TYR   A CE1 1 
ATOM   229  C  CE2 . TYR   A 1 27  ? -13.67667 0.83112   -10.17954 1.000 26.46334 ? 27  TYR   A CE2 1 
ATOM   230  C  CZ  . TYR   A 1 27  ? -13.93946 -0.41692  -10.65319 1.000 28.44989 ? 27  TYR   A CZ  1 
ATOM   231  O  OH  . TYR   A 1 27  ? -14.84203 -0.54110  -11.68067 1.000 29.63204 ? 27  TYR   A OH  1 
ATOM   232  N  N   . ILE   A 1 28  ? -10.04184 -0.76001  -4.81483  1.000 21.13208 ? 28  ILE   A N   1 
ATOM   233  C  CA  . ILE   A 1 28  ? -8.82492  -0.57522  -4.03113  1.000 19.49172 ? 28  ILE   A CA  1 
ATOM   234  C  C   . ILE   A 1 28  ? -7.69770  -0.39330  -5.01485  1.000 18.57854 ? 28  ILE   A C   1 
ATOM   235  O  O   . ILE   A 1 28  ? -7.31789  -1.34914  -5.70362  1.000 22.34505 ? 28  ILE   A O   1 
ATOM   236  C  CB  . ILE   A 1 28  ? -8.52184  -1.77444  -3.14333  1.000 20.43056 ? 28  ILE   A CB  1 
ATOM   237  C  CG1 . ILE   A 1 28  ? -9.62498  -1.99988  -2.14221  1.000 26.42770 ? 28  ILE   A CG1 1 
ATOM   238  C  CG2 . ILE   A 1 28  ? -7.20017  -1.54532  -2.43026  1.000 18.07303 ? 28  ILE   A CG2 1 
ATOM   239  C  CD1 . ILE   A 1 28  ? -9.22030  -3.00043  -1.18066  1.000 26.05365 ? 28  ILE   A CD1 1 
ATOM   240  N  N   . GLY   A 1 29  ? -7.16691  0.82342   -5.07804  1.000 20.65372 ? 29  GLY   A N   1 
ATOM   241  C  CA  . GLY   A 1 29  ? -6.05790  1.13786   -5.94012  1.000 17.03059 ? 29  GLY   A CA  1 
ATOM   242  C  C   . GLY   A 1 29  ? -4.76399  1.07554   -5.15365  1.000 17.21503 ? 29  GLY   A C   1 
ATOM   243  O  O   . GLY   A 1 29  ? -4.73895  0.82346   -3.95291  1.000 18.84968 ? 29  GLY   A O   1 
ATOM   244  N  N   . THR   A 1 30  ? -3.67806  1.29305   -5.87080  1.000 18.47580 ? 30  THR   A N   1 
ATOM   245  C  CA  . THR   A 1 30  ? -2.38900  1.29907   -5.18493  1.000 13.86702 ? 30  THR   A CA  1 
ATOM   246  C  C   . THR   A 1 30  ? -2.33003  2.39408   -4.12518  1.000 18.47863 ? 30  THR   A C   1 
ATOM   247  O  O   . THR   A 1 30  ? -1.62784  2.24717   -3.10812  1.000 18.12997 ? 30  THR   A O   1 
ATOM   248  C  CB  . THR   A 1 30  ? -1.25422  1.46167   -6.18300  1.000 19.87481 ? 30  THR   A CB  1 
ATOM   249  O  OG1 . THR   A 1 30  ? -1.41028  2.69385   -6.88596  1.000 20.38944 ? 30  THR   A OG1 1 
ATOM   250  C  CG2 . THR   A 1 30  ? -1.20682  0.29165   -7.15851  1.000 20.06469 ? 30  THR   A CG2 1 
ATOM   251  N  N   . GLU   A 1 31  ? -3.06531  3.48626   -4.32785  1.000 19.63756 ? 31  GLU   A N   1 
ATOM   252  C  CA  . GLU   A 1 31  ? -3.03959  4.56291   -3.35191  1.000 21.14152 ? 31  GLU   A CA  1 
ATOM   253  C  C   . GLU   A 1 31  ? -3.76104  4.16011   -2.07232  1.000 18.92888 ? 31  GLU   A C   1 
ATOM   254  O  O   . GLU   A 1 31  ? -3.42940  4.64818   -0.98768  1.000 19.99190 ? 31  GLU   A O   1 
ATOM   255  C  CB  . GLU   A 1 31  ? -3.66180  5.81732   -3.95788  1.000 18.06339 ? 31  GLU   A CB  1 
ATOM   256  C  CG  . GLU   A 1 31  ? -5.19192  5.75403   -4.04909  1.000 22.96444 ? 31  GLU   A CG  1 
ATOM   257  C  CD  . GLU   A 1 31  ? -5.73821  5.12855   -5.32270  1.000 21.70337 ? 31  GLU   A CD  1 
ATOM   258  O  OE1 . GLU   A 1 31  ? -5.06545  4.31435   -5.98344  1.000 21.29338 ? 31  GLU   A OE1 1 
ATOM   259  O  OE2 . GLU   A 1 31  ? -6.88768  5.45753   -5.68258  1.000 21.99240 ? 31  GLU   A OE2 1 
ATOM   260  N  N   . HIS   A 1 32  ? -4.72661  3.25150   -2.16291  1.000 17.54635 ? 32  HIS   A N   1 
ATOM   261  C  CA  . HIS   A 1 32  ? -5.34526  2.77472   -0.93427  1.000 17.76569 ? 32  HIS   A CA  1 
ATOM   262  C  C   . HIS   A 1 32  ? -4.42211  1.83221   -0.18938  1.000 17.41402 ? 32  HIS   A C   1 
ATOM   263  O  O   . HIS   A 1 32  ? -4.45403  1.79011   1.03522   1.000 19.37190 ? 32  HIS   A O   1 
ATOM   264  C  CB  . HIS   A 1 32  ? -6.65618  2.09722   -1.24156  1.000 20.40696 ? 32  HIS   A CB  1 
ATOM   265  C  CG  . HIS   A 1 32  ? -7.60476  3.00467   -1.95310  1.000 20.02956 ? 32  HIS   A CG  1 
ATOM   266  N  ND1 . HIS   A 1 32  ? -7.83153  2.92500   -3.31042  1.000 19.60500 ? 32  HIS   A ND1 1 
ATOM   267  C  CD2 . HIS   A 1 32  ? -8.32280  4.06386   -1.51106  1.000 24.30694 ? 32  HIS   A CD2 1 
ATOM   268  C  CE1 . HIS   A 1 32  ? -8.69504  3.86478   -3.66387  1.000 22.01217 ? 32  HIS   A CE1 1 
ATOM   269  N  NE2 . HIS   A 1 32  ? -9.00706  4.56843   -2.59011  1.000 21.65386 ? 32  HIS   A NE2 1 
ATOM   270  N  N   . ILE   A 1 33  ? -3.63209  1.05327   -0.91714  1.000 17.60358 ? 33  ILE   A N   1 
ATOM   271  C  CA  . ILE   A 1 33  ? -2.61796  0.23595   -0.25893  1.000 15.40243 ? 33  ILE   A CA  1 
ATOM   272  C  C   . ILE   A 1 33  ? -1.65453  1.14140   0.46984   1.000 16.16806 ? 33  ILE   A C   1 
ATOM   273  O  O   . ILE   A 1 33  ? -1.25986  0.86003   1.60550   1.000 18.46208 ? 33  ILE   A O   1 
ATOM   274  C  CB  . ILE   A 1 33  ? -1.91631  -0.67165  -1.28176  1.000 11.94814 ? 33  ILE   A CB  1 
ATOM   275  C  CG1 . ILE   A 1 33  ? -2.89206  -1.72873  -1.77850  1.000 20.04662 ? 33  ILE   A CG1 1 
ATOM   276  C  CG2 . ILE   A 1 33  ? -0.65034  -1.38274  -0.66465  1.000 12.58735 ? 33  ILE   A CG2 1 
ATOM   277  C  CD1 . ILE   A 1 33  ? -2.33201  -2.54704  -2.91733  1.000 19.65289 ? 33  ILE   A CD1 1 
ATOM   278  N  N   . LEU   A 1 34  ? -1.25728  2.23960   -0.16967  1.000 16.30227 ? 34  LEU   A N   1 
ATOM   279  C  CA  . LEU   A 1 34  ? -0.35749  3.17587   0.49146   1.000 17.53378 ? 34  LEU   A CA  1 
ATOM   280  C  C   . LEU   A 1 34  ? -0.97892  3.72077   1.77033   1.000 18.41521 ? 34  LEU   A C   1 
ATOM   281  O  O   . LEU   A 1 34  ? -0.32951  3.76521   2.83537   1.000 20.69094 ? 34  LEU   A O   1 
ATOM   282  C  CB  . LEU   A 1 34  ? 0.00815   4.29102   -0.47499  1.000 16.96084 ? 34  LEU   A CB  1 
ATOM   283  C  CG  . LEU   A 1 34  ? 0.96794   5.35380   0.02408   1.000 21.03959 ? 34  LEU   A CG  1 
ATOM   284  C  CD1 . LEU   A 1 34  ? 2.29813   4.70626   0.39868   1.000 17.94518 ? 34  LEU   A CD1 1 
ATOM   285  C  CD2 . LEU   A 1 34  ? 1.15861   6.38964   -1.05371  1.000 21.23738 ? 34  LEU   A CD2 1 
ATOM   286  N  N   . LEU   A 1 35  ? -2.25276  4.13213   1.68803   1.000 19.47814 ? 35  LEU   A N   1 
ATOM   287  C  CA  . LEU   A 1 35  ? -2.92923  4.60889   2.88662   1.000 18.06217 ? 35  LEU   A CA  1 
ATOM   288  C  C   . LEU   A 1 35  ? -3.02653  3.51418   3.94533   1.000 19.49520 ? 35  LEU   A C   1 
ATOM   289  O  O   . LEU   A 1 35  ? -2.88483  3.78683   5.14036   1.000 21.21295 ? 35  LEU   A O   1 
ATOM   290  C  CB  . LEU   A 1 35  ? -4.32056  5.13636   2.51344   1.000 20.46916 ? 35  LEU   A CB  1 
ATOM   291  C  CG  . LEU   A 1 35  ? -4.29472  6.49006   1.81546   1.000 18.84357 ? 35  LEU   A CG  1 
ATOM   292  C  CD1 . LEU   A 1 35  ? -5.62398  6.72225   1.14098   1.000 19.49693 ? 35  LEU   A CD1 1 
ATOM   293  C  CD2 . LEU   A 1 35  ? -4.03200  7.59846   2.84243   1.000 21.68252 ? 35  LEU   A CD2 1 
ATOM   294  N  N   . GLY   A 1 36  ? -3.27344  2.27291   3.53217   1.000 18.33586 ? 36  GLY   A N   1 
ATOM   295  C  CA  . GLY   A 1 36  ? -3.36375  1.18376   4.48860   1.000 17.12224 ? 36  GLY   A CA  1 
ATOM   296  C  C   . GLY   A 1 36  ? -2.04691  0.97776   5.21446   1.000 19.53468 ? 36  GLY   A C   1 
ATOM   297  O  O   . GLY   A 1 36  ? -2.02366  0.72053   6.41563   1.000 22.59053 ? 36  GLY   A O   1 
ATOM   298  N  N   . LEU   A 1 37  ? -0.94291  1.07739   4.47331   1.000 17.75501 ? 37  LEU   A N   1 
ATOM   299  C  CA  . LEU   A 1 37  ? 0.38164   0.90905   5.05752   1.000 16.51272 ? 37  LEU   A CA  1 
ATOM   300  C  C   . LEU   A 1 37  ? 0.65623   1.97157   6.09780   1.000 21.88227 ? 37  LEU   A C   1 
ATOM   301  O  O   . LEU   A 1 37  ? 1.23579   1.67755   7.14739   1.000 21.51011 ? 37  LEU   A O   1 
ATOM   302  C  CB  . LEU   A 1 37  ? 1.44441   0.96599   3.96251   1.000 16.79926 ? 37  LEU   A CB  1 
ATOM   303  C  CG  . LEU   A 1 37  ? 1.52051   -0.22969  3.02877   1.000 16.84971 ? 37  LEU   A CG  1 
ATOM   304  C  CD1 . LEU   A 1 37  ? 2.28635   0.15452   1.76567   1.000 19.09840 ? 37  LEU   A CD1 1 
ATOM   305  C  CD2 . LEU   A 1 37  ? 2.13837   -1.44843  3.70650   1.000 15.44507 ? 37  LEU   A CD2 1 
ATOM   306  N  N   . ILE   A 1 38  ? 0.25876   3.21265   5.82076   1.000 19.58034 ? 38  ILE   A N   1 
ATOM   307  C  CA  . ILE   A 1 38  ? 0.43519   4.27239   6.81414   1.000 21.84901 ? 38  ILE   A CA  1 
ATOM   308  C  C   . ILE   A 1 38  ? -0.49425  4.06306   8.00410   1.000 26.38769 ? 38  ILE   A C   1 
ATOM   309  O  O   . ILE   A 1 38  ? -0.09541  4.25264   9.16371   1.000 25.31760 ? 38  ILE   A O   1 
ATOM   310  C  CB  . ILE   A 1 38  ? 0.20559   5.63876   6.15679   1.000 21.49000 ? 38  ILE   A CB  1 
ATOM   311  C  CG1 . ILE   A 1 38  ? 1.25742   5.87475   5.07602   1.000 22.82846 ? 38  ILE   A CG1 1 
ATOM   312  C  CG2 . ILE   A 1 38  ? 0.20908   6.74442   7.19231   1.000 28.07739 ? 38  ILE   A CG2 1 
ATOM   313  C  CD1 . ILE   A 1 38  ? 0.98174   7.11154   4.24829   1.000 22.05586 ? 38  ILE   A CD1 1 
ATOM   314  N  N   . HIS   A 1 39  ? -1.75472  3.68848   7.73402   1.000 26.07094 ? 39  HIS   A N   1 
ATOM   315  C  CA  . HIS   A 1 39  ? -2.73534  3.46010   8.79378   1.000 27.99740 ? 39  HIS   A CA  1 
ATOM   316  C  C   . HIS   A 1 39  ? -2.29127  2.37081   9.74615   1.000 28.59559 ? 39  HIS   A C   1 
ATOM   317  O  O   . HIS   A 1 39  ? -2.59445  2.42055   10.94275  1.000 31.73460 ? 39  HIS   A O   1 
ATOM   318  C  CB  . HIS   A 1 39  ? -4.08160  3.06202   8.20275   1.000 30.36186 ? 39  HIS   A CB  1 
ATOM   319  C  CG  . HIS   A 1 39  ? -4.97225  4.21515   7.91116   1.000 33.63323 ? 39  HIS   A CG  1 
ATOM   320  N  ND1 . HIS   A 1 39  ? -5.28043  5.16725   8.85501   1.000 37.42947 ? 39  HIS   A ND1 1 
ATOM   321  C  CD2 . HIS   A 1 39  ? -5.63508  4.56583   6.78606   1.000 34.53635 ? 39  HIS   A CD2 1 
ATOM   322  C  CE1 . HIS   A 1 39  ? -6.09478  6.06023   8.32150   1.000 38.96253 ? 39  HIS   A CE1 1 
ATOM   323  N  NE2 . HIS   A 1 39  ? -6.31416  5.72461   7.06337   1.000 38.35898 ? 39  HIS   A NE2 1 
ATOM   324  N  N   . GLU   A 1 40  ? -1.62294  1.34762   9.22689   1.000 27.49227 ? 40  GLU   A N   1 
ATOM   325  C  CA  . GLU   A 1 40  ? -1.30316  0.20686   10.06609  1.000 27.84491 ? 40  GLU   A CA  1 
ATOM   326  C  C   . GLU   A 1 40  ? -0.37482  0.61986   11.20081  1.000 30.91511 ? 40  GLU   A C   1 
ATOM   327  O  O   . GLU   A 1 40  ? -0.44292  0.04642   12.29209  1.000 34.67034 ? 40  GLU   A O   1 
ATOM   328  C  CB  . GLU   A 1 40  ? -0.71479  -0.90649  9.20028   1.000 26.55369 ? 40  GLU   A CB  1 
ATOM   329  C  CG  . GLU   A 1 40  ? -0.48071  -2.20522  9.92290   1.000 29.63911 ? 40  GLU   A CG  1 
ATOM   330  C  CD  . GLU   A 1 40  ? 0.80923   -2.17865  10.72286  1.000 33.81967 ? 40  GLU   A CD  1 
ATOM   331  O  OE1 . GLU   A 1 40  ? 1.80076   -1.59482  10.22625  1.000 32.78816 ? 40  GLU   A OE1 1 
ATOM   332  O  OE2 . GLU   A 1 40  ? 0.82137   -2.70973  11.85418  1.000 41.61624 ? 40  GLU   A OE2 1 
ATOM   333  N  N   . GLY   A 1 41  ? 0.48415   1.61471   10.96443  1.000 31.24445 ? 41  GLY   A N   1 
ATOM   334  C  CA  . GLY   A 1 41  ? 1.17995   2.33508   12.02118  1.000 30.78831 ? 41  GLY   A CA  1 
ATOM   335  C  C   . GLY   A 1 41  ? 2.38684   1.68228   12.67247  1.000 32.03574 ? 41  GLY   A C   1 
ATOM   336  O  O   . GLY   A 1 41  ? 3.30541   2.38612   13.09541  1.000 35.29132 ? 41  GLY   A O   1 
ATOM   337  N  N   . GLU   A 1 42  ? 2.39542   0.35720   12.77760  1.000 32.48415 ? 42  GLU   A N   1 
ATOM   338  C  CA  . GLU   A 1 42  ? 3.42369   -0.37172  13.52513  1.000 36.89526 ? 42  GLU   A CA  1 
ATOM   339  C  C   . GLU   A 1 42  ? 4.52548   -0.96718  12.66096  1.000 35.42151 ? 42  GLU   A C   1 
ATOM   340  O  O   . GLU   A 1 42  ? 5.67110   -1.10331  13.12550  1.000 32.31561 ? 42  GLU   A O   1 
ATOM   341  C  CB  . GLU   A 1 42  ? 2.79321   -1.52832  14.30343  1.000 43.08489 ? 42  GLU   A CB  1 
ATOM   342  C  CG  . GLU   A 1 42  ? 1.83934   -1.13786  15.40053  1.000 53.52097 ? 42  GLU   A CG  1 
ATOM   343  C  CD  . GLU   A 1 42  ? 1.12456   -2.34753  15.96510  1.000 61.87290 ? 42  GLU   A CD  1 
ATOM   344  O  OE1 . GLU   A 1 42  ? 0.41871   -2.19665  16.98405  1.000 57.33909 ? 42  GLU   A OE1 1 
ATOM   345  O  OE2 . GLU   A 1 42  ? 1.26924   -3.44893  15.38466  1.000 66.25300 ? 42  GLU   A OE2 1 
ATOM   346  N  N   . GLY   A 1 43  ? 4.20168   -1.39189  11.45156  1.000 31.77861 ? 43  GLY   A N   1 
ATOM   347  C  CA  . GLY   A 1 43  ? 5.13255   -2.20802  10.70749  1.000 28.24091 ? 43  GLY   A CA  1 
ATOM   348  C  C   . GLY   A 1 43  ? 6.26149   -1.41056  10.13023  1.000 24.01037 ? 43  GLY   A C   1 
ATOM   349  O  O   . GLY   A 1 43  ? 6.31628   -0.18483  10.20969  1.000 27.06116 ? 43  GLY   A O   1 
ATOM   350  N  N   . VAL   A 1 44  ? 7.19106   -2.13906  9.51521   1.000 24.22186 ? 44  VAL   A N   1 
ATOM   351  C  CA  . VAL   A 1 44  ? 8.31217   -1.49906  8.84624   1.000 21.31399 ? 44  VAL   A CA  1 
ATOM   352  C  C   . VAL   A 1 44  ? 7.85553   -0.54704  7.75270   1.000 21.90205 ? 44  VAL   A C   1 
ATOM   353  O  O   . VAL   A 1 44  ? 8.48498   0.48875   7.52395   1.000 21.34214 ? 44  VAL   A O   1 
ATOM   354  C  CB  . VAL   A 1 44  ? 9.25536   -2.58526  8.30693   1.000 22.41248 ? 44  VAL   A CB  1 
ATOM   355  C  CG1 . VAL   A 1 44  ? 10.33241  -1.97153  7.46856   1.000 21.19927 ? 44  VAL   A CG1 1 
ATOM   356  C  CG2 . VAL   A 1 44  ? 9.88160   -3.32334  9.48769   1.000 21.70653 ? 44  VAL   A CG2 1 
ATOM   357  N  N   . ALA   A 1 45  ? 6.75389   -0.85188  7.06617   1.000 19.58287 ? 45  ALA   A N   1 
ATOM   358  C  CA  . ALA   A 1 45  ? 6.30371   0.06631   6.02323   1.000 15.32053 ? 45  ALA   A CA  1 
ATOM   359  C  C   . ALA   A 1 45  ? 5.92039   1.41139   6.60942   1.000 18.98242 ? 45  ALA   A C   1 
ATOM   360  O  O   . ALA   A 1 45  ? 6.33986   2.46058   6.11198   1.000 19.88960 ? 45  ALA   A O   1 
ATOM   361  C  CB  . ALA   A 1 45  ? 5.09880   -0.50885  5.26190   1.000 16.14998 ? 45  ALA   A CB  1 
ATOM   362  N  N   . ALA   A 1 46  ? 5.06577   1.38994   7.62901   1.000 18.00984 ? 46  ALA   A N   1 
ATOM   363  C  CA  . ALA   A 1 46  ? 4.63622   2.61951   8.27313   1.000 17.77854 ? 46  ALA   A CA  1 
ATOM   364  C  C   . ALA   A 1 46  ? 5.83037   3.42873   8.74169   1.000 19.61988 ? 46  ALA   A C   1 
ATOM   365  O  O   . ALA   A 1 46  ? 5.88911   4.64497   8.52520   1.000 21.83420 ? 46  ALA   A O   1 
ATOM   366  C  CB  . ALA   A 1 46  ? 3.72413   2.28834   9.45520   1.000 24.62159 ? 46  ALA   A CB  1 
ATOM   367  N  N   . LYS   A 1 47  ? 6.80814   2.75572   9.34922   1.000 22.05936 ? 47  LYS   A N   1 
ATOM   368  C  CA  . LYS   A 1 47  ? 7.96856   3.46830   9.87280   1.000 22.30911 ? 47  LYS   A CA  1 
ATOM   369  C  C   . LYS   A 1 47  ? 8.80002   4.05027   8.73984   1.000 20.13259 ? 47  LYS   A C   1 
ATOM   370  O  O   . LYS   A 1 47  ? 9.30087   5.17109   8.84763   1.000 21.09443 ? 47  LYS   A O   1 
ATOM   371  C  CB  . LYS   A 1 47  ? 8.79255   2.52859   10.75939  1.000 27.17624 ? 47  LYS   A CB  1 
ATOM   372  C  CG  . LYS   A 1 47  ? 8.00035   1.95329   11.93813  1.000 32.83554 ? 47  LYS   A CG  1 
ATOM   373  C  CD  . LYS   A 1 47  ? 8.84446   1.01584   12.81019  1.000 49.05094 ? 47  LYS   A CD  1 
ATOM   374  C  CE  . LYS   A 1 47  ? 9.43841   -0.12891  11.99025  1.000 49.59611 ? 47  LYS   A CE  1 
ATOM   375  N  NZ  . LYS   A 1 47  ? 10.03445  -1.21439  12.82618  1.000 55.82891 ? 47  LYS   A NZ  1 
ATOM   376  N  N   . SER   A 1 48  ? 8.95404   3.31112   7.63208   1.000 18.54166 ? 48  SER   A N   1 
ATOM   377  C  CA  . SER   A 1 48  ? 9.69717   3.84802   6.49053   1.000 19.62060 ? 48  SER   A CA  1 
ATOM   378  C  C   . SER   A 1 48  ? 9.02586   5.09294   5.91906   1.000 20.95743 ? 48  SER   A C   1 
ATOM   379  O  O   . SER   A 1 48  ? 9.69241   6.08261   5.57641   1.000 23.82571 ? 48  SER   A O   1 
ATOM   380  C  CB  . SER   A 1 48  ? 9.83765   2.77511   5.40597   1.000 20.17613 ? 48  SER   A CB  1 
ATOM   381  O  OG  . SER   A 1 48  ? 10.49586  1.62155   5.91077   1.000 24.12043 ? 48  SER   A OG  1 
ATOM   382  N  N   . LEU   A 1 49  ? 7.69507   5.06376   5.79748   1.000 18.33161 ? 49  LEU   A N   1 
ATOM   383  C  CA  . LEU   A 1 49  ? 7.03233   6.20952   5.19645   1.000 18.19010 ? 49  LEU   A CA  1 
ATOM   384  C  C   . LEU   A 1 49  ? 7.05318   7.40769   6.13728   1.000 16.82329 ? 49  LEU   A C   1 
ATOM   385  O  O   . LEU   A 1 49  ? 7.38324   8.51882   5.71987   1.000 20.04174 ? 49  LEU   A O   1 
ATOM   386  C  CB  . LEU   A 1 49  ? 5.60867   5.82475   4.79673   1.000 19.97893 ? 49  LEU   A CB  1 
ATOM   387  C  CG  . LEU   A 1 49  ? 5.57293   4.74251   3.70581   1.000 18.19537 ? 49  LEU   A CG  1 
ATOM   388  C  CD1 . LEU   A 1 49  ? 4.20986   4.06702   3.67357   1.000 20.33427 ? 49  LEU   A CD1 1 
ATOM   389  C  CD2 . LEU   A 1 49  ? 5.91566   5.31458   2.34606   1.000 17.57034 ? 49  LEU   A CD2 1 
ATOM   390  N  N   . GLU   A 1 50  ? 6.76476   7.18569   7.41684   1.000 22.81963 ? 50  GLU   A N   1 
ATOM   391  C  CA  . GLU   A 1 50  ? 6.89674   8.24272   8.41989   1.000 24.45685 ? 50  GLU   A CA  1 
ATOM   392  C  C   . GLU   A 1 50  ? 8.30114   8.84346   8.43387   1.000 25.43190 ? 50  GLU   A C   1 
ATOM   393  O  O   . GLU   A 1 50  ? 8.46407   10.06981  8.48706   1.000 25.91678 ? 50  GLU   A O   1 
ATOM   394  C  CB  . GLU   A 1 50  ? 6.54644   7.67464   9.78621   1.000 27.73074 ? 50  GLU   A CB  1 
ATOM   395  C  CG  . GLU   A 1 50  ? 6.60327   8.67426   10.92662  1.000 41.78650 ? 50  GLU   A CG  1 
ATOM   396  C  CD  . GLU   A 1 50  ? 6.56623   7.98389   12.28093  1.000 70.14737 ? 50  GLU   A CD  1 
ATOM   397  O  OE1 . GLU   A 1 50  ? 5.68769   8.32471   13.10432  1.000 75.79240 ? 50  GLU   A OE1 1 
ATOM   398  O  OE2 . GLU   A 1 50  ? 7.40754   7.08391   12.51214  1.000 68.87165 ? 50  GLU   A OE2 1 
ATOM   399  N  N   . SER   A 1 51  ? 9.33529   8.00130   8.37890   1.000 25.17832 ? 51  SER   A N   1 
ATOM   400  C  CA  . SER   A 1 51  ? 10.68033  8.54407   8.42798   1.000 26.32684 ? 51  SER   A CA  1 
ATOM   401  C  C   . SER   A 1 51  ? 11.04169  9.31019   7.16286   1.000 27.85014 ? 51  SER   A C   1 
ATOM   402  O  O   . SER   A 1 51  ? 11.97779  10.11239  7.19262   1.000 30.81792 ? 51  SER   A O   1 
ATOM   403  C  CB  . SER   A 1 51  ? 11.66795  7.41636   8.70398   1.000 25.67583 ? 51  SER   A CB  1 
ATOM   404  O  OG  . SER   A 1 51  ? 11.78358  6.54367   7.60364   1.000 28.89583 ? 51  SER   A OG  1 
ATOM   405  N  N   . LEU   A 1 52  ? 10.32112  9.10880   6.05877   1.000 25.23153 ? 52  LEU   A N   1 
ATOM   406  C  CA  . LEU   A 1 52  ? 10.52376  9.98043   4.90137   1.000 26.29134 ? 52  LEU   A CA  1 
ATOM   407  C  C   . LEU   A 1 52  ? 9.62254   11.21426  4.87452   1.000 30.87872 ? 52  LEU   A C   1 
ATOM   408  O  O   . LEU   A 1 52  ? 9.64538   11.94396  3.88057   1.000 33.27464 ? 52  LEU   A O   1 
ATOM   409  C  CB  . LEU   A 1 52  ? 10.30425  9.20680   3.59805   1.000 28.79089 ? 52  LEU   A CB  1 
ATOM   410  C  CG  . LEU   A 1 52  ? 11.39598  8.19841   3.25008   1.000 29.31764 ? 52  LEU   A CG  1 
ATOM   411  C  CD1 . LEU   A 1 52  ? 11.03851  7.48717   1.96176   1.000 31.71646 ? 52  LEU   A CD1 1 
ATOM   412  C  CD2 . LEU   A 1 52  ? 12.73297  8.88940   3.11721   1.000 31.97910 ? 52  LEU   A CD2 1 
ATOM   413  N  N   . GLY   A 1 53  ? 8.80578   11.44999  5.89429   1.000 28.71683 ? 53  GLY   A N   1 
ATOM   414  C  CA  . GLY   A 1 53  ? 7.90144   12.58717  5.84806   1.000 32.24884 ? 53  GLY   A CA  1 
ATOM   415  C  C   . GLY   A 1 53  ? 6.64421   12.39201  5.02733   1.000 32.27968 ? 53  GLY   A C   1 
ATOM   416  O  O   . GLY   A 1 53  ? 6.02743   13.37852  4.60833   1.000 34.08346 ? 53  GLY   A O   1 
ATOM   417  N  N   . ILE   A 1 54  ? 6.23432   11.15000  4.79213   1.000 26.15289 ? 54  ILE   A N   1 
ATOM   418  C  CA  . ILE   A 1 54  ? 5.03550   10.82920  4.02105   1.000 22.20435 ? 54  ILE   A CA  1 
ATOM   419  C  C   . ILE   A 1 54  ? 3.92641   10.53435  5.02241   1.000 25.37428 ? 54  ILE   A C   1 
ATOM   420  O  O   . ILE   A 1 54  ? 3.92869   9.48280   5.67011   1.000 27.08158 ? 54  ILE   A O   1 
ATOM   421  C  CB  . ILE   A 1 54  ? 5.28344   9.62125   3.10272   1.000 23.88319 ? 54  ILE   A CB  1 
ATOM   422  C  CG1 . ILE   A 1 54  ? 6.49119   9.84585   2.17803   1.000 25.02122 ? 54  ILE   A CG1 1 
ATOM   423  C  CG2 . ILE   A 1 54  ? 4.01565   9.26227   2.31557   1.000 23.42314 ? 54  ILE   A CG2 1 
ATOM   424  C  CD1 . ILE   A 1 54  ? 6.29797   10.92749  1.12968   1.000 28.07953 ? 54  ILE   A CD1 1 
ATOM   425  N  N   . SER   A 1 55  ? 2.94363   11.42846  5.14980   1.000 25.04377 ? 55  SER   A N   1 
ATOM   426  C  CA  . SER   A 1 55  ? 1.95670   11.26724  6.20568   1.000 25.14645 ? 55  SER   A CA  1 
ATOM   427  C  C   . SER   A 1 55  ? 0.59393   10.96927  5.61214   1.000 23.02904 ? 55  SER   A C   1 
ATOM   428  O  O   . SER   A 1 55  ? 0.36667   11.15431  4.41470   1.000 26.87228 ? 55  SER   A O   1 
ATOM   429  C  CB  . SER   A 1 55  ? 1.87490   12.51881  7.08695   1.000 27.04698 ? 55  SER   A CB  1 
ATOM   430  O  OG  . SER   A 1 55  ? 1.35487   13.62034  6.36948   1.000 27.92013 ? 55  SER   A OG  1 
ATOM   431  N  N   . LEU   A 1 56  ? -0.30639  10.49035  6.47584   1.000 23.80337 ? 56  LEU   A N   1 
ATOM   432  C  CA  . LEU   A 1 56  ? -1.69973  10.32169  6.07138   1.000 26.60831 ? 56  LEU   A CA  1 
ATOM   433  C  C   . LEU   A 1 56  ? -2.24498  11.59336  5.44522   1.000 30.22233 ? 56  LEU   A C   1 
ATOM   434  O  O   . LEU   A 1 56  ? -2.98100  11.53481  4.45899   1.000 27.06223 ? 56  LEU   A O   1 
ATOM   435  C  CB  . LEU   A 1 56  ? -2.54340  9.92602   7.28085   1.000 26.39496 ? 56  LEU   A CB  1 
ATOM   436  C  CG  . LEU   A 1 56  ? -3.62393  8.86424   7.20638   1.000 42.60163 ? 56  LEU   A CG  1 
ATOM   437  C  CD1 . LEU   A 1 56  ? -3.14599  7.58953   6.49930   1.000 32.13850 ? 56  LEU   A CD1 1 
ATOM   438  C  CD2 . LEU   A 1 56  ? -3.98987  8.56989   8.64053   1.000 39.53546 ? 56  LEU   A CD2 1 
ATOM   439  N  N   . GLU   A 1 57  ? -1.87298  12.75543  5.99288   1.000 28.75195 ? 57  GLU   A N   1 
ATOM   440  C  CA  . GLU   A 1 57  ? -2.36039  14.03442  5.48313   1.000 31.04709 ? 57  GLU   A CA  1 
ATOM   441  C  C   . GLU   A 1 57  ? -1.84483  14.32308  4.07932   1.000 28.59603 ? 57  GLU   A C   1 
ATOM   442  O  O   . GLU   A 1 57  ? -2.62042  14.70911  3.19588   1.000 28.02550 ? 57  GLU   A O   1 
ATOM   443  C  CB  . GLU   A 1 57  ? -1.96871  15.16287  6.44565   1.000 34.43753 ? 57  GLU   A CB  1 
ATOM   444  C  CG  . GLU   A 1 57  ? -3.03958  15.42652  7.46861   1.000 36.68244 ? 57  GLU   A CG  1 
ATOM   445  C  CD  . GLU   A 1 57  ? -4.36680  15.76171  6.80681   1.000 44.68264 ? 57  GLU   A CD  1 
ATOM   446  O  OE1 . GLU   A 1 57  ? -4.38873  16.69534  5.97755   1.000 51.36250 ? 57  GLU   A OE1 1 
ATOM   447  O  OE2 . GLU   A 1 57  ? -5.37840  15.08231  7.09160   1.000 48.88499 ? 57  GLU   A OE2 1 
ATOM   448  N  N   . GLY   A 1 58  ? -0.54771  14.12918  3.84378   1.000 25.73729 ? 58  GLY   A N   1 
ATOM   449  C  CA  . GLY   A 1 58  ? -0.00642  14.42474  2.53069   1.000 26.53544 ? 58  GLY   A CA  1 
ATOM   450  C  C   . GLY   A 1 58  ? -0.57504  13.49809  1.47897   1.000 23.14705 ? 58  GLY   A C   1 
ATOM   451  O  O   . GLY   A 1 58  ? -0.93658  13.92466  0.37351   1.000 24.24106 ? 58  GLY   A O   1 
ATOM   452  N  N   . VAL   A 1 59  ? -0.71099  12.22394  1.82859   1.000 21.09633 ? 59  VAL   A N   1 
ATOM   453  C  CA  . VAL   A 1 59  ? -1.23874  11.26311  0.87205   1.000 21.20995 ? 59  VAL   A CA  1 
ATOM   454  C  C   . VAL   A 1 59  ? -2.71040  11.53267  0.60693   1.000 21.83616 ? 59  VAL   A C   1 
ATOM   455  O  O   . VAL   A 1 59  ? -3.15270  11.51673  -0.54876  1.000 24.81194 ? 59  VAL   A O   1 
ATOM   456  C  CB  . VAL   A 1 59  ? -0.99541  9.83560   1.37319   1.000 20.27333 ? 59  VAL   A CB  1 
ATOM   457  C  CG1 . VAL   A 1 59  ? -1.63319  8.80781   0.42423   1.000 20.04932 ? 59  VAL   A CG1 1 
ATOM   458  C  CG2 . VAL   A 1 59  ? 0.47920   9.62356   1.46294   1.000 20.85235 ? 59  VAL   A CG2 1 
ATOM   459  N  N   . ARG   A 1 60  ? -3.49316  11.79322  1.66077   1.000 21.48697 ? 60  ARG   A N   1 
ATOM   460  C  CA  . ARG   A 1 60  ? -4.90396  12.11477  1.44404   1.000 27.86611 ? 60  ARG   A CA  1 
ATOM   461  C  C   . ARG   A 1 60  ? -5.06436  13.34526  0.56128   1.000 24.59887 ? 60  ARG   A C   1 
ATOM   462  O  O   . ARG   A 1 60  ? -5.88664  13.34348  -0.36501  1.000 24.25355 ? 60  ARG   A O   1 
ATOM   463  C  CB  . ARG   A 1 60  ? -5.61823  12.30891  2.78093   1.000 33.49347 ? 60  ARG   A CB  1 
ATOM   464  C  CG  . ARG   A 1 60  ? -6.15124  11.01121  3.34872   1.000 38.75198 ? 60  ARG   A CG  1 
ATOM   465  C  CD  . ARG   A 1 60  ? -6.72274  11.15678  4.74877   1.000 50.40033 ? 60  ARG   A CD  1 
ATOM   466  N  NE  . ARG   A 1 60  ? -7.34777  9.91233   5.18815   1.000 49.24260 ? 60  ARG   A NE  1 
ATOM   467  C  CZ  . ARG   A 1 60  ? -7.56234  9.58652   6.45573   1.000 52.46355 ? 60  ARG   A CZ  1 
ATOM   468  N  NH1 . ARG   A 1 60  ? -7.21178  10.39535  7.44649   1.000 50.10033 ? 60  ARG   A NH1 1 
ATOM   469  N  NH2 . ARG   A 1 60  ? -8.13278  8.41552   6.73711   1.000 43.68698 ? 60  ARG   A NH2 1 
ATOM   470  N  N   . SER   A 1 61  ? -4.28312  14.40186  0.81636   1.000 23.46805 ? 61  SER   A N   1 
ATOM   471  C  CA  . SER   A 1 61  ? -4.35768  15.59375  -0.02699  1.000 25.15279 ? 61  SER   A CA  1 
ATOM   472  C  C   . SER   A 1 61  ? -4.11482  15.25202  -1.48921  1.000 25.46095 ? 61  SER   A C   1 
ATOM   473  O  O   . SER   A 1 61  ? -4.86649  15.68206  -2.37772  1.000 27.63030 ? 61  SER   A O   1 
ATOM   474  C  CB  . SER   A 1 61  ? -3.35655  16.64733  0.44646   1.000 28.74145 ? 61  SER   A CB  1 
ATOM   475  O  OG  . SER   A 1 61  ? -3.82447  17.25943  1.61954   1.000 32.43221 ? 61  SER   A OG  1 
ATOM   476  N  N   . GLN   A 1 62  ? -3.08424  14.45183  -1.75681  1.000 19.61438 ? 62  GLN   A N   1 
ATOM   477  C  CA  . GLN   A 1 62  ? -2.76053  14.14531  -3.14337  1.000 18.43218 ? 62  GLN   A CA  1 
ATOM   478  C  C   . GLN   A 1 62  ? -3.81109  13.23912  -3.78243  1.000 25.08872 ? 62  GLN   A C   1 
ATOM   479  O  O   . GLN   A 1 62  ? -4.11177  13.38040  -4.97088  1.000 26.06695 ? 62  GLN   A O   1 
ATOM   480  C  CB  . GLN   A 1 62  ? -1.37797  13.49953  -3.23408  1.000 26.48066 ? 62  GLN   A CB  1 
ATOM   481  C  CG  . GLN   A 1 62  ? -0.28142  14.47276  -2.94575  1.000 26.74847 ? 62  GLN   A CG  1 
ATOM   482  C  CD  . GLN   A 1 62  ? -0.40315  15.74452  -3.76068  1.000 35.57842 ? 62  GLN   A CD  1 
ATOM   483  O  OE1 . GLN   A 1 62  ? -0.50171  15.70060  -4.98640  1.000 39.96704 ? 62  GLN   A OE1 1 
ATOM   484  N  NE2 . GLN   A 1 62  ? -0.41034  16.88688  -3.08051  1.000 44.01650 ? 62  GLN   A NE2 1 
ATOM   485  N  N   . VAL   A 1 63  ? -4.36918  12.29713  -3.02010  1.000 19.70870 ? 63  VAL   A N   1 
ATOM   486  C  CA  . VAL   A 1 63  ? -5.38993  11.40667  -3.56773  1.000 17.96855 ? 63  VAL   A CA  1 
ATOM   487  C  C   . VAL   A 1 63  ? -6.64147  12.19905  -3.89532  1.000 21.94387 ? 63  VAL   A C   1 
ATOM   488  O  O   . VAL   A 1 63  ? -7.30926  11.95182  -4.90678  1.000 24.29380 ? 63  VAL   A O   1 
ATOM   489  C  CB  . VAL   A 1 63  ? -5.69164  10.25652  -2.58527  1.000 19.05985 ? 63  VAL   A CB  1 
ATOM   490  C  CG1 . VAL   A 1 63  ? -6.90292  9.43449   -3.01565  1.000 22.35228 ? 63  VAL   A CG1 1 
ATOM   491  C  CG2 . VAL   A 1 63  ? -4.50390  9.34423   -2.46849  1.000 20.74241 ? 63  VAL   A CG2 1 
ATOM   492  N  N   . GLU   A 1 64  ? -6.98255  13.15977  -3.04522  1.000 20.18295 ? 64  GLU   A N   1 
ATOM   493  C  CA  . GLU   A 1 64  ? -8.14582  14.01151  -3.34602  1.000 20.36196 ? 64  GLU   A CA  1 
ATOM   494  C  C   . GLU   A 1 64  ? -7.88840  14.86733  -4.58126  1.000 25.53211 ? 64  GLU   A C   1 
ATOM   495  O  O   . GLU   A 1 64  ? -8.80297  15.11685  -5.38136  1.000 27.45359 ? 64  GLU   A O   1 
ATOM   496  C  CB  . GLU   A 1 64  ? -8.46279  14.90161  -2.13934  1.000 23.57103 ? 64  GLU   A CB  1 
ATOM   497  C  CG  . GLU   A 1 64  ? -8.82471  14.16406  -0.84300  1.000 26.34038 ? 64  GLU   A CG  1 
ATOM   498  C  CD  . GLU   A 1 64  ? -10.17087 13.48359  -0.89945  1.000 37.67435 ? 64  GLU   A CD  1 
ATOM   499  O  OE1 . GLU   A 1 64  ? -10.54006 12.80890  0.08977   1.000 34.54252 ? 64  GLU   A OE1 1 
ATOM   500  O  OE2 . GLU   A 1 64  ? -10.87522 13.63761  -1.92424  1.000 41.35559 ? 64  GLU   A OE2 1 
ATOM   501  N  N   . GLU   A 1 65  ? -6.65430  15.34288  -4.74105  1.000 26.62030 ? 65  GLU   A N   1 
ATOM   502  C  CA  . GLU   A 1 65  ? -6.32374  16.17502  -5.88991  1.000 28.89295 ? 65  GLU   A CA  1 
ATOM   503  C  C   . GLU   A 1 65  ? -6.33774  15.36815  -7.18149  1.000 26.45688 ? 65  GLU   A C   1 
ATOM   504  O  O   . GLU   A 1 65  ? -6.77348  15.86089  -8.23011  1.000 31.06331 ? 65  GLU   A O   1 
ATOM   505  C  CB  . GLU   A 1 65  ? -4.96102  16.81886  -5.65870  1.000 31.66225 ? 65  GLU   A CB  1 
ATOM   506  C  CG  . GLU   A 1 65  ? -4.46417  17.65164  -6.80614  1.000 44.22443 ? 65  GLU   A CG  1 
ATOM   507  C  CD  . GLU   A 1 65  ? -3.11023  18.26680  -6.51161  1.000 64.91424 ? 65  GLU   A CD  1 
ATOM   508  O  OE1 . GLU   A 1 65  ? -2.87250  18.64712  -5.34475  1.000 66.51258 ? 65  GLU   A OE1 1 
ATOM   509  O  OE2 . GLU   A 1 65  ? -2.28018  18.35994  -7.44187  1.000 73.16499 ? 65  GLU   A OE2 1 
ATOM   510  N  N   . ILE   A 1 66  ? -5.89607  14.11943  -7.11471  1.000 24.71133 ? 66  ILE   A N   1 
ATOM   511  C  CA  . ILE   A 1 66  ? -5.70421  13.29169  -8.29746  1.000 28.20527 ? 66  ILE   A CA  1 
ATOM   512  C  C   . ILE   A 1 66  ? -6.96087  12.49750  -8.62972  1.000 25.59587 ? 66  ILE   A C   1 
ATOM   513  O  O   . ILE   A 1 66  ? -7.39739  12.44930  -9.78583  1.000 29.26162 ? 66  ILE   A O   1 
ATOM   514  C  CB  . ILE   A 1 66  ? -4.49030  12.35729  -8.06371  1.000 24.52271 ? 66  ILE   A CB  1 
ATOM   515  C  CG1 . ILE   A 1 66  ? -3.19153  13.16595  -7.92284  1.000 29.75878 ? 66  ILE   A CG1 1 
ATOM   516  C  CG2 . ILE   A 1 66  ? -4.37579  11.35100  -9.19049  1.000 29.76625 ? 66  ILE   A CG2 1 
ATOM   517  C  CD1 . ILE   A 1 66  ? -1.97888  12.33823  -7.47815  1.000 27.13857 ? 66  ILE   A CD1 1 
ATOM   518  N  N   . ILE   A 1 67  ? -7.56815  11.86444  -7.62409  1.000 20.38689 ? 67  ILE   A N   1 
ATOM   519  C  CA  . ILE   A 1 67  ? -8.67402  10.93461  -7.83482  1.000 26.48461 ? 67  ILE   A CA  1 
ATOM   520  C  C   . ILE   A 1 67  ? -9.98908  11.55940  -7.39085  1.000 26.80110 ? 67  ILE   A C   1 
ATOM   521  O  O   . ILE   A 1 67  ? -11.03522 11.31180  -7.99593  1.000 22.79091 ? 67  ILE   A O   1 
ATOM   522  C  CB  . ILE   A 1 67  ? -8.44558  9.60909   -7.07966  1.000 26.12768 ? 67  ILE   A CB  1 
ATOM   523  C  CG1 . ILE   A 1 67  ? -7.11833  8.98183   -7.50234  1.000 26.53574 ? 67  ILE   A CG1 1 
ATOM   524  C  CG2 . ILE   A 1 67  ? -9.63347  8.65466   -7.30342  1.000 26.24405 ? 67  ILE   A CG2 1 
ATOM   525  C  CD1 . ILE   A 1 67  ? -6.95808  8.90757   -9.00297  1.000 26.79023 ? 67  ILE   A CD1 1 
ATOM   526  N  N   . GLY   A 1 68  ? -9.94940  12.35374  -6.31698  1.000 24.31794 ? 68  GLY   A N   1 
ATOM   527  C  CA  . GLY   A 1 68  ? -11.17693 12.83143  -5.69893  1.000 29.10776 ? 68  GLY   A CA  1 
ATOM   528  C  C   . GLY   A 1 68  ? -11.95769 11.68671  -5.06486  1.000 31.43727 ? 68  GLY   A C   1 
ATOM   529  O  O   . GLY   A 1 68  ? -11.49452 10.55629  -4.97319  1.000 33.15526 ? 68  GLY   A O   1 
ATOM   530  N  N   . GLN   A 1 69  ? -13.18231 12.00164  -4.64299  1.000 30.92959 ? 69  GLN   A N   1 
ATOM   531  C  CA  . GLN   A 1 69  ? -14.08782 11.04113  -4.02447  1.000 32.19750 ? 69  GLN   A CA  1 
ATOM   532  C  C   . GLN   A 1 69  ? -15.29777 10.75199  -4.89977  1.000 38.22709 ? 69  GLN   A C   1 
ATOM   533  O  O   . GLN   A 1 69  ? -15.64132 11.51122  -5.81007  1.000 42.56673 ? 69  GLN   A O   1 
ATOM   534  C  CB  . GLN   A 1 69  ? -14.59676 11.54994  -2.67904  1.000 31.71012 ? 69  GLN   A CB  1 
ATOM   535  C  CG  . GLN   A 1 69  ? -13.54704 12.06061  -1.77261  1.000 34.33341 ? 69  GLN   A CG  1 
ATOM   536  C  CD  . GLN   A 1 69  ? -14.11993 12.41914  -0.44121  1.000 37.77623 ? 69  GLN   A CD  1 
ATOM   537  O  OE1 . GLN   A 1 69  ? -15.22407 11.98942  -0.10107  1.000 42.25834 ? 69  GLN   A OE1 1 
ATOM   538  N  NE2 . GLN   A 1 69  ? -13.39470 13.22635  0.32128   1.000 40.04054 ? 69  GLN   A NE2 1 
ATOM   539  N  N   . GLY   A 1 70  ? -15.96929 9.65428   -4.57961  1.000 37.66216 ? 70  GLY   A N   1 
ATOM   540  C  CA  . GLY   A 1 70  ? -17.26518 9.38490   -5.15381  1.000 41.88569 ? 70  GLY   A CA  1 
ATOM   541  C  C   . GLY   A 1 70  ? -18.38133 10.06577  -4.38292  1.000 44.22302 ? 70  GLY   A C   1 
ATOM   542  O  O   . GLY   A 1 70  ? -18.18764 10.65885  -3.31775  1.000 44.07725 ? 70  GLY   A O   1 
ATOM   543  N  N   . GLN   A 1 71  ? -19.58467 9.97536   -4.95068  1.000 49.69217 ? 71  GLN   A N   1 
ATOM   544  C  CA  . GLN   A 1 71  ? -20.75935 10.54286  -4.30192  1.000 52.60145 ? 71  GLN   A CA  1 
ATOM   545  C  C   . GLN   A 1 71  ? -21.29746 9.62949   -3.21141  1.000 54.71990 ? 71  GLN   A C   1 
ATOM   546  O  O   . GLN   A 1 71  ? -21.77418 10.10774  -2.17493  1.000 53.23019 ? 71  GLN   A O   1 
ATOM   547  C  CB  . GLN   A 1 71  ? -21.85073 10.80259  -5.33617  1.000 62.90868 ? 71  GLN   A CB  1 
ATOM   548  C  CG  . GLN   A 1 71  ? -21.71403 12.10727  -6.08557  1.000 62.91137 ? 71  GLN   A CG  1 
ATOM   549  C  CD  . GLN   A 1 71  ? -22.95309 12.42158  -6.89783  1.000 73.82997 ? 71  GLN   A CD  1 
ATOM   550  O  OE1 . GLN   A 1 71  ? -23.35193 11.64334  -7.76691  1.000 84.94474 ? 71  GLN   A OE1 1 
ATOM   551  N  NE2 . GLN   A 1 71  ? -23.58100 13.55809  -6.60733  1.000 65.48836 ? 71  GLN   A NE2 1 
ATOM   552  N  N   . GLN   A 1 72  ? -21.23604 8.31892   -3.43715  1.000 55.05684 ? 72  GLN   A N   1 
ATOM   553  C  CA  . GLN   A 1 72  ? -21.85963 7.33168   -2.56445  1.000 57.54527 ? 72  GLN   A CA  1 
ATOM   554  C  C   . GLN   A 1 72  ? -20.86863 6.20503   -2.32145  1.000 60.04803 ? 72  GLN   A C   1 
ATOM   555  O  O   . GLN   A 1 72  ? -20.39383 5.58111   -3.27587  1.000 62.03566 ? 72  GLN   A O   1 
ATOM   556  C  CB  . GLN   A 1 72  ? -23.15017 6.79427   -3.19450  1.000 63.25844 ? 72  GLN   A CB  1 
ATOM   557  C  CG  . GLN   A 1 72  ? -23.60240 5.43780   -2.67719  1.000 75.94270 ? 72  GLN   A CG  1 
ATOM   558  C  CD  . GLN   A 1 72  ? -24.77731 4.87120   -3.46462  1.000 87.69554 ? 72  GLN   A CD  1 
ATOM   559  O  OE1 . GLN   A 1 72  ? -25.62595 5.61406   -3.96840  1.000 81.36656 ? 72  GLN   A OE1 1 
ATOM   560  N  NE2 . GLN   A 1 72  ? -24.82567 3.54659   -3.57868  1.000 85.47559 ? 72  GLN   A NE2 1 
ATOM   561  N  N   . ALA   A 1 73  ? -20.54952 5.95008   -1.05385  1.000 55.21940 ? 73  ALA   A N   1 
ATOM   562  C  CA  . ALA   A 1 73  ? -19.65409 4.85269   -0.73199  1.000 49.87263 ? 73  ALA   A CA  1 
ATOM   563  C  C   . ALA   A 1 73  ? -20.31174 3.51439   -1.07794  1.000 50.53344 ? 73  ALA   A C   1 
ATOM   564  O  O   . ALA   A 1 73  ? -21.54127 3.39179   -1.06514  1.000 52.70966 ? 73  ALA   A O   1 
ATOM   565  C  CB  . ALA   A 1 73  ? -19.27163 4.89068   0.74488   1.000 46.34835 ? 73  ALA   A CB  1 
ATOM   566  N  N   . PRO   A 1 74  ? -19.51930 2.50586   -1.42619  1.000 43.80303 ? 74  PRO   A N   1 
ATOM   567  C  CA  . PRO   A 1 74  ? -20.07503 1.17610   -1.67513  1.000 44.90022 ? 74  PRO   A CA  1 
ATOM   568  C  C   . PRO   A 1 74  ? -20.10287 0.33349   -0.40851  1.000 46.44894 ? 74  PRO   A C   1 
ATOM   569  O  O   . PRO   A 1 74  ? -19.43801 0.62503   0.58783   1.000 39.51818 ? 74  PRO   A O   1 
ATOM   570  C  CB  . PRO   A 1 74  ? -19.08733 0.58342   -2.68513  1.000 45.88160 ? 74  PRO   A CB  1 
ATOM   571  C  CG  . PRO   A 1 74  ? -17.77684 1.12707   -2.20574  1.000 36.74491 ? 74  PRO   A CG  1 
ATOM   572  C  CD  . PRO   A 1 74  ? -18.07060 2.54153   -1.69850  1.000 40.14793 ? 74  PRO   A CD  1 
ATOM   573  N  N   . SER   A 1 75  ? -20.89512 -0.73014  -0.46932  1.000 47.84951 ? 75  SER   A N   1 
ATOM   574  C  CA  . SER   A 1 75  ? -20.94899 -1.73350  0.57971   1.000 47.71939 ? 75  SER   A CA  1 
ATOM   575  C  C   . SER   A 1 75  ? -20.42022 -3.04259  0.02358   1.000 47.58016 ? 75  SER   A C   1 
ATOM   576  O  O   . SER   A 1 75  ? -20.33442 -3.22641  -1.19497  1.000 48.30257 ? 75  SER   A O   1 
ATOM   577  C  CB  . SER   A 1 75  ? -22.37263 -1.92606  1.09922   1.000 53.11348 ? 75  SER   A CB  1 
ATOM   578  O  OG  . SER   A 1 75  ? -23.20166 -2.42111  0.06559   1.000 59.72993 ? 75  SER   A OG  1 
ATOM   579  N  N   . GLY   A 1 76  ? -20.07002 -3.95159  0.93165   1.000 44.68713 ? 76  GLY   A N   1 
ATOM   580  C  CA  . GLY   A 1 76  ? -19.44348 -5.20086  0.54406   1.000 44.83072 ? 76  GLY   A CA  1 
ATOM   581  C  C   . GLY   A 1 76  ? -17.96934 -5.02191  0.22045   1.000 42.24499 ? 76  GLY   A C   1 
ATOM   582  O  O   . GLY   A 1 76  ? -17.34804 -3.99737  0.52401   1.000 38.26887 ? 76  GLY   A O   1 
ATOM   583  N  N   . HIS   A 1 77  ? -17.40367 -6.04542  -0.41773  1.000 40.13378 ? 77  HIS   A N   1 
ATOM   584  C  CA  . HIS   A 1 77  ? -15.98942 -6.01410  -0.77136  1.000 40.03912 ? 77  HIS   A CA  1 
ATOM   585  C  C   . HIS   A 1 77  ? -15.75410 -5.11281  -1.97313  1.000 39.18638 ? 77  HIS   A C   1 
ATOM   586  O  O   . HIS   A 1 77  ? -16.57440 -5.03541  -2.89245  1.000 38.65311 ? 77  HIS   A O   1 
ATOM   587  C  CB  . HIS   A 1 77  ? -15.46599 -7.41844  -1.06379  1.000 39.56128 ? 77  HIS   A CB  1 
ATOM   588  C  CG  . HIS   A 1 77  ? -15.54006 -8.33583  0.10964   1.000 40.42596 ? 77  HIS   A CG  1 
ATOM   589  N  ND1 . HIS   A 1 77  ? -15.52517 -7.87996  1.41102   1.000 41.40192 ? 77  HIS   A ND1 1 
ATOM   590  C  CD2 . HIS   A 1 77  ? -15.64390 -9.68330  0.18323   1.000 44.08311 ? 77  HIS   A CD2 1 
ATOM   591  C  CE1 . HIS   A 1 77  ? -15.61390 -8.90884  2.23571   1.000 38.85770 ? 77  HIS   A CE1 1 
ATOM   592  N  NE2 . HIS   A 1 77  ? -15.68708 -10.01378 1.51692   1.000 40.49184 ? 77  HIS   A NE2 1 
ATOM   593  N  N   . ILE   A 1 78  ? -14.62348 -4.42301  -1.94815  1.000 32.36348 ? 78  ILE   A N   1 
ATOM   594  C  CA  . ILE   A 1 78  ? -14.23935 -3.43151  -2.94241  1.000 26.16589 ? 78  ILE   A CA  1 
ATOM   595  C  C   . ILE   A 1 78  ? -13.08509 -4.02977  -3.74578  1.000 22.37478 ? 78  ILE   A C   1 
ATOM   596  O  O   . ILE   A 1 78  ? -12.02191 -4.31220  -3.17241  1.000 24.08728 ? 78  ILE   A O   1 
ATOM   597  C  CB  . ILE   A 1 78  ? -13.83353 -2.12411  -2.25499  1.000 29.07969 ? 78  ILE   A CB  1 
ATOM   598  C  CG1 . ILE   A 1 78  ? -14.96988 -1.62910  -1.35534  1.000 30.14141 ? 78  ILE   A CG1 1 
ATOM   599  C  CG2 . ILE   A 1 78  ? -13.40841 -1.10589  -3.26278  1.000 27.34783 ? 78  ILE   A CG2 1 
ATOM   600  C  CD1 . ILE   A 1 78  ? -14.63381 -0.35521  -0.59196  1.000 32.39308 ? 78  ILE   A CD1 1 
ATOM   601  N  N   . PRO   A 1 79  ? -13.24370 -4.29335  -5.03707  1.000 22.74938 ? 79  PRO   A N   1 
ATOM   602  C  CA  . PRO   A 1 79  ? -12.22710 -5.09411  -5.73832  1.000 23.10170 ? 79  PRO   A CA  1 
ATOM   603  C  C   . PRO   A 1 79  ? -10.92231 -4.33107  -5.96307  1.000 20.19144 ? 79  PRO   A C   1 
ATOM   604  O  O   . PRO   A 1 79  ? -10.88907 -3.10211  -6.09527  1.000 19.26692 ? 79  PRO   A O   1 
ATOM   605  C  CB  . PRO   A 1 79  ? -12.90710 -5.46767  -7.06299  1.000 27.87427 ? 79  PRO   A CB  1 
ATOM   606  C  CG  . PRO   A 1 79  ? -14.04910 -4.51069  -7.19683  1.000 25.24941 ? 79  PRO   A CG  1 
ATOM   607  C  CD  . PRO   A 1 79  ? -14.45912 -4.07161  -5.84139  1.000 21.00402 ? 79  PRO   A CD  1 
ATOM   608  N  N   . PHE   A 1 80  ? -9.81679  -5.08365  -5.97207  1.000 20.41840 ? 80  PHE   A N   1 
ATOM   609  C  CA  . PHE   A 1 80  ? -8.52990  -4.49654  -6.32069  1.000 20.24840 ? 80  PHE   A CA  1 
ATOM   610  C  C   . PHE   A 1 80  ? -8.50064  -4.07309  -7.77995  1.000 16.58828 ? 80  PHE   A C   1 
ATOM   611  O  O   . PHE   A 1 80  ? -9.00551  -4.78126  -8.65839  1.000 19.25962 ? 80  PHE   A O   1 
ATOM   612  C  CB  . PHE   A 1 80  ? -7.39205  -5.49956  -6.10259  1.000 17.65305 ? 80  PHE   A CB  1 
ATOM   613  C  CG  . PHE   A 1 80  ? -7.29820  -6.01710  -4.70496  1.000 20.01307 ? 80  PHE   A CG  1 
ATOM   614  C  CD1 . PHE   A 1 80  ? -6.89931  -5.18310  -3.66677  1.000 18.79812 ? 80  PHE   A CD1 1 
ATOM   615  C  CD2 . PHE   A 1 80  ? -7.58640  -7.34549  -4.43083  1.000 18.69447 ? 80  PHE   A CD2 1 
ATOM   616  C  CE1 . PHE   A 1 80  ? -6.81190  -5.66221  -2.35878  1.000 18.74413 ? 80  PHE   A CE1 1 
ATOM   617  C  CE2 . PHE   A 1 80  ? -7.49710  -7.83692  -3.13188  1.000 21.41411 ? 80  PHE   A CE2 1 
ATOM   618  C  CZ  . PHE   A 1 80  ? -7.11415  -6.99453  -2.09829  1.000 16.71436 ? 80  PHE   A CZ  1 
ATOM   619  N  N   . THR   A 1 81  ? -7.87992  -2.93038  -8.04375  1.000 18.05646 ? 81  THR   A N   1 
ATOM   620  C  CA  . THR   A 1 81  ? -7.59317  -2.55240  -9.41471  1.000 18.53949 ? 81  THR   A CA  1 
ATOM   621  C  C   . THR   A 1 81  ? -6.55465  -3.50965  -9.99055  1.000 20.35986 ? 81  THR   A C   1 
ATOM   622  O  O   . THR   A 1 81  ? -5.87418  -4.21611  -9.24404  1.000 19.99094 ? 81  THR   A O   1 
ATOM   623  C  CB  . THR   A 1 81  ? -7.04621  -1.13775  -9.49876  1.000 21.44212 ? 81  THR   A CB  1 
ATOM   624  O  OG1 . THR   A 1 81  ? -5.77351  -1.11182  -8.83317  1.000 18.72453 ? 81  THR   A OG1 1 
ATOM   625  C  CG2 . THR   A 1 81  ? -7.97703  -0.13726  -8.83676  1.000 16.71324 ? 81  THR   A CG2 1 
ATOM   626  N  N   . PRO   A 1 82  ? -6.39002  -3.52644  -11.31855 1.000 17.38593 ? 82  PRO   A N   1 
ATOM   627  C  CA  . PRO   A 1 82  ? -5.31856  -4.34822  -11.90373 1.000 18.05896 ? 82  PRO   A CA  1 
ATOM   628  C  C   . PRO   A 1 82  ? -3.93606  -4.02788  -11.33266 1.000 19.52027 ? 82  PRO   A C   1 
ATOM   629  O  O   . PRO   A 1 82  ? -3.16545  -4.95038  -11.03620 1.000 18.93589 ? 82  PRO   A O   1 
ATOM   630  C  CB  . PRO   A 1 82  ? -5.41662  -4.03399  -13.39715 1.000 18.89039 ? 82  PRO   A CB  1 
ATOM   631  C  CG  . PRO   A 1 82  ? -6.93241  -3.72624  -13.59621 1.000 18.06390 ? 82  PRO   A CG  1 
ATOM   632  C  CD  . PRO   A 1 82  ? -7.30503  -2.96119  -12.34793 1.000 16.94611 ? 82  PRO   A CD  1 
ATOM   633  N  N   . ARG   A 1 83  ? -3.61853  -2.74522  -11.13394 1.000 18.37644 ? 83  ARG   A N   1 
ATOM   634  C  CA  . ARG   A 1 83  ? -2.31265  -2.39186  -10.56794 1.000 21.55038 ? 83  ARG   A CA  1 
ATOM   635  C  C   . ARG   A 1 83  ? -2.18962  -2.83372  -9.11399  1.000 20.26042 ? 83  ARG   A C   1 
ATOM   636  O  O   . ARG   A 1 83  ? -1.11882  -3.29046  -8.69891  1.000 18.04938 ? 83  ARG   A O   1 
ATOM   637  C  CB  . ARG   A 1 83  ? -2.07518  -0.89248  -10.69342 1.000 20.50270 ? 83  ARG   A CB  1 
ATOM   638  C  CG  . ARG   A 1 83  ? -2.01462  -0.40836  -12.14106 1.000 24.79993 ? 83  ARG   A CG  1 
ATOM   639  C  CD  . ARG   A 1 83  ? -1.35901  0.94407   -12.23196 1.000 27.28050 ? 83  ARG   A CD  1 
ATOM   640  N  NE  . ARG   A 1 83  ? -1.33983  1.41221   -13.60687 1.000 33.70327 ? 83  ARG   A NE  1 
ATOM   641  C  CZ  . ARG   A 1 83  ? -0.35681  1.16435   -14.45886 1.000 40.74061 ? 83  ARG   A CZ  1 
ATOM   642  N  NH1 . ARG   A 1 83  ? 0.71848   0.48520   -14.09356 1.000 34.12325 ? 83  ARG   A NH1 1 
ATOM   643  N  NH2 . ARG   A 1 83  ? -0.45141  1.61491   -15.70649 1.000 41.65471 ? 83  ARG   A NH2 1 
ATOM   644  N  N   . ALA   A 1 84  ? -3.26131  -2.71713  -8.31671  1.000 17.15352 ? 84  ALA   A N   1 
ATOM   645  C  CA  . ALA   A 1 84  ? -3.16104  -3.21295  -6.94305  1.000 18.66080 ? 84  ALA   A CA  1 
ATOM   646  C  C   . ALA   A 1 84  ? -2.97926  -4.72597  -6.91228  1.000 18.92229 ? 84  ALA   A C   1 
ATOM   647  O  O   . ALA   A 1 84  ? -2.24163  -5.26404  -6.07126  1.000 20.30010 ? 84  ALA   A O   1 
ATOM   648  C  CB  . ALA   A 1 84  ? -4.39177  -2.81810  -6.13044  1.000 20.27641 ? 84  ALA   A CB  1 
ATOM   649  N  N   . LYS   A 1 85  ? -3.67646  -5.44465  -7.79722  1.000 18.77862 ? 85  LYS   A N   1 
ATOM   650  C  CA  . LYS   A 1 85  ? -3.40810  -6.87488  -7.90995  1.000 15.75328 ? 85  LYS   A CA  1 
ATOM   651  C  C   . LYS   A 1 85  ? -1.92469  -7.13162  -8.18118  1.000 16.35623 ? 85  LYS   A C   1 
ATOM   652  O  O   . LYS   A 1 85  ? -1.32593  -8.01620  -7.57307  1.000 20.84550 ? 85  LYS   A O   1 
ATOM   653  C  CB  . LYS   A 1 85  ? -4.26963  -7.50301  -9.00479  1.000 22.83921 ? 85  LYS   A CB  1 
ATOM   654  C  CG  . LYS   A 1 85  ? -5.72451  -7.50166  -8.60343  1.000 19.89060 ? 85  LYS   A CG  1 
ATOM   655  C  CD  . LYS   A 1 85  ? -6.67220  -7.88848  -9.76104  1.000 21.11188 ? 85  LYS   A CD  1 
ATOM   656  C  CE  . LYS   A 1 85  ? -6.29616  -9.24020  -10.32730 1.000 28.21601 ? 85  LYS   A CE  1 
ATOM   657  N  NZ  . LYS   A 1 85  ? -7.34130  -9.63137  -11.35738 1.000 29.73220 ? 85  LYS   A NZ  1 
ATOM   658  N  N   . LYS   A 1 86  ? -1.33228  -6.37140  -9.11383  1.000 18.91860 ? 86  LYS   A N   1 
ATOM   659  C  CA  . LYS   A 1 86  ? 0.08221   -6.57838  -9.44494  1.000 17.88291 ? 86  LYS   A CA  1 
ATOM   660  C  C   . LYS   A 1 86  ? 0.96631   -6.30167  -8.23853  1.000 20.64992 ? 86  LYS   A C   1 
ATOM   661  O  O   . LYS   A 1 86  ? 1.94856   -7.02760  -7.98865  1.000 20.36463 ? 86  LYS   A O   1 
ATOM   662  C  CB  . LYS   A 1 86  ? 0.47314   -5.67853  -10.62362 1.000 22.99152 ? 86  LYS   A CB  1 
ATOM   663  C  CG  . LYS   A 1 86  ? 1.86088   -5.91404  -11.18324 1.000 29.43558 ? 86  LYS   A CG  1 
ATOM   664  C  CD  . LYS   A 1 86  ? 2.00821   -7.35440  -11.67546 1.000 35.23100 ? 86  LYS   A CD  1 
ATOM   665  C  CE  . LYS   A 1 86  ? 0.92741   -7.69028  -12.70782 1.000 59.36558 ? 86  LYS   A CE  1 
ATOM   666  N  NZ  . LYS   A 1 86  ? 0.91768   -9.14560  -13.05580 1.000 54.20689 ? 86  LYS   A NZ  1 
ATOM   667  N  N   . VAL   A 1 87  ? 0.64080   -5.25806  -7.48291  1.000 19.40191 ? 87  VAL   A N   1 
ATOM   668  C  CA  . VAL   A 1 87  ? 1.42214   -4.93908  -6.27750  1.000 19.07755 ? 87  VAL   A CA  1 
ATOM   669  C  C   . VAL   A 1 87  ? 1.41540   -6.11813  -5.32346  1.000 21.98861 ? 87  VAL   A C   1 
ATOM   670  O  O   . VAL   A 1 87  ? 2.45717   -6.50305  -4.77356  1.000 20.69674 ? 87  VAL   A O   1 
ATOM   671  C  CB  . VAL   A 1 87  ? 0.87190   -3.67576  -5.59309  1.000 17.13490 ? 87  VAL   A CB  1 
ATOM   672  C  CG1 . VAL   A 1 87  ? 1.34361   -3.58056  -4.13036  1.000 17.85237 ? 87  VAL   A CG1 1 
ATOM   673  C  CG2 . VAL   A 1 87  ? 1.26032   -2.41507  -6.37586  1.000 18.03112 ? 87  VAL   A CG2 1 
ATOM   674  N  N   . LEU   A 1 88  ? 0.23206   -6.69432  -5.08660  1.000 19.28937 ? 88  LEU   A N   1 
ATOM   675  C  CA  . LEU   A 1 88  ? 0.13985   -7.80636  -4.13792  1.000 20.64025 ? 88  LEU   A CA  1 
ATOM   676  C  C   . LEU   A 1 88  ? 0.83067   -9.05407  -4.67417  1.000 22.51136 ? 88  LEU   A C   1 
ATOM   677  O  O   . LEU   A 1 88  ? 1.45937   -9.79791  -3.90872  1.000 19.29499 ? 88  LEU   A O   1 
ATOM   678  C  CB  . LEU   A 1 88  ? -1.32476  -8.08758  -3.79749  1.000 19.80953 ? 88  LEU   A CB  1 
ATOM   679  C  CG  . LEU   A 1 88  ? -1.91310  -6.91933  -3.00322  1.000 16.80328 ? 88  LEU   A CG  1 
ATOM   680  C  CD1 . LEU   A 1 88  ? -3.45669  -6.96463  -2.89282  1.000 20.49487 ? 88  LEU   A CD1 1 
ATOM   681  C  CD2 . LEU   A 1 88  ? -1.28449  -6.84321  -1.62786  1.000 23.42613 ? 88  LEU   A CD2 1 
ATOM   682  N  N   . GLU   A 1 89  ? 0.74969   -9.29802  -5.98411  1.000 18.13969 ? 89  GLU   A N   1 
ATOM   683  C  CA  . GLU   A 1 89  ? 1.51527   -10.40299 -6.56246  1.000 18.78270 ? 89  GLU   A CA  1 
ATOM   684  C  C   . GLU   A 1 89  ? 2.99890   -10.19356 -6.34980  1.000 23.05357 ? 89  GLU   A C   1 
ATOM   685  O  O   . GLU   A 1 89  ? 3.72828   -11.12372 -5.96884  1.000 20.98239 ? 89  GLU   A O   1 
ATOM   686  C  CB  . GLU   A 1 89  ? 1.22831   -10.54585 -8.06134  1.000 19.96996 ? 89  GLU   A CB  1 
ATOM   687  C  CG  . GLU   A 1 89  ? -0.15179  -11.07444 -8.37711  1.000 29.47554 ? 89  GLU   A CG  1 
ATOM   688  C  CD  . GLU   A 1 89  ? -0.42959  -11.13945 -9.87318  1.000 42.61912 ? 89  GLU   A CD  1 
ATOM   689  O  OE1 . GLU   A 1 89  ? 0.37906   -11.75604 -10.60719 1.000 53.65505 ? 89  GLU   A OE1 1 
ATOM   690  O  OE2 . GLU   A 1 89  ? -1.45763  -10.56595 -10.30543 1.000 44.31697 ? 89  GLU   A OE2 1 
ATOM   691  N  N   . LEU   A 1 90  ? 3.46919   -8.98179  -6.61449  1.000 19.08123 ? 90  LEU   A N   1 
ATOM   692  C  CA  . LEU   A 1 90  ? 4.88992   -8.70356  -6.49072  1.000 17.80887 ? 90  LEU   A CA  1 
ATOM   693  C  C   . LEU   A 1 90  ? 5.35236   -8.79018  -5.04374  1.000 21.67441 ? 90  LEU   A C   1 
ATOM   694  O  O   . LEU   A 1 90  ? 6.50899   -9.14169  -4.79473  1.000 19.80953 ? 90  LEU   A O   1 
ATOM   695  C  CB  . LEU   A 1 90  ? 5.20202   -7.34410  -7.07836  1.000 19.61658 ? 90  LEU   A CB  1 
ATOM   696  C  CG  . LEU   A 1 90  ? 5.07091   -7.23819  -8.59696  1.000 18.63012 ? 90  LEU   A CG  1 
ATOM   697  C  CD1 . LEU   A 1 90  ? 5.14318   -5.78539  -9.02479  1.000 22.20427 ? 90  LEU   A CD1 1 
ATOM   698  C  CD2 . LEU   A 1 90  ? 6.15408   -8.09066  -9.27542  1.000 24.31838 ? 90  LEU   A CD2 1 
ATOM   699  N  N   . SER   A 1 91  ? 4.46967   -8.49130  -4.08812  1.000 18.72251 ? 91  SER   A N   1 
ATOM   700  C  CA  . SER   A 1 91  ? 4.86557   -8.53654  -2.67882  1.000 19.21406 ? 91  SER   A CA  1 
ATOM   701  C  C   . SER   A 1 91  ? 5.36724   -9.92547  -2.27248  1.000 21.32791 ? 91  SER   A C   1 
ATOM   702  O  O   . SER   A 1 91  ? 6.32691   -10.03276 -1.47730  1.000 20.36626 ? 91  SER   A O   1 
ATOM   703  C  CB  . SER   A 1 91  ? 3.69060   -8.06688  -1.80351  1.000 20.97785 ? 91  SER   A CB  1 
ATOM   704  O  OG  . SER   A 1 91  ? 2.74976   -9.10373  -1.59127  1.000 23.68610 ? 91  SER   A OG  1 
ATOM   705  N  N   . LEU   A 1 92  ? 4.78374   -10.99426 -2.83799  1.000 18.14986 ? 92  LEU   A N   1 
ATOM   706  C  CA  . LEU   A 1 92  ? 5.25180   -12.35966 -2.55855  1.000 20.03847 ? 92  LEU   A CA  1 
ATOM   707  C  C   . LEU   A 1 92  ? 6.72292   -12.51299 -2.91785  1.000 24.75275 ? 92  LEU   A C   1 
ATOM   708  O  O   . LEU   A 1 92  ? 7.52213   -13.07116 -2.14002  1.000 23.00962 ? 92  LEU   A O   1 
ATOM   709  C  CB  . LEU   A 1 92  ? 4.41904   -13.36670 -3.36266  1.000 27.71673 ? 92  LEU   A CB  1 
ATOM   710  C  CG  . LEU   A 1 92  ? 4.67312   -14.89547 -3.38722  1.000 46.27403 ? 92  LEU   A CG  1 
ATOM   711  C  CD1 . LEU   A 1 92  ? 5.70081   -15.30848 -4.45484  1.000 48.63724 ? 92  LEU   A CD1 1 
ATOM   712  C  CD2 . LEU   A 1 92  ? 5.05154   -15.48930 -2.01666  1.000 41.56023 ? 92  LEU   A CD2 1 
ATOM   713  N  N   . ARG   A 1 93  ? 7.08992   -12.01908 -4.10612  1.000 20.75260 ? 93  ARG   A N   1 
ATOM   714  C  CA  . ARG   A 1 93  ? 8.45043   -12.16213 -4.61970  1.000 25.82803 ? 93  ARG   A CA  1 
ATOM   715  C  C   . ARG   A 1 93  ? 9.41992   -11.33194 -3.80377  1.000 21.53853 ? 93  ARG   A C   1 
ATOM   716  O  O   . ARG   A 1 93  ? 10.55631  -11.76244 -3.52834  1.000 20.61757 ? 93  ARG   A O   1 
ATOM   717  C  CB  . ARG   A 1 93  ? 8.50664   -11.70516 -6.07496  1.000 30.17061 ? 93  ARG   A CB  1 
ATOM   718  C  CG  . ARG   A 1 93  ? 7.36857   -12.19230 -6.97241  1.000 34.17301 ? 93  ARG   A CG  1 
ATOM   719  C  CD  . ARG   A 1 93  ? 7.69677   -13.57129 -7.42905  1.000 43.44966 ? 93  ARG   A CD  1 
ATOM   720  N  NE  . ARG   A 1 93  ? 9.13993   -13.75713 -7.33617  1.000 59.41052 ? 93  ARG   A NE  1 
ATOM   721  C  CZ  . ARG   A 1 93  ? 9.74826   -14.90463 -7.07275  1.000 47.51864 ? 93  ARG   A CZ  1 
ATOM   722  N  NH1 . ARG   A 1 93  ? 9.07197   -16.03866 -6.96124  1.000 46.34101 ? 93  ARG   A NH1 1 
ATOM   723  N  NH2 . ARG   A 1 93  ? 11.06856  -14.91031 -6.90368  1.000 36.81833 ? 93  ARG   A NH2 1 
ATOM   724  N  N   . GLU   A 1 94  ? 8.99621   -10.12319 -3.42423  1.000 19.55153 ? 94  GLU   A N   1 
ATOM   725  C  CA  . GLU   A 1 94  ? 9.85711   -9.27994  -2.59203  1.000 20.09588 ? 94  GLU   A CA  1 
ATOM   726  C  C   . GLU   A 1 94  ? 10.16797  -9.96936  -1.27862  1.000 21.58000 ? 94  GLU   A C   1 
ATOM   727  O  O   . GLU   A 1 94  ? 11.30907  -9.91925  -0.79090  1.000 19.94240 ? 94  GLU   A O   1 
ATOM   728  C  CB  . GLU   A 1 94  ? 9.18797   -7.93183  -2.32457  1.000 22.12198 ? 94  GLU   A CB  1 
ATOM   729  C  CG  . GLU   A 1 94  ? 8.79690   -7.14695  -3.58641  1.000 21.06921 ? 94  GLU   A CG  1 
ATOM   730  C  CD  . GLU   A 1 94  ? 9.97132   -6.57232  -4.37992  1.000 27.93748 ? 94  GLU   A CD  1 
ATOM   731  O  OE1 . GLU   A 1 94  ? 10.80293  -5.82889  -3.81544  1.000 30.34220 ? 94  GLU   A OE1 1 
ATOM   732  O  OE2 . GLU   A 1 94  ? 10.04773  -6.85945  -5.59134  1.000 39.39872 ? 94  GLU   A OE2 1 
ATOM   733  N  N   . ALA   A 1 95  ? 9.17404   -10.63765 -0.69576  1.000 17.19609 ? 95  ALA   A N   1 
ATOM   734  C  CA  . ALA   A 1 95  ? 9.39473   -11.26544 0.60065   1.000 18.04446 ? 95  ALA   A CA  1 
ATOM   735  C  C   . ALA   A 1 95  ? 10.33610  -12.45457 0.46154   1.000 20.05625 ? 95  ALA   A C   1 
ATOM   736  O  O   . ALA   A 1 95  ? 11.26016  -12.62850 1.27098   1.000 23.30823 ? 95  ALA   A O   1 
ATOM   737  C  CB  . ALA   A 1 95  ? 8.06200   -11.71264 1.20547   1.000 22.23443 ? 95  ALA   A CB  1 
ATOM   738  N  N   . LEU   A 1 96  ? 10.12858  -13.27068 -0.57648  1.000 19.58414 ? 96  LEU   A N   1 
ATOM   739  C  CA  . LEU   A 1 96  ? 11.02186  -14.41180 -0.79402  1.000 20.60355 ? 96  LEU   A CA  1 
ATOM   740  C  C   . LEU   A 1 96  ? 12.45863  -13.95583 -0.99089  1.000 21.75446 ? 96  LEU   A C   1 
ATOM   741  O  O   . LEU   A 1 96  ? 13.39612  -14.53136 -0.41525  1.000 23.12453 ? 96  LEU   A O   1 
ATOM   742  C  CB  . LEU   A 1 96  ? 10.56124  -15.20826 -2.00936  1.000 20.53464 ? 96  LEU   A CB  1 
ATOM   743  C  CG  . LEU   A 1 96  ? 9.29763   -16.02252 -1.78125  1.000 27.65554 ? 96  LEU   A CG  1 
ATOM   744  C  CD1 . LEU   A 1 96  ? 8.82360   -16.64538 -3.07475  1.000 27.33807 ? 96  LEU   A CD1 1 
ATOM   745  C  CD2 . LEU   A 1 96  ? 9.56664   -17.06256 -0.71222  1.000 28.29700 ? 96  LEU   A CD2 1 
ATOM   746  N  N   . GLN   A 1 97  ? 12.65560  -12.91982 -1.80757  1.000 19.79125 ? 97  GLN   A N   1 
ATOM   747  C  CA  . GLN   A 1 97  ? 14.01256  -12.45951 -2.08722  1.000 21.36052 ? 97  GLN   A CA  1 
ATOM   748  C  C   . GLN   A 1 97  ? 14.70233  -11.92231 -0.84198  1.000 24.01017 ? 97  GLN   A C   1 
ATOM   749  O  O   . GLN   A 1 97  ? 15.93198  -12.00558 -0.72978  1.000 21.85252 ? 97  GLN   A O   1 
ATOM   750  C  CB  . GLN   A 1 97  ? 13.96665  -11.39722 -3.17709  1.000 22.80954 ? 97  GLN   A CB  1 
ATOM   751  C  CG  . GLN   A 1 97  ? 13.56492  -11.95961 -4.53269  1.000 22.71675 ? 97  GLN   A CG  1 
ATOM   752  C  CD  . GLN   A 1 97  ? 13.53438  -10.89949 -5.59543  1.000 25.74868 ? 97  GLN   A CD  1 
ATOM   753  O  OE1 . GLN   A 1 97  ? 14.55949  -10.54233 -6.15136  1.000 25.66975 ? 97  GLN   A OE1 1 
ATOM   754  N  NE2 . GLN   A 1 97  ? 12.35465  -10.36534 -5.86519  1.000 25.25571 ? 97  GLN   A NE2 1 
ATOM   755  N  N   . LEU   A 1 98  ? 13.94893  -11.35791 0.09011   1.000 21.76280 ? 98  LEU   A N   1 
ATOM   756  C  CA  . LEU   A 1 98  ? 14.51273  -10.89971 1.35248   1.000 21.09667 ? 98  LEU   A CA  1 
ATOM   757  C  C   . LEU   A 1 98  ? 14.57727  -12.01552 2.39298   1.000 26.23716 ? 98  LEU   A C   1 
ATOM   758  O  O   . LEU   A 1 98  ? 14.83079  -11.74615 3.57151   1.000 26.95066 ? 98  LEU   A O   1 
ATOM   759  C  CB  . LEU   A 1 98  ? 13.72723  -9.68700  1.87769   1.000 20.90512 ? 98  LEU   A CB  1 
ATOM   760  C  CG  . LEU   A 1 98  ? 13.98714  -8.46191  0.99904   1.000 22.75730 ? 98  LEU   A CG  1 
ATOM   761  C  CD1 . LEU   A 1 98  ? 12.96398  -7.38996  1.26814   1.000 23.11213 ? 98  LEU   A CD1 1 
ATOM   762  C  CD2 . LEU   A 1 98  ? 15.33074  -7.86588  1.24534   1.000 25.57834 ? 98  LEU   A CD2 1 
ATOM   763  N  N   . GLY   A 1 99  ? 14.37350  -13.25991 1.97399   1.000 26.21897 ? 99  GLY   A N   1 
ATOM   764  C  CA  . GLY   A 1 99  ? 14.58266  -14.40055 2.83129   1.000 26.67452 ? 99  GLY   A CA  1 
ATOM   765  C  C   . GLY   A 1 99  ? 13.42062  -14.76656 3.71173   1.000 31.31227 ? 99  GLY   A C   1 
ATOM   766  O  O   . GLY   A 1 99  ? 13.63264  -15.35506 4.77448   1.000 33.44158 ? 99  GLY   A O   1 
ATOM   767  N  N   . HIS   A 1 100 ? 12.19667  -14.43583 3.32199   1.000 26.69465 ? 100 HIS   A N   1 
ATOM   768  C  CA  . HIS   A 1 100 ? 11.05894  -14.61687 4.20626   1.000 31.18152 ? 100 HIS   A CA  1 
ATOM   769  C  C   . HIS   A 1 100 ? 10.00190  -15.45767 3.52085   1.000 29.29550 ? 100 HIS   A C   1 
ATOM   770  O  O   . HIS   A 1 100 ? 9.70209   -15.24724 2.34945   1.000 24.13004 ? 100 HIS   A O   1 
ATOM   771  C  CB  . HIS   A 1 100 ? 10.46714  -13.25885 4.62706   1.000 30.98238 ? 100 HIS   A CB  1 
ATOM   772  C  CG  . HIS   A 1 100 ? 11.41248  -12.42589 5.44223   1.000 35.01853 ? 100 HIS   A CG  1 
ATOM   773  N  ND1 . HIS   A 1 100 ? 11.90963  -12.84221 6.65927   1.000 45.80411 ? 100 HIS   A ND1 1 
ATOM   774  C  CD2 . HIS   A 1 100 ? 11.98214  -11.22219 5.19788   1.000 32.40424 ? 100 HIS   A CD2 1 
ATOM   775  C  CE1 . HIS   A 1 100 ? 12.72514  -11.91935 7.13918   1.000 46.40329 ? 100 HIS   A CE1 1 
ATOM   776  N  NE2 . HIS   A 1 100 ? 12.78337  -10.92334 6.27378   1.000 41.77918 ? 100 HIS   A NE2 1 
ATOM   777  N  N   . ASN   A 1 101 ? 9.42805   -16.39379 4.26332   1.000 32.19499 ? 101 ASN   A N   1 
ATOM   778  C  CA  . ASN   A 1 101 ? 8.27323   -17.12722 3.77197   1.000 34.63986 ? 101 ASN   A CA  1 
ATOM   779  C  C   . ASN   A 1 101 ? 6.96784   -16.40880 4.06907   1.000 30.56502 ? 101 ASN   A C   1 
ATOM   780  O  O   . ASN   A 1 101 ? 5.92999   -16.79334 3.52341   1.000 34.81828 ? 101 ASN   A O   1 
ATOM   781  C  CB  . ASN   A 1 101 ? 8.23432   -18.53088 4.37620   1.000 39.22819 ? 101 ASN   A CB  1 
ATOM   782  C  CG  . ASN   A 1 101 ? 9.28403   -19.43979 3.77825   1.000 57.95370 ? 101 ASN   A CG  1 
ATOM   783  O  OD1 . ASN   A 1 101 ? 9.36991   -19.58452 2.55421   1.000 52.01769 ? 101 ASN   A OD1 1 
ATOM   784  N  ND2 . ASN   A 1 101 ? 10.10132  -20.04494 4.63407   1.000 62.43591 ? 101 ASN   A ND2 1 
ATOM   785  N  N   . TYR   A 1 102 ? 7.02061   -15.38247 4.90805   1.000 24.07023 ? 102 TYR   A N   1 
ATOM   786  C  CA  . TYR   A 1 102 ? 5.88747   -14.53927 5.25733   1.000 27.46554 ? 102 TYR   A CA  1 
ATOM   787  C  C   . TYR   A 1 102 ? 5.98926   -13.22431 4.50168   1.000 25.52046 ? 102 TYR   A C   1 
ATOM   788  O  O   . TYR   A 1 102 ? 7.08536   -12.74188 4.22429   1.000 23.94289 ? 102 TYR   A O   1 
ATOM   789  C  CB  . TYR   A 1 102 ? 5.87646   -14.24675 6.76159   1.000 31.78692 ? 102 TYR   A CB  1 
ATOM   790  C  CG  . TYR   A 1 102 ? 7.04996   -13.35785 7.23556   1.000 39.41210 ? 102 TYR   A CG  1 
ATOM   791  C  CD1 . TYR   A 1 102 ? 7.02192   -11.96284 7.07602   1.000 32.29603 ? 102 TYR   A CD1 1 
ATOM   792  C  CD2 . TYR   A 1 102 ? 8.17928   -13.91597 7.83592   1.000 42.26461 ? 102 TYR   A CD2 1 
ATOM   793  C  CE1 . TYR   A 1 102 ? 8.06257   -11.15668 7.49136   1.000 34.02923 ? 102 TYR   A CE1 1 
ATOM   794  C  CE2 . TYR   A 1 102 ? 9.23375   -13.11341 8.26422   1.000 44.05225 ? 102 TYR   A CE2 1 
ATOM   795  C  CZ  . TYR   A 1 102 ? 9.16993   -11.73235 8.09098   1.000 48.51649 ? 102 TYR   A CZ  1 
ATOM   796  O  OH  . TYR   A 1 102 ? 10.20813  -10.92008 8.50860   1.000 50.29310 ? 102 TYR   A OH  1 
ATOM   797  N  N   . ILE   A 1 103 ? 4.83647   -12.61675 4.21214   1.000 19.63235 ? 103 ILE   A N   1 
ATOM   798  C  CA  . ILE   A 1 103 ? 4.79587   -11.30208 3.58399   1.000 24.50432 ? 103 ILE   A CA  1 
ATOM   799  C  C   . ILE   A 1 103 ? 4.43054   -10.30592 4.67153   1.000 21.65385 ? 103 ILE   A C   1 
ATOM   800  O  O   . ILE   A 1 103 ? 3.34957   -10.37785 5.25106   1.000 21.26223 ? 103 ILE   A O   1 
ATOM   801  C  CB  . ILE   A 1 103 ? 3.81051   -11.25288 2.40996   1.000 20.05697 ? 103 ILE   A CB  1 
ATOM   802  C  CG1 . ILE   A 1 103 ? 4.28988   -12.22502 1.32407   1.000 23.02667 ? 103 ILE   A CG1 1 
ATOM   803  C  CG2 . ILE   A 1 103 ? 3.67815   -9.81908  1.87605   1.000 21.29007 ? 103 ILE   A CG2 1 
ATOM   804  C  CD1 . ILE   A 1 103 ? 3.24120   -12.66551 0.37074   1.000 34.07355 ? 103 ILE   A CD1 1 
ATOM   805  N  N   . GLY   A 1 104 ? 5.36516   -9.42110  5.00082   1.000 17.68797 ? 104 GLY   A N   1 
ATOM   806  C  CA  . GLY   A 1 104 ? 5.13321   -8.37985  5.97250   1.000 19.22743 ? 104 GLY   A CA  1 
ATOM   807  C  C   . GLY   A 1 104 ? 4.82284   -7.06215  5.28577   1.000 15.41802 ? 104 GLY   A C   1 
ATOM   808  O  O   . GLY   A 1 104 ? 4.84263   -6.95525  4.06100   1.000 17.70166 ? 104 GLY   A O   1 
ATOM   809  N  N   . THR   A 1 105 ? 4.51866   -6.04949  6.10359   1.000 16.70221 ? 105 THR   A N   1 
ATOM   810  C  CA  . THR   A 1 105 ? 4.15019   -4.74626  5.54056   1.000 14.20153 ? 105 THR   A CA  1 
ATOM   811  C  C   . THR   A 1 105 ? 5.24733   -4.21504  4.62125   1.000 15.76739 ? 105 THR   A C   1 
ATOM   812  O  O   . THR   A 1 105 ? 4.95382   -3.57316  3.60085   1.000 19.18725 ? 105 THR   A O   1 
ATOM   813  C  CB  . THR   A 1 105 ? 3.83849   -3.72559  6.64873   1.000 15.85476 ? 105 THR   A CB  1 
ATOM   814  O  OG1 . THR   A 1 105 ? 5.05667   -3.38164  7.34998   1.000 19.76023 ? 105 THR   A OG1 1 
ATOM   815  C  CG2 . THR   A 1 105 ? 2.88076   -4.31459  7.66597   1.000 19.31914 ? 105 THR   A CG2 1 
ATOM   816  N  N   . GLU   A 1 106 ? 6.53705   -4.44363  4.97708   1.000 17.06631 ? 106 GLU   A N   1 
ATOM   817  C  CA  . GLU   A 1 106 ? 7.59747   -3.90917  4.12835   1.000 18.43583 ? 106 GLU   A CA  1 
ATOM   818  C  C   . GLU   A 1 106 ? 7.54245   -4.49150  2.72197   1.000 17.41124 ? 106 GLU   A C   1 
ATOM   819  O  O   . GLU   A 1 106 ? 7.93645   -3.82957  1.76374   1.000 17.58406 ? 106 GLU   A O   1 
ATOM   820  C  CB  . GLU   A 1 106 ? 8.98615   -4.15123  4.75756   1.000 18.94968 ? 106 GLU   A CB  1 
ATOM   821  C  CG  . GLU   A 1 106 ? 9.40938   -5.61848  4.92007   1.000 21.57025 ? 106 GLU   A CG  1 
ATOM   822  C  CD  . GLU   A 1 106 ? 8.96987   -6.20973  6.25159   1.000 20.67336 ? 106 GLU   A CD  1 
ATOM   823  O  OE1 . GLU   A 1 106 ? 7.98445   -5.70475  6.83088   1.000 20.66983 ? 106 GLU   A OE1 1 
ATOM   824  O  OE2 . GLU   A 1 106 ? 9.65209   -7.13997  6.74606   1.000 26.29712 ? 106 GLU   A OE2 1 
ATOM   825  N  N   . HIS   A 1 107 ? 7.06851   -5.72284  2.57689   1.000 16.82206 ? 107 HIS   A N   1 
ATOM   826  C  CA  . HIS   A 1 107 ? 7.09351   -6.37525  1.27239   1.000 13.96737 ? 107 HIS   A CA  1 
ATOM   827  C  C   . HIS   A 1 107 ? 5.96285   -5.88328  0.41163   1.000 17.21961 ? 107 HIS   A C   1 
ATOM   828  O  O   . HIS   A 1 107 ? 6.11529   -5.80559  -0.80799  1.000 17.98598 ? 107 HIS   A O   1 
ATOM   829  C  CB  . HIS   A 1 107 ? 7.02717   -7.88285  1.44126   1.000 18.03849 ? 107 HIS   A CB  1 
ATOM   830  C  CG  . HIS   A 1 107 ? 8.11751   -8.38648  2.32628   1.000 16.73014 ? 107 HIS   A CG  1 
ATOM   831  N  ND1 . HIS   A 1 107 ? 7.86647   -9.08525  3.48449   1.000 17.30364 ? 107 HIS   A ND1 1 
ATOM   832  C  CD2 . HIS   A 1 107 ? 9.45432   -8.18389  2.28415   1.000 19.64739 ? 107 HIS   A CD2 1 
ATOM   833  C  CE1 . HIS   A 1 107 ? 9.01300   -9.35064  4.08602   1.000 21.61143 ? 107 HIS   A CE1 1 
ATOM   834  N  NE2 . HIS   A 1 107 ? 9.98706   -8.80256  3.38329   1.000 20.22190 ? 107 HIS   A NE2 1 
ATOM   835  N  N   . ILE   A 1 108 ? 4.87741   -5.45561  1.04739   1.000 17.09156 ? 108 ILE   A N   1 
ATOM   836  C  CA  . ILE   A 1 108 ? 3.80829   -4.78172  0.31353   1.000 16.76426 ? 108 ILE   A CA  1 
ATOM   837  C  C   . ILE   A 1 108 ? 4.28968   -3.42780  -0.18464  1.000 16.71672 ? 108 ILE   A C   1 
ATOM   838  O  O   . ILE   A 1 108 ? 4.06563   -3.04614  -1.34552  1.000 17.12439 ? 108 ILE   A O   1 
ATOM   839  C  CB  . ILE   A 1 108 ? 2.56390   -4.63619  1.20353   1.000 16.17750 ? 108 ILE   A CB  1 
ATOM   840  C  CG1 . ILE   A 1 108 ? 2.02442   -6.00623  1.57075   1.000 17.03834 ? 108 ILE   A CG1 1 
ATOM   841  C  CG2 . ILE   A 1 108 ? 1.47837   -3.90936  0.44023   1.000 15.36208 ? 108 ILE   A CG2 1 
ATOM   842  C  CD1 . ILE   A 1 108 ? 0.89766   -5.94538  2.60979   1.000 18.20355 ? 108 ILE   A CD1 1 
ATOM   843  N  N   . LEU   A 1 109 ? 4.95352   -2.66095  0.69398   1.000 15.44831 ? 109 LEU   A N   1 
ATOM   844  C  CA  . LEU   A 1 109 ? 5.51136   -1.38539  0.24584   1.000 15.40487 ? 109 LEU   A CA  1 
ATOM   845  C  C   . LEU   A 1 109 ? 6.52025   -1.57740  -0.88702  1.000 20.34267 ? 109 LEU   A C   1 
ATOM   846  O  O   . LEU   A 1 109 ? 6.55302   -0.79691  -1.84768  1.000 19.75305 ? 109 LEU   A O   1 
ATOM   847  C  CB  . LEU   A 1 109 ? 6.16701   -0.67556  1.43144   1.000 15.99616 ? 109 LEU   A CB  1 
ATOM   848  C  CG  . LEU   A 1 109 ? 6.79467   0.67767   1.10350   1.000 18.95441 ? 109 LEU   A CG  1 
ATOM   849  C  CD1 . LEU   A 1 109 ? 5.82334   1.59957   0.39720   1.000 19.49117 ? 109 LEU   A CD1 1 
ATOM   850  C  CD2 . LEU   A 1 109 ? 7.30391   1.32714   2.38005   1.000 18.57919 ? 109 LEU   A CD2 1 
ATOM   851  N  N   . LEU   A 1 110 ? 7.40209   -2.57140  -0.75799  1.000 16.84717 ? 110 LEU   A N   1 
ATOM   852  C  CA  . LEU   A 1 110 ? 8.37236   -2.84331  -1.80885  1.000 16.75933 ? 110 LEU   A CA  1 
ATOM   853  C  C   . LEU   A 1 110 ? 7.70339   -3.27249  -3.11128  1.000 18.35733 ? 110 LEU   A C   1 
ATOM   854  O  O   . LEU   A 1 110 ? 8.13082   -2.86031  -4.19242  1.000 22.36861 ? 110 LEU   A O   1 
ATOM   855  C  CB  . LEU   A 1 110 ? 9.35692   -3.90134  -1.33282  1.000 17.20317 ? 110 LEU   A CB  1 
ATOM   856  C  CG  . LEU   A 1 110 ? 10.35942  -3.37266  -0.30322  1.000 17.73108 ? 110 LEU   A CG  1 
ATOM   857  C  CD1 . LEU   A 1 110 ? 11.10935  -4.53381  0.26430   1.000 18.51750 ? 110 LEU   A CD1 1 
ATOM   858  C  CD2 . LEU   A 1 110 ? 11.31066  -2.38559  -0.96347  1.000 21.77546 ? 110 LEU   A CD2 1 
ATOM   859  N  N   . GLY   A 1 111 ? 6.64910   -4.08737  -3.03510  1.000 19.22774 ? 111 GLY   A N   1 
ATOM   860  C  CA  . GLY   A 1 111 ? 5.90827   -4.42394  -4.23864  1.000 17.70000 ? 111 GLY   A CA  1 
ATOM   861  C  C   . GLY   A 1 111 ? 5.20782   -3.22839  -4.85166  1.000 20.39364 ? 111 GLY   A C   1 
ATOM   862  O  O   . GLY   A 1 111 ? 5.10893   -3.11703  -6.07666  1.000 20.43343 ? 111 GLY   A O   1 
ATOM   863  N  N   . LEU   A 1 112 ? 4.76535   -2.29213  -4.01980  1.000 17.86741 ? 112 LEU   A N   1 
ATOM   864  C  CA  . LEU   A 1 112 ? 4.15236   -1.08556  -4.54838  1.000 19.28337 ? 112 LEU   A CA  1 
ATOM   865  C  C   . LEU   A 1 112 ? 5.16658   -0.25808  -5.33390  1.000 21.94310 ? 112 LEU   A C   1 
ATOM   866  O  O   . LEU   A 1 112 ? 4.87390   0.22100   -6.44006  1.000 25.78212 ? 112 LEU   A O   1 
ATOM   867  C  CB  . LEU   A 1 112 ? 3.52957   -0.30245  -3.39392  1.000 21.71642 ? 112 LEU   A CB  1 
ATOM   868  C  CG  . LEU   A 1 112 ? 2.83530   1.02948   -3.64754  1.000 23.27158 ? 112 LEU   A CG  1 
ATOM   869  C  CD1 . LEU   A 1 112 ? 1.76052   1.20160   -2.61495  1.000 32.09825 ? 112 LEU   A CD1 1 
ATOM   870  C  CD2 . LEU   A 1 112 ? 3.81245   2.19017   -3.56776  1.000 35.74717 ? 112 LEU   A CD2 1 
ATOM   871  N  N   . ILE   A 1 113 ? 6.36926   -0.08156  -4.76716  1.000 19.88288 ? 113 ILE   A N   1 
ATOM   872  C  CA  . ILE   A 1 113 ? 7.47448   0.58564   -5.45781  1.000 24.02062 ? 113 ILE   A CA  1 
ATOM   873  C  C   . ILE   A 1 113 ? 7.85108   -0.14308  -6.74044  1.000 25.35994 ? 113 ILE   A C   1 
ATOM   874  O  O   . ILE   A 1 113 ? 8.19524   0.48033   -7.75300  1.000 26.68207 ? 113 ILE   A O   1 
ATOM   875  C  CB  . ILE   A 1 113 ? 8.68619   0.65992   -4.50682  1.000 23.19572 ? 113 ILE   A CB  1 
ATOM   876  C  CG1 . ILE   A 1 113 ? 8.37206   1.53184   -3.29486  1.000 29.97729 ? 113 ILE   A CG1 1 
ATOM   877  C  CG2 . ILE   A 1 113 ? 9.94486   1.08391   -5.26569  1.000 32.94990 ? 113 ILE   A CG2 1 
ATOM   878  C  CD1 . ILE   A 1 113 ? 7.48829   2.66862   -3.59830  1.000 29.43323 ? 113 ILE   A CD1 1 
ATOM   879  N  N   . ARG   A 1 114 ? 7.83815   -1.47528  -6.70126  1.000 24.36740 ? 114 ARG   A N   1 
ATOM   880  C  CA  . ARG   A 1 114 ? 8.27164   -2.27977  -7.83501  1.000 26.01618 ? 114 ARG   A CA  1 
ATOM   881  C  C   . ARG   A 1 114 ? 7.29979   -2.13666  -8.99376  1.000 25.56172 ? 114 ARG   A C   1 
ATOM   882  O  O   . ARG   A 1 114 ? 7.71426   -2.06780  -10.15817 1.000 26.87340 ? 114 ARG   A O   1 
ATOM   883  C  CB  . ARG   A 1 114 ? 8.38222   -3.74292  -7.40976  1.000 26.63337 ? 114 ARG   A CB  1 
ATOM   884  C  CG  . ARG   A 1 114 ? 8.69222   -4.72812  -8.52611  1.000 30.68462 ? 114 ARG   A CG  1 
ATOM   885  C  CD  . ARG   A 1 114 ? 10.09710  -4.54169  -8.97155  1.000 34.51294 ? 114 ARG   A CD  1 
ATOM   886  N  NE  . ARG   A 1 114 ? 10.96767  -4.56095  -7.80154  1.000 46.23108 ? 114 ARG   A NE  1 
ATOM   887  C  CZ  . ARG   A 1 114 ? 12.17496  -4.01489  -7.74839  1.000 52.51065 ? 114 ARG   A CZ  1 
ATOM   888  N  NH1 . ARG   A 1 114 ? 12.67287  -3.33794  -8.76596  1.000 57.32951 ? 114 ARG   A NH1 1 
ATOM   889  N  NH2 . ARG   A 1 114 ? 12.90729  -4.16331  -6.64907  1.000 41.76485 ? 114 ARG   A NH2 1 
ATOM   890  N  N   . GLU   A 1 115 ? 6.00472   -2.10826  -8.69187  1.000 23.62016 ? 115 GLU   A N   1 
ATOM   891  C  CA  . GLU   A 1 115 ? 5.02467   -1.84399  -9.73911  1.000 25.80562 ? 115 GLU   A CA  1 
ATOM   892  C  C   . GLU   A 1 115 ? 5.27600   -0.47106  -10.35020 1.000 27.83065 ? 115 GLU   A C   1 
ATOM   893  O  O   . GLU   A 1 115 ? 5.39477   -0.32667  -11.57465 1.000 31.53760 ? 115 GLU   A O   1 
ATOM   894  C  CB  . GLU   A 1 115 ? 3.60853   -1.95445  -9.16222  1.000 24.97851 ? 115 GLU   A CB  1 
ATOM   895  C  CG  . GLU   A 1 115 ? 2.49957   -2.10811  -10.20897 1.000 25.96051 ? 115 GLU   A CG  1 
ATOM   896  C  CD  . GLU   A 1 115 ? 2.11356   -0.80181  -10.84238 1.000 29.75630 ? 115 GLU   A CD  1 
ATOM   897  O  OE1 . GLU   A 1 115 ? 2.35441   0.26432   -10.22876 1.000 28.56619 ? 115 GLU   A OE1 1 
ATOM   898  O  OE2 . GLU   A 1 115 ? 1.56890   -0.84526  -11.96551 1.000 29.40393 ? 115 GLU   A OE2 1 
ATOM   899  N  N   . GLY   A 1 116 ? 5.35618   0.54861   -9.50309  1.000 23.17629 ? 116 GLY   A N   1 
ATOM   900  C  CA  . GLY   A 1 116 ? 5.95561   1.82269   -9.83576  1.000 27.90454 ? 116 GLY   A CA  1 
ATOM   901  C  C   . GLY   A 1 116 ? 5.15933   2.75265   -10.71911 1.000 28.36509 ? 116 GLY   A C   1 
ATOM   902  O  O   . GLY   A 1 116 ? 5.67245   3.81887   -11.07531 1.000 28.42269 ? 116 GLY   A O   1 
ATOM   903  N  N   . GLU   A 1 117 ? 3.93685   2.40265   -11.11139 1.000 31.14016 ? 117 GLU   A N   1 
ATOM   904  C  CA  . GLU   A 1 117 ? 3.29323   3.17426   -12.16838 1.000 31.11010 ? 117 GLU   A CA  1 
ATOM   905  C  C   . GLU   A 1 117 ? 1.89117   3.65441   -11.83921 1.000 31.79300 ? 117 GLU   A C   1 
ATOM   906  O  O   . GLU   A 1 117 ? 1.31994   4.39612   -12.64011 1.000 33.34350 ? 117 GLU   A O   1 
ATOM   907  C  CB  . GLU   A 1 117 ? 3.25931   2.35945   -13.47481 1.000 36.26671 ? 117 GLU   A CB  1 
ATOM   908  C  CG  . GLU   A 1 117 ? 4.65721   2.06256   -14.03941 1.000 37.97402 ? 117 GLU   A CG  1 
ATOM   909  C  CD  . GLU   A 1 117 ? 4.66402   0.91125   -15.04186 1.000 64.42702 ? 117 GLU   A CD  1 
ATOM   910  O  OE1 . GLU   A 1 117 ? 3.57275   0.48033   -15.47608 1.000 68.93980 ? 117 GLU   A OE1 1 
ATOM   911  O  OE2 . GLU   A 1 117 ? 5.76468   0.43118   -15.38797 1.000 68.92725 ? 117 GLU   A OE2 1 
ATOM   912  N  N   . GLY   A 1 118 ? 1.33146   3.27556   -10.69631 1.000 29.20733 ? 118 GLY   A N   1 
ATOM   913  C  CA  . GLY   A 1 118 ? -0.03600  3.60212   -10.35506 1.000 27.27810 ? 118 GLY   A CA  1 
ATOM   914  C  C   . GLY   A 1 118 ? -0.19780  4.93012   -9.64001  1.000 24.85073 ? 118 GLY   A C   1 
ATOM   915  O  O   . GLY   A 1 118 ? 0.66685   5.80542   -9.67990  1.000 24.81520 ? 118 GLY   A O   1 
ATOM   916  N  N   . VAL   A 1 119 ? -1.35601  5.08765   -9.00123  1.000 23.14238 ? 119 VAL   A N   1 
ATOM   917  C  CA  . VAL   A 1 119 ? -1.66834  6.33930   -8.31795  1.000 20.91518 ? 119 VAL   A CA  1 
ATOM   918  C  C   . VAL   A 1 119 ? -0.71733  6.55047   -7.14573  1.000 20.77594 ? 119 VAL   A C   1 
ATOM   919  O  O   . VAL   A 1 119 ? -0.24822  7.67096   -6.89316  1.000 23.29769 ? 119 VAL   A O   1 
ATOM   920  C  CB  . VAL   A 1 119 ? -3.12978  6.32429   -7.84771  1.000 23.43552 ? 119 VAL   A CB  1 
ATOM   921  C  CG1 . VAL   A 1 119 ? -3.46666  7.62877   -7.08995  1.000 23.26472 ? 119 VAL   A CG1 1 
ATOM   922  C  CG2 . VAL   A 1 119 ? -4.06763  6.10725   -9.03448  1.000 24.66737 ? 119 VAL   A CG2 1 
ATOM   923  N  N   . ALA   A 1 120 ? -0.44996  5.48270   -6.39015  1.000 17.86142 ? 120 ALA   A N   1 
ATOM   924  C  CA  . ALA   A 1 120 ? 0.45711   5.60657   -5.23818  1.000 20.92017 ? 120 ALA   A CA  1 
ATOM   925  C  C   . ALA   A 1 120 ? 1.82567   6.13451   -5.64230  1.000 24.92837 ? 120 ALA   A C   1 
ATOM   926  O  O   . ALA   A 1 120 ? 2.42116   6.94312   -4.92083  1.000 22.04790 ? 120 ALA   A O   1 
ATOM   927  C  CB  . ALA   A 1 120 ? 0.61402   4.26568   -4.53357  1.000 19.81719 ? 120 ALA   A CB  1 
ATOM   928  N  N   . ALA   A 1 121 ? 2.35986   5.67144   -6.77339  1.000 24.85102 ? 121 ALA   A N   1 
ATOM   929  C  CA  . ALA   A 1 121 ? 3.66855   6.16420   -7.20086  1.000 24.25966 ? 121 ALA   A CA  1 
ATOM   930  C  C   . ALA   A 1 121 ? 3.59238   7.63447   -7.61593  1.000 25.68226 ? 121 ALA   A C   1 
ATOM   931  O  O   . ALA   A 1 121 ? 4.50346   8.41828   -7.31357  1.000 26.92317 ? 121 ALA   A O   1 
ATOM   932  C  CB  . ALA   A 1 121 ? 4.21399   5.28016   -8.33236  1.000 27.74397 ? 121 ALA   A CB  1 
ATOM   933  N  N   . GLN   A 1 122 ? 2.48839   8.04501   -8.27003  1.000 22.57240 ? 122 GLN   A N   1 
ATOM   934  C  CA  . GLN   A 1 122 ? 2.31975   9.45765   -8.57974  1.000 25.39360 ? 122 GLN   A CA  1 
ATOM   935  C  C   . GLN   A 1 122 ? 2.27590   10.29760  -7.30356  1.000 25.01598 ? 122 GLN   A C   1 
ATOM   936  O  O   . GLN   A 1 122 ? 2.90380   11.36217  -7.22399  1.000 25.97908 ? 122 GLN   A O   1 
ATOM   937  C  CB  . GLN   A 1 122 ? 1.04346   9.65833   -9.40493  1.000 27.17643 ? 122 GLN   A CB  1 
ATOM   938  C  CG  . GLN   A 1 122 ? 1.07166   8.85921   -10.69914 1.000 40.47242 ? 122 GLN   A CG  1 
ATOM   939  C  CD  . GLN   A 1 122 ? -0.30533  8.61021   -11.24526 1.000 46.08355 ? 122 GLN   A CD  1 
ATOM   940  O  OE1 . GLN   A 1 122 ? -1.22392  9.35552   -10.93969 1.000 36.57062 ? 122 GLN   A OE1 1 
ATOM   941  N  NE2 . GLN   A 1 122 ? -0.46267  7.55081   -12.04726 1.000 42.19318 ? 122 GLN   A NE2 1 
ATOM   942  N  N   . VAL   A 1 123 ? 1.55285   9.81498   -6.29170  1.000 22.88239 ? 123 VAL   A N   1 
ATOM   943  C  CA  . VAL   A 1 123 ? 1.43717   10.50953  -5.01316  1.000 19.58532 ? 123 VAL   A CA  1 
ATOM   944  C  C   . VAL   A 1 123 ? 2.80071   10.64532  -4.35430  1.000 26.00904 ? 123 VAL   A C   1 
ATOM   945  O  O   . VAL   A 1 123 ? 3.18109   11.72955  -3.89926  1.000 27.71236 ? 123 VAL   A O   1 
ATOM   946  C  CB  . VAL   A 1 123 ? 0.46327   9.75490   -4.09858  1.000 22.35570 ? 123 VAL   A CB  1 
ATOM   947  C  CG1 . VAL   A 1 123 ? 0.52901   10.28878  -2.68262  1.000 21.24231 ? 123 VAL   A CG1 1 
ATOM   948  C  CG2 . VAL   A 1 123 ? -0.96226  9.87063   -4.66264  1.000 21.80732 ? 123 VAL   A CG2 1 
ATOM   949  N  N   . LEU   A 1 124 ? 3.53477   9.53569   -4.26679  1.000 24.43839 ? 124 LEU   A N   1 
ATOM   950  C  CA  . LEU   A 1 124 ? 4.83910   9.56105   -3.60703  1.000 24.61235 ? 124 LEU   A CA  1 
ATOM   951  C  C   . LEU   A 1 124 ? 5.77343   10.54333  -4.29856  1.000 26.15986 ? 124 LEU   A C   1 
ATOM   952  O  O   . LEU   A 1 124 ? 6.44064   11.35001  -3.63544  1.000 29.79292 ? 124 LEU   A O   1 
ATOM   953  C  CB  . LEU   A 1 124 ? 5.43297   8.14975   -3.56866  1.000 21.36038 ? 124 LEU   A CB  1 
ATOM   954  C  CG  . LEU   A 1 124 ? 4.78130   7.14710   -2.60508  1.000 22.57427 ? 124 LEU   A CG  1 
ATOM   955  C  CD1 . LEU   A 1 124 ? 5.21504   5.73790   -2.86830  1.000 21.59826 ? 124 LEU   A CD1 1 
ATOM   956  C  CD2 . LEU   A 1 124 ? 5.11777   7.50921   -1.16474  1.000 22.23508 ? 124 LEU   A CD2 1 
ATOM   957  N  N   . VAL   A 1 125 ? 5.82339   10.50818  -5.63399  1.000 27.72444 ? 125 VAL   A N   1 
ATOM   958  C  CA  . VAL   A 1 125 ? 6.66920   11.45408  -6.35773  1.000 30.15247 ? 125 VAL   A CA  1 
ATOM   959  C  C   . VAL   A 1 125 ? 6.22383   12.88906  -6.08993  1.000 31.86071 ? 125 VAL   A C   1 
ATOM   960  O  O   . VAL   A 1 125 ? 7.05504   13.77985  -5.87857  1.000 30.96617 ? 125 VAL   A O   1 
ATOM   961  C  CB  . VAL   A 1 125 ? 6.67505   11.12678  -7.86267  1.000 34.33235 ? 125 VAL   A CB  1 
ATOM   962  C  CG1 . VAL   A 1 125 ? 7.40472   12.20953  -8.63600  1.000 38.65370 ? 125 VAL   A CG1 1 
ATOM   963  C  CG2 . VAL   A 1 125 ? 7.34262   9.77972   -8.09506  1.000 31.02055 ? 125 VAL   A CG2 1 
ATOM   964  N  N   . LYS   A 1 126 ? 4.91224   13.13737  -6.08213  1.000 27.60266 ? 126 LYS   A N   1 
ATOM   965  C  CA  . LYS   A 1 126 ? 4.42291   14.48870  -5.81473  1.000 31.31151 ? 126 LYS   A CA  1 
ATOM   966  C  C   . LYS   A 1 126 ? 4.80278   14.96805  -4.42227  1.000 31.21436 ? 126 LYS   A C   1 
ATOM   967  O  O   . LYS   A 1 126 ? 4.99709   16.17119  -4.21272  1.000 32.85753 ? 126 LYS   A O   1 
ATOM   968  C  CB  . LYS   A 1 126 ? 2.90646   14.54809  -5.99440  1.000 32.80830 ? 126 LYS   A CB  1 
ATOM   969  C  CG  . LYS   A 1 126 ? 2.45093   14.78211  -7.42975  1.000 38.60785 ? 126 LYS   A CG  1 
ATOM   970  C  CD  . LYS   A 1 126 ? 1.43977   15.90512  -7.48341  1.000 47.28910 ? 126 LYS   A CD  1 
ATOM   971  C  CE  . LYS   A 1 126 ? 0.47937   15.75523  -8.65357  1.000 66.61518 ? 126 LYS   A CE  1 
ATOM   972  N  NZ  . LYS   A 1 126 ? -0.80631  16.48282  -8.40901  1.000 54.14271 ? 126 LYS   A NZ  1 
ATOM   973  N  N   . LEU   A 1 127 ? 4.89737   14.06023  -3.45885  1.000 30.16013 ? 127 LEU   A N   1 
ATOM   974  C  CA  . LEU   A 1 127 ? 5.28765   14.39955  -2.09410  1.000 27.63630 ? 127 LEU   A CA  1 
ATOM   975  C  C   . LEU   A 1 127 ? 6.80348   14.46062  -1.90419  1.000 31.88129 ? 127 LEU   A C   1 
ATOM   976  O  O   . LEU   A 1 127 ? 7.26891   14.59996  -0.76504  1.000 31.37144 ? 127 LEU   A O   1 
ATOM   977  C  CB  . LEU   A 1 127 ? 4.69491   13.38654  -1.11047  1.000 28.96014 ? 127 LEU   A CB  1 
ATOM   978  C  CG  . LEU   A 1 127 ? 3.16339   13.41328  -1.03126  1.000 25.23939 ? 127 LEU   A CG  1 
ATOM   979  C  CD1 . LEU   A 1 127 ? 2.63259   12.27443  -0.15057  1.000 25.16471 ? 127 LEU   A CD1 1 
ATOM   980  C  CD2 . LEU   A 1 127 ? 2.68022   14.76739  -0.52320  1.000 24.88923 ? 127 LEU   A CD2 1 
ATOM   981  N  N   . GLY   A 1 128 ? 7.57788   14.34914  -2.97896  1.000 28.77520 ? 128 GLY   A N   1 
ATOM   982  C  CA  . GLY   A 1 128 ? 9.01793   14.44417  -2.85692  1.000 31.05991 ? 128 GLY   A CA  1 
ATOM   983  C  C   . GLY   A 1 128 ? 9.72010   13.15794  -2.50408  1.000 30.72119 ? 128 GLY   A C   1 
ATOM   984  O  O   . GLY   A 1 128 ? 10.90086  13.19778  -2.15093  1.000 32.80219 ? 128 GLY   A O   1 
ATOM   985  N  N   . ALA   A 1 129 ? 9.04990   12.01454  -2.59367  1.000 27.91068 ? 129 ALA   A N   1 
ATOM   986  C  CA  . ALA   A 1 129 ? 9.66571   10.72456  -2.26210  1.000 27.84700 ? 129 ALA   A CA  1 
ATOM   987  C  C   . ALA   A 1 129 ? 9.74932   9.86589   -3.51876  1.000 27.74723 ? 129 ALA   A C   1 
ATOM   988  O  O   . ALA   A 1 129 ? 8.83109   9.10387   -3.82222  1.000 28.87888 ? 129 ALA   A O   1 
ATOM   989  C  CB  . ALA   A 1 129 ? 8.86815   10.01662  -1.16895  1.000 26.37875 ? 129 ALA   A CB  1 
ATOM   990  N  N   . GLU   A 1 130 ? 10.84966  9.99712   -4.25391  1.000 24.69802 ? 130 GLU   A N   1 
ATOM   991  C  CA  . GLU   A 1 130 ? 11.09714  9.12669   -5.39624  1.000 26.03465 ? 130 GLU   A CA  1 
ATOM   992  C  C   . GLU   A 1 130 ? 11.12468  7.66714   -4.95192  1.000 26.16517 ? 130 GLU   A C   1 
ATOM   993  O  O   . GLU   A 1 130 ? 11.46760  7.35083   -3.81448  1.000 28.01947 ? 130 GLU   A O   1 
ATOM   994  C  CB  . GLU   A 1 130 ? 12.40987  9.51691   -6.07655  1.000 33.04018 ? 130 GLU   A CB  1 
ATOM   995  C  CG  . GLU   A 1 130 ? 12.34413  10.89283  -6.76502  1.000 30.23401 ? 130 GLU   A CG  1 
ATOM   996  C  CD  . GLU   A 1 130 ? 13.70728  11.57688  -6.89214  1.000 50.27666 ? 130 GLU   A CD  1 
ATOM   997  O  OE1 . GLU   A 1 130 ? 13.96694  12.53984  -6.12356  1.000 42.21180 ? 130 GLU   A OE1 1 
ATOM   998  O  OE2 . GLU   A 1 130 ? 14.51681  11.14852  -7.75212  1.000 35.70763 ? 130 GLU   A OE2 1 
ATOM   999  N  N   . LEU   A 1 131 ? 10.71602  6.76811   -5.85756  1.000 24.02178 ? 131 LEU   A N   1 
ATOM   1000 C  CA  . LEU   A 1 131 ? 10.53221  5.37335   -5.47098  1.000 25.66099 ? 131 LEU   A CA  1 
ATOM   1001 C  C   . LEU   A 1 131 ? 11.84152  4.75053   -5.00909  1.000 25.90156 ? 131 LEU   A C   1 
ATOM   1002 O  O   . LEU   A 1 131 ? 11.86104  3.94501   -4.07110  1.000 24.46964 ? 131 LEU   A O   1 
ATOM   1003 C  CB  . LEU   A 1 131 ? 9.95514   4.56967   -6.63320  1.000 28.23442 ? 131 LEU   A CB  1 
ATOM   1004 C  CG  . LEU   A 1 131 ? 8.65616   5.13614   -7.21791  1.000 30.93326 ? 131 LEU   A CG  1 
ATOM   1005 C  CD1 . LEU   A 1 131 ? 8.07754   4.19943   -8.25199  1.000 30.32163 ? 131 LEU   A CD1 1 
ATOM   1006 C  CD2 . LEU   A 1 131 ? 7.63397   5.43419   -6.13118  1.000 29.90557 ? 131 LEU   A CD2 1 
ATOM   1007 N  N   . THR   A 1 132 ? 12.94335  5.08864   -5.67334  1.000 26.51521 ? 132 THR   A N   1 
ATOM   1008 C  CA  . THR   A 1 132 ? 14.22802  4.52544   -5.24910  1.000 30.46394 ? 132 THR   A CA  1 
ATOM   1009 C  C   . THR   A 1 132 ? 14.60726  4.99477   -3.85191  1.000 28.64964 ? 132 THR   A C   1 
ATOM   1010 O  O   . THR   A 1 132 ? 15.21567  4.22876   -3.09090  1.000 27.22263 ? 132 THR   A O   1 
ATOM   1011 C  CB  . THR   A 1 132 ? 15.30740  4.89508   -6.25810  1.000 34.60585 ? 132 THR   A CB  1 
ATOM   1012 O  OG1 . THR   A 1 132 ? 15.21213  6.30121   -6.55516  1.000 42.96369 ? 132 THR   A OG1 1 
ATOM   1013 C  CG2 . THR   A 1 132 ? 15.11765  4.09520   -7.52838  1.000 37.48429 ? 132 THR   A CG2 1 
ATOM   1014 N  N   . ARG   A 1 133 ? 14.21669  6.22767   -3.48938  1.000 29.63686 ? 133 ARG   A N   1 
ATOM   1015 C  CA  . ARG   A 1 133 ? 14.44784  6.73509   -2.14033  1.000 29.80253 ? 133 ARG   A CA  1 
ATOM   1016 C  C   . ARG   A 1 133 ? 13.62676  5.96257   -1.11150  1.000 26.24779 ? 133 ARG   A C   1 
ATOM   1017 O  O   . ARG   A 1 133 ? 14.11712  5.64733   -0.01609  1.000 25.07428 ? 133 ARG   A O   1 
ATOM   1018 C  CB  . ARG   A 1 133 ? 14.12473  8.23141   -2.09665  1.000 31.20574 ? 133 ARG   A CB  1 
ATOM   1019 C  CG  . ARG   A 1 133 ? 14.46531  8.95331   -0.79492  1.000 35.68059 ? 133 ARG   A CG  1 
ATOM   1020 C  CD  . ARG   A 1 133 ? 13.87910  10.38400  -0.77867  1.000 39.83459 ? 133 ARG   A CD  1 
ATOM   1021 N  NE  . ARG   A 1 133 ? 14.00536  10.99191  0.54094   1.000 42.85747 ? 133 ARG   A NE  1 
ATOM   1022 C  CZ  . ARG   A 1 133 ? 13.20743  11.93021  1.03423   1.000 40.64735 ? 133 ARG   A CZ  1 
ATOM   1023 N  NH1 . ARG   A 1 133 ? 12.20855  12.43521  0.32976   1.000 37.36028 ? 133 ARG   A NH1 1 
ATOM   1024 N  NH2 . ARG   A 1 133 ? 13.40804  12.36255  2.27744   1.000 40.58896 ? 133 ARG   A NH2 1 
ATOM   1025 N  N   . VAL   A 1 134 ? 12.37133  5.62751   -1.45156  1.000 22.32813 ? 134 VAL   A N   1 
ATOM   1026 C  CA  . VAL   A 1 134 ? 11.56583  4.81648   -0.54230  1.000 20.64968 ? 134 VAL   A CA  1 
ATOM   1027 C  C   . VAL   A 1 134 ? 12.19221  3.43848   -0.36781  1.000 20.00919 ? 134 VAL   A C   1 
ATOM   1028 O  O   . VAL   A 1 134 ? 12.29500  2.91128   0.75764   1.000 22.43285 ? 134 VAL   A O   1 
ATOM   1029 C  CB  . VAL   A 1 134 ? 10.11499  4.72800   -1.06137  1.000 22.57595 ? 134 VAL   A CB  1 
ATOM   1030 C  CG1 . VAL   A 1 134 ? 9.27334   3.89373   -0.11954  1.000 23.07135 ? 134 VAL   A CG1 1 
ATOM   1031 C  CG2 . VAL   A 1 134 ? 9.52993   6.12801   -1.17228  1.000 22.82476 ? 134 VAL   A CG2 1 
ATOM   1032 N  N   . ARG   A 1 135 ? 12.62726  2.83514   -1.48128  1.000 22.44552 ? 135 ARG   A N   1 
ATOM   1033 C  CA  . ARG   A 1 135 ? 13.19175  1.49624   -1.43052  1.000 17.73170 ? 135 ARG   A CA  1 
ATOM   1034 C  C   . ARG   A 1 135 ? 14.43614  1.48660   -0.56148  1.000 21.92604 ? 135 ARG   A C   1 
ATOM   1035 O  O   . ARG   A 1 135 ? 14.60448  0.60649   0.29103   1.000 20.15053 ? 135 ARG   A O   1 
ATOM   1036 C  CB  . ARG   A 1 135 ? 13.52240  0.99211   -2.83907  1.000 24.77152 ? 135 ARG   A CB  1 
ATOM   1037 C  CG  . ARG   A 1 135 ? 14.20700  -0.35369  -2.82238  1.000 27.44771 ? 135 ARG   A CG  1 
ATOM   1038 C  CD  . ARG   A 1 135 ? 14.26219  -1.05830  -4.15258  1.000 34.37073 ? 135 ARG   A CD  1 
ATOM   1039 N  NE  . ARG   A 1 135 ? 13.10250  -1.93657  -4.22472  1.000 49.76749 ? 135 ARG   A NE  1 
ATOM   1040 C  CZ  . ARG   A 1 135 ? 12.08222  -1.80758  -5.06172  1.000 53.64217 ? 135 ARG   A CZ  1 
ATOM   1041 N  NH1 . ARG   A 1 135 ? 12.12966  -0.97067  -6.09042  1.000 51.54688 ? 135 ARG   A NH1 1 
ATOM   1042 N  NH2 . ARG   A 1 135 ? 10.99331  -2.55897  -4.87385  1.000 33.24511 ? 135 ARG   A NH2 1 
ATOM   1043 N  N   . GLN   A 1 136 ? 15.30132  2.48595   -0.75016  1.000 21.84109 ? 136 GLN   A N   1 
ATOM   1044 C  CA  . GLN   A 1 136 ? 16.50824  2.57060   0.05649   1.000 22.73064 ? 136 GLN   A CA  1 
ATOM   1045 C  C   . GLN   A 1 136 ? 16.17253  2.72935   1.53289   1.000 22.58710 ? 136 GLN   A C   1 
ATOM   1046 O  O   . GLN   A 1 136 ? 16.83331  2.13295   2.38526   1.000 21.92296 ? 136 GLN   A O   1 
ATOM   1047 C  CB  . GLN   A 1 136 ? 17.38917  3.72008   -0.43324  1.000 25.75813 ? 136 GLN   A CB  1 
ATOM   1048 C  CG  . GLN   A 1 136 ? 18.56378  4.08522   0.51379   1.000 30.06929 ? 136 GLN   A CG  1 
ATOM   1049 C  CD  . GLN   A 1 136 ? 19.74414  3.10783   0.47813   1.000 44.20114 ? 136 GLN   A CD  1 
ATOM   1050 O  OE1 . GLN   A 1 136 ? 19.62450  1.93774   0.85376   1.000 42.23465 ? 136 GLN   A OE1 1 
ATOM   1051 N  NE2 . GLN   A 1 136 ? 20.90257  3.60533   0.05586   1.000 54.02202 ? 136 GLN   A NE2 1 
ATOM   1052 N  N   . GLN   A 1 137 ? 15.14467  3.50998   1.85973   1.000 21.00815 ? 137 GLN   A N   1 
ATOM   1053 C  CA  . GLN   A 1 137 ? 14.76591  3.67579   3.26409   1.000 20.08187 ? 137 GLN   A CA  1 
ATOM   1054 C  C   . GLN   A 1 137 ? 14.29458  2.36838   3.87214   1.000 20.80172 ? 137 GLN   A C   1 
ATOM   1055 O  O   . GLN   A 1 137 ? 14.60903  2.05453   5.02140   1.000 22.08840 ? 137 GLN   A O   1 
ATOM   1056 C  CB  . GLN   A 1 137 ? 13.65031  4.72380   3.38314   1.000 23.07559 ? 137 GLN   A CB  1 
ATOM   1057 C  CG  . GLN   A 1 137 ? 13.28310  5.09983   4.80334   1.000 23.13479 ? 137 GLN   A CG  1 
ATOM   1058 C  CD  . GLN   A 1 137 ? 14.30626  6.04020   5.41844   1.000 29.05647 ? 137 GLN   A CD  1 
ATOM   1059 O  OE1 . GLN   A 1 137 ? 15.38879  6.24085   4.87590   1.000 34.55205 ? 137 GLN   A OE1 1 
ATOM   1060 N  NE2 . GLN   A 1 137 ? 13.95714  6.63305   6.53857   1.000 26.19494 ? 137 GLN   A NE2 1 
ATOM   1061 N  N   . VAL   A 1 138 ? 13.48417  1.61318   3.13509   1.000 18.50458 ? 138 VAL   A N   1 
ATOM   1062 C  CA  . VAL   A 1 138 ? 13.05368  0.30975   3.63542   1.000 16.94995 ? 138 VAL   A CA  1 
ATOM   1063 C  C   . VAL   A 1 138 ? 14.25918  -0.58091  3.91349   1.000 17.91302 ? 138 VAL   A C   1 
ATOM   1064 O  O   . VAL   A 1 138 ? 14.34623  -1.23162  4.96543   1.000 20.48877 ? 138 VAL   A O   1 
ATOM   1065 C  CB  . VAL   A 1 138 ? 12.10088  -0.35117  2.62310   1.000 17.58489 ? 138 VAL   A CB  1 
ATOM   1066 C  CG1 . VAL   A 1 138 ? 11.76284  -1.78424  3.04653   1.000 18.95854 ? 138 VAL   A CG1 1 
ATOM   1067 C  CG2 . VAL   A 1 138 ? 10.84242  0.49061   2.52196   1.000 20.43022 ? 138 VAL   A CG2 1 
ATOM   1068 N  N   . ILE   A 1 139 ? 15.17231  -0.67239  2.94327   1.000 18.09912 ? 139 ILE   A N   1 
ATOM   1069 C  CA  . ILE   A 1 139 ? 16.35137  -1.52303  3.13415   1.000 17.01635 ? 139 ILE   A CA  1 
ATOM   1070 C  C   . ILE   A 1 139 ? 17.13031  -1.05905  4.34821   1.000 21.25702 ? 139 ILE   A C   1 
ATOM   1071 O  O   . ILE   A 1 139 ? 17.56921  -1.87431  5.16411   1.000 20.53511 ? 139 ILE   A O   1 
ATOM   1072 C  CB  . ILE   A 1 139 ? 17.24284  -1.53733  1.87701   1.000 19.46975 ? 139 ILE   A CB  1 
ATOM   1073 C  CG1 . ILE   A 1 139 ? 16.50637  -2.15054  0.68678   1.000 22.89927 ? 139 ILE   A CG1 1 
ATOM   1074 C  CG2 . ILE   A 1 139 ? 18.56238  -2.30429  2.15064   1.000 17.33061 ? 139 ILE   A CG2 1 
ATOM   1075 C  CD1 . ILE   A 1 139 ? 15.77600  -3.42135  1.00323   1.000 32.51241 ? 139 ILE   A CD1 1 
ATOM   1076 N  N   . GLN   A 1 140 ? 17.28727  0.25545   4.50667   1.000 22.25599 ? 140 GLN   A N   1 
ATOM   1077 C  CA  . GLN   A 1 140 ? 18.11026  0.75758   5.61557   1.000 21.08094 ? 140 GLN   A CA  1 
ATOM   1078 C  C   . GLN   A 1 140 ? 17.48337  0.42968   6.96244   1.000 23.28702 ? 140 GLN   A C   1 
ATOM   1079 O  O   . GLN   A 1 140 ? 18.18937  0.05006   7.90523   1.000 22.81863 ? 140 GLN   A O   1 
ATOM   1080 C  CB  . GLN   A 1 140 ? 18.29533  2.26519   5.49316   1.000 26.58397 ? 140 GLN   A CB  1 
ATOM   1081 C  CG  . GLN   A 1 140 ? 19.08466  2.70162   4.28768   1.000 42.56279 ? 140 GLN   A CG  1 
ATOM   1082 C  CD  . GLN   A 1 140 ? 20.47018  3.16417   4.63987   1.000 40.72125 ? 140 GLN   A CD  1 
ATOM   1083 O  OE1 . GLN   A 1 140 ? 21.17090  2.52719   5.42574   1.000 43.26457 ? 140 GLN   A OE1 1 
ATOM   1084 N  NE2 . GLN   A 1 140 ? 20.87348  4.29549   4.06592   1.000 49.89341 ? 140 GLN   A NE2 1 
ATOM   1085 N  N   . LEU   A 1 141 ? 16.15919  0.59700   7.08493   1.000 20.77365 ? 141 LEU   A N   1 
ATOM   1086 C  CA  . LEU   A 1 141 ? 15.48263  0.25848   8.33158   1.000 17.21337 ? 141 LEU   A CA  1 
ATOM   1087 C  C   . LEU   A 1 141 ? 15.49326  -1.23613  8.58890   1.000 24.81148 ? 141 LEU   A C   1 
ATOM   1088 O  O   . LEU   A 1 141 ? 15.48774  -1.65013  9.75119   1.000 29.17381 ? 141 LEU   A O   1 
ATOM   1089 C  CB  . LEU   A 1 141 ? 14.03789  0.78740   8.33258   1.000 15.63063 ? 141 LEU   A CB  1 
ATOM   1090 C  CG  . LEU   A 1 141 ? 13.90744  2.29869   8.30719   1.000 21.11046 ? 141 LEU   A CG  1 
ATOM   1091 C  CD1 . LEU   A 1 141 ? 12.43806  2.70558   8.48595   1.000 22.10038 ? 141 LEU   A CD1 1 
ATOM   1092 C  CD2 . LEU   A 1 141 ? 14.78745  2.95194   9.34221   1.000 27.06911 ? 141 LEU   A CD2 1 
ATOM   1093 N  N   . LEU   A 1 142 ? 15.50494  -2.06499  7.53551   1.000 20.23038 ? 142 LEU   A N   1 
ATOM   1094 C  CA  . LEU   A 1 142 ? 15.64765  -3.49912  7.76427   1.000 19.13690 ? 142 LEU   A CA  1 
ATOM   1095 C  C   . LEU   A 1 142 ? 17.06002  -3.86321  8.19107   1.000 24.94719 ? 142 LEU   A C   1 
ATOM   1096 O  O   . LEU   A 1 142 ? 17.24922  -4.86476  8.88573   1.000 33.01051 ? 142 LEU   A O   1 
ATOM   1097 C  CB  . LEU   A 1 142 ? 15.29929  -4.30170  6.51005   1.000 20.74570 ? 142 LEU   A CB  1 
ATOM   1098 C  CG  . LEU   A 1 142 ? 13.85012  -4.24830  6.05180   1.000 19.63317 ? 142 LEU   A CG  1 
ATOM   1099 C  CD1 . LEU   A 1 142 ? 13.77705  -4.89097  4.66770   1.000 21.47472 ? 142 LEU   A CD1 1 
ATOM   1100 C  CD2 . LEU   A 1 142 ? 12.92990  -4.95024  7.04285   1.000 22.74184 ? 142 LEU   A CD2 1 
ATOM   1101 N  N   . SER   A 1 143 ? 18.05608  -3.09252  7.74920   1.000 27.14442 ? 143 SER   A N   1 
ATOM   1102 C  CA  . SER   A 1 143 ? 19.45128  -3.38300  8.08782   1.000 27.87159 ? 143 SER   A CA  1 
ATOM   1103 C  C   . SER   A 1 143 ? 19.74820  -3.19029  9.56370   1.000 38.91106 ? 143 SER   A C   1 
ATOM   1104 O  O   . SER   A 1 143 ? 20.82132  -3.60391  10.01636  1.000 53.44808 ? 143 SER   A O   1 
ATOM   1105 C  CB  . SER   A 1 143 ? 20.40319  -2.50489  7.26734   1.000 28.23709 ? 143 SER   A CB  1 
ATOM   1106 O  OG  . SER   A 1 143 ? 20.27445  -2.71836  5.86176   1.000 32.66194 ? 143 SER   A OG  1 
ATOM   1107 N  N   . GLY   A 1 144 ? 18.84667  -2.56828  10.31480  1.000 40.20745 ? 144 GLY   A N   1 
ATOM   1108 C  CA  . GLY   A 1 144 ? 18.99329  -2.46060  11.75263  1.000 55.33008 ? 144 GLY   A CA  1 
ATOM   1109 C  C   . GLY   A 1 144 ? 18.42811  -3.66724  12.47903  1.000 54.93416 ? 144 GLY   A C   1 
ATOM   1110 O  O   . GLY   A 1 144 ? 19.01623  -4.15598  13.43723  1.000 63.55183 ? 144 GLY   A O   1 
HETATM 1111 C  C1  . A1A5S B 2 1   ? -1.96266  -14.34111 -7.84244  1.000 29.73549 ? 1   A1A5S C C1  1 
HETATM 1112 C  C2  . A1A5S B 2 1   ? -2.45893  -15.44188 -6.85236  1.000 25.98076 ? 1   A1A5S C C2  1 
HETATM 1113 C  C3  . A1A5S B 2 1   ? -3.45103  -16.46095 -7.51007  1.000 28.43015 ? 1   A1A5S C C3  1 
HETATM 1114 C  C4  . A1A5S B 2 1   ? -1.18372  -16.25690 -6.23144  1.000 29.82861 ? 1   A1A5S C C4  1 
HETATM 1115 C  C5  . A1A5S B 2 1   ? -1.72233  -17.26530 -5.18525  1.000 30.80104 ? 1   A1A5S C C5  1 
HETATM 1116 C  CD1 . A1A5S B 2 1   ? -4.32769  -15.27282 -4.92872  1.000 23.54222 ? 1   A1A5S C CD1 1 
HETATM 1117 C  CG  . A1A5S B 2 1   ? -4.54616  -14.54393 -3.73177  1.000 23.62415 ? 1   A1A5S C CG  1 
HETATM 1118 O  O1  . A1A5S B 2 1   ? -0.46047  -16.88624 -7.25170  1.000 34.66337 ? 1   A1A5S C O1  1 
HETATM 1119 C  CB  . A1A5S B 2 1   ? -5.73443  -14.61562 -2.70842  1.000 21.01729 ? 1   A1A5S C CB  1 
HETATM 1120 C  CA  . A1A5S B 2 1   ? -6.93620  -13.70274 -3.16615  1.000 22.02441 ? 1   A1A5S C CA  1 
HETATM 1121 O  O   . A1A5S B 2 1   ? -8.00478  -15.29554 -4.70731  1.000 25.50362 ? 1   A1A5S C O   1 
HETATM 1122 C  C   . A1A5S B 2 1   ? -7.48685  -14.18191 -4.65232  1.000 24.40699 ? 1   A1A5S C C   1 
HETATM 1123 C  CE2 . A1A5S B 2 1   ? -2.51521  -13.80466 -4.68306  1.000 23.46889 ? 1   A1A5S C CE2 1 
HETATM 1124 C  CD2 . A1A5S B 2 1   ? -3.40885  -13.58081 -3.58311  1.000 21.44174 ? 1   A1A5S C CD2 1 
HETATM 1125 C  CE3 . A1A5S B 2 1   ? -3.06141  -12.57952 -2.56768  1.000 22.71017 ? 1   A1A5S C CE3 1 
HETATM 1126 C  CZ3 . A1A5S B 2 1   ? -1.87507  -11.84950 -2.70807  1.000 22.90942 ? 1   A1A5S C CZ3 1 
HETATM 1127 C  CH2 . A1A5S B 2 1   ? -0.99190  -12.06899 -3.83122  1.000 22.31169 ? 1   A1A5S C CH2 1 
HETATM 1128 C  CZ2 . A1A5S B 2 1   ? -1.29264  -13.01885 -4.80850  1.000 25.52613 ? 1   A1A5S C CZ2 1 
HETATM 1129 N  NE1 . A1A5S B 2 1   ? -3.07712  -14.83509 -5.53938  1.000 23.09640 ? 1   A1A5S C NE1 1 
HETATM 1130 N  N   . A1A5S B 2 1   ? -8.01230  -13.79754 -2.11055  1.000 21.16397 ? 1   A1A5S C N   1 
HETATM 1131 CL CL1 . A1A5S B 2 1   ? -0.33639  -17.74835 -4.01500  1.000 41.97413 ? 1   A1A5S C CL1 1 
HETATM 1132 N  N   . MLE   B 2 2   ? -7.32192  -13.34713 -5.82533  1.000 26.19432 ? 2   MLE   C N   1 
HETATM 1133 C  CN  . MLE   B 2 2   ? -7.82187  -13.81402 -7.16949  1.000 26.58559 ? 2   MLE   C CN  1 
HETATM 1134 C  CA  . MLE   B 2 2   ? -6.68238  -11.96786 -5.79044  1.000 22.91793 ? 2   MLE   C CA  1 
HETATM 1135 C  CB  . MLE   B 2 2   ? -5.39355  -11.80085 -6.76131  1.000 27.43278 ? 2   MLE   C CB  1 
HETATM 1136 C  CG  . MLE   B 2 2   ? -4.65457  -10.41022 -6.45935  1.000 24.45385 ? 2   MLE   C CG  1 
HETATM 1137 C  CD1 . MLE   B 2 2   ? -3.24675  -10.51981 -7.12472  1.000 26.84039 ? 2   MLE   C CD1 1 
HETATM 1138 C  CD2 . MLE   B 2 2   ? -4.59535  -10.05567 -4.91795  1.000 22.17158 ? 2   MLE   C CD2 1 
HETATM 1139 C  C   . MLE   B 2 2   ? -7.88077  -11.04736 -6.38492  1.000 23.13343 ? 2   MLE   C C   1 
HETATM 1140 O  O   . MLE   B 2 2   ? -7.75018  -10.46133 -7.46266  1.000 25.11746 ? 2   MLE   C O   1 
HETATM 1141 N  N   . NIY   B 2 3   ? -9.11231  -11.02168 -5.69008  1.000 23.00054 ? 3   NIY   C N   1 
HETATM 1142 C  CA  . NIY   B 2 3   ? -10.22097 -10.23115 -6.34930  1.000 24.74781 ? 3   NIY   C CA  1 
HETATM 1143 C  C   . NIY   B 2 3   ? -10.50768 -8.90298  -5.41510  1.000 22.77245 ? 3   NIY   C C   1 
HETATM 1144 O  O   . NIY   B 2 3   ? -10.53490 -7.76911  -5.90067  1.000 21.05879 ? 3   NIY   C O   1 
HETATM 1145 C  CB  . NIY   B 2 3   ? -11.45414 -11.24173 -6.33432  1.000 29.26674 ? 3   NIY   C CB  1 
HETATM 1146 C  CG  . NIY   B 2 3   ? -12.83615 -10.42675 -6.34855  1.000 34.12531 ? 3   NIY   C CG  1 
HETATM 1147 C  CD1 . NIY   B 2 3   ? -13.18432 -9.65599  -7.52011  1.000 35.80567 ? 3   NIY   C CD1 1 
HETATM 1148 C  CD2 . NIY   B 2 3   ? -13.73511 -10.39605 -5.25134  1.000 44.33540 ? 3   NIY   C CD2 1 
HETATM 1149 C  CE1 . NIY   B 2 3   ? -14.41568 -8.88159  -7.58479  1.000 35.40993 ? 3   NIY   C CE1 1 
HETATM 1150 C  CE2 . NIY   B 2 3   ? -14.95185 -9.65220  -5.28562  1.000 45.59235 ? 3   NIY   C CE2 1 
HETATM 1151 C  CZ  . NIY   B 2 3   ? -15.31563 -8.88672  -6.43466  1.000 47.75466 ? 3   NIY   C CZ  1 
HETATM 1152 O  OH  . NIY   B 2 3   ? -16.48389 -8.15574  -6.50599  1.000 62.01348 ? 3   NIY   C OH  1 
HETATM 1153 N  NN  . NIY   B 2 3   ? -14.78574 -8.06477  -8.81968  1.000 45.14525 ? 3   NIY   C NN  1 
HETATM 1154 O  O1  . NIY   B 2 3   ? -15.86711 -7.38199  -8.90164  1.000 44.98995 ? 3   NIY   C O1  1 
HETATM 1155 O  O2  . NIY   B 2 3   ? -13.87309 -8.07382  -9.85717  1.000 41.19578 ? 3   NIY   C O2  1 
ATOM   1156 N  N   . ALA   B 2 4   ? -10.67720 -9.14752  -4.03514  1.000 21.63746 ? 4   ALA   C N   1 
ATOM   1157 C  CA  . ALA   B 2 4   ? -11.00784 -7.98188  -3.12200  1.000 18.35112 ? 4   ALA   C CA  1 
ATOM   1158 C  C   . ALA   B 2 4   ? -10.70223 -8.48369  -1.58266  1.000 23.03038 ? 4   ALA   C C   1 
ATOM   1159 O  O   . ALA   B 2 4   ? -10.68832 -9.69024  -1.32667  1.000 24.81231 ? 4   ALA   C O   1 
ATOM   1160 C  CB  . ALA   B 2 4   ? -12.52746 -7.73112  -3.21382  1.000 24.16705 ? 4   ALA   C CB  1 
HETATM 1161 O  O2  . A1A5T B 2 5   ? -11.67261 -11.01274 2.15365   1.000 23.76204 ? 5   A1A5T C O2  1 
HETATM 1162 C  C   . A1A5T B 2 5   ? -9.04190  -8.76133  1.10348   1.000 23.30669 ? 5   A1A5T C C   1 
HETATM 1163 C  CA  . A1A5T B 2 5   ? -10.19669 -7.72152  0.85895   1.000 22.96069 ? 5   A1A5T C CA  1 
HETATM 1164 C  CD1 . A1A5T B 2 5   ? -10.77729 -7.76519  3.74865   1.000 25.79776 ? 5   A1A5T C CD1 1 
HETATM 1165 C  CD2 . A1A5T B 2 5   ? -10.71783 -10.07774 2.73745   1.000 25.51057 ? 5   A1A5T C CD2 1 
HETATM 1166 C  CB  . A1A5T B 2 5   ? -11.58627 -8.19901  1.38068   1.000 25.48826 ? 5   A1A5T C CB  1 
HETATM 1167 C  CG  . A1A5T B 2 5   ? -11.51608 -8.76656  2.82846   1.000 24.31465 ? 5   A1A5T C CG  1 
HETATM 1168 C  C28 . A1A5T B 2 5   ? -12.85592 -11.48128 2.80560   1.000 31.02215 ? 5   A1A5T C C28 1 
HETATM 1169 C  C29 . A1A5T B 2 5   ? -13.26970 -12.95749 2.39028   1.000 29.94813 ? 5   A1A5T C C29 1 
HETATM 1170 C  C30 . A1A5T B 2 5   ? -12.09049 -13.95308 2.65783   1.000 29.54743 ? 5   A1A5T C C30 1 
HETATM 1171 C  C31 . A1A5T B 2 5   ? -11.49462 -13.83985 4.09447   1.000 32.73105 ? 5   A1A5T C C31 1 
HETATM 1172 C  C40 . A1A5T B 2 5   ? -10.49529 -5.95228  -1.05352  1.000 22.05704 ? 5   A1A5T C C40 1 
HETATM 1173 N  N   . A1A5T B 2 5   ? -10.43249 -7.41254  -0.61493  1.000 23.75070 ? 5   A1A5T C N   1 
HETATM 1174 O  OXT . A1A5T B 2 5   ? -8.35796  -9.03347  0.10485   1.000 23.93258 ? 5   A1A5T C OXT 1 
ATOM   1175 N  N   . LEU   B 2 6   ? -9.58165  -10.04695 1.74124   1.000 23.06699 ? 6   LEU   C N   1 
ATOM   1176 C  CA  . LEU   B 2 6   ? -8.49996  -11.01715 2.03389   1.000 20.67651 ? 6   LEU   C CA  1 
ATOM   1177 C  C   . LEU   B 2 6   ? -8.97250  -12.22404 1.09942   1.000 23.77802 ? 6   LEU   C C   1 
ATOM   1178 O  O   . LEU   B 2 6   ? -8.71415  -13.38852 1.44022   1.000 22.08987 ? 6   LEU   C O   1 
ATOM   1179 C  CB  . LEU   B 2 6   ? -8.27405  -11.26178 3.58241   1.000 21.15197 ? 6   LEU   C CB  1 
ATOM   1180 C  CG  . LEU   B 2 6   ? -7.57029  -10.21828 4.38916   1.000 22.10729 ? 6   LEU   C CG  1 
ATOM   1181 C  CD1 . LEU   B 2 6   ? -7.55921  -10.52736 5.93767   1.000 22.99053 ? 6   LEU   C CD1 1 
ATOM   1182 C  CD2 . LEU   B 2 6   ? -6.17851  -10.07507 3.74090   1.000 23.67566 ? 6   LEU   C CD2 1 
HETATM 1183 N  N   . NLE   B 2 7   ? -9.68088  -11.91839 -0.08822  1.000 20.73530 ? 7   NLE   C N   1 
HETATM 1184 C  CA  . NLE   B 2 7   ? -10.12798 -13.04645 -0.98055  1.000 26.52659 ? 7   NLE   C CA  1 
HETATM 1185 C  C   . NLE   B 2 7   ? -8.99855  -12.95174 -2.15821  1.000 24.41294 ? 7   NLE   C C   1 
HETATM 1186 O  O   . NLE   B 2 7   ? -9.06686  -12.08192 -3.03817  1.000 24.15446 ? 7   NLE   C O   1 
HETATM 1187 C  CB  . NLE   B 2 7   ? -11.64863 -12.87688 -1.50303  1.000 25.67869 ? 7   NLE   C CB  1 
HETATM 1188 C  CG  . NLE   B 2 7   ? -12.01327 -14.05203 -2.52122  1.000 32.77509 ? 7   NLE   C CG  1 
HETATM 1189 C  CD  . NLE   B 2 7   ? -12.08631 -13.72324 -3.79654  1.000 51.13087 ? 7   NLE   C CD  1 
HETATM 1190 C  CE  . NLE   B 2 7   ? -13.51069 -13.85333 -4.43066  1.000 45.54621 ? 7   NLE   C CE  1 
HETATM 1191 C  C   . ACY   C 3 .   ? -3.89288  2.15142   -9.16597  1.000 20.58385 ? 201 ACY   A C   1 
HETATM 1192 O  O   . ACY   C 3 .   ? -4.30890  1.12106   -8.60110  1.000 19.59136 ? 201 ACY   A O   1 
HETATM 1193 O  OXT . ACY   C 3 .   ? -2.87941  2.83429   -8.87142  1.000 20.81947 ? 201 ACY   A OXT 1 
HETATM 1194 C  CH3 . ACY   C 3 .   ? -4.72799  2.67700   -10.35586 1.000 22.45418 ? 201 ACY   A CH3 1 
HETATM 1195 C  C1  . GOL   D 4 .   ? -4.04458  8.57504   -11.86183 1.000 31.88692 ? 202 GOL   A C1  1 
HETATM 1196 O  O1  . GOL   D 4 .   ? -3.33419  8.74915   -10.66506 1.000 65.95195 ? 202 GOL   A O1  1 
HETATM 1197 C  C2  . GOL   D 4 .   ? -4.32211  9.92221   -12.45261 1.000 36.26108 ? 202 GOL   A C2  1 
HETATM 1198 O  O2  . GOL   D 4 .   ? -3.37735  10.19480  -13.46248 1.000 43.96788 ? 202 GOL   A O2  1 
HETATM 1199 C  C3  . GOL   D 4 .   ? -5.73460  9.82962   -12.99136 1.000 37.14422 ? 202 GOL   A C3  1 
HETATM 1200 O  O3  . GOL   D 4 .   ? -6.23685  11.14986  -13.03954 1.000 69.36854 ? 202 GOL   A O3  1 
HETATM 1201 CL CL  . CL    E 5 .   ? 4.63038   -7.30837  9.18401   1.000 37.84749 ? 203 CL    A CL  1 
HETATM 1202 O  O   . HOH   F 6 .   ? 7.39858   -16.15253 -8.10837  1.000 42.86070 ? 301 HOH   A O   1 
HETATM 1203 O  O   . HOH   F 6 .   ? -6.23759  -8.38534  14.14674  1.000 50.95832 ? 302 HOH   A O   1 
HETATM 1204 O  O   . HOH   F 6 .   ? 13.72319  0.32996   -6.56281  1.000 45.01223 ? 303 HOH   A O   1 
HETATM 1205 O  O   . HOH   F 6 .   ? -2.97093  -9.80345  -11.79044 1.000 40.34163 ? 304 HOH   A O   1 
HETATM 1206 O  O   . HOH   F 6 .   ? 0.12210   -12.71398 -12.84407 1.000 42.29205 ? 305 HOH   A O   1 
HETATM 1207 O  O   . HOH   F 6 .   ? -15.02727 0.73259   7.32365   1.000 29.28223 ? 306 HOH   A O   1 
HETATM 1208 O  O   . HOH   F 6 .   ? -1.17038  -3.83814  12.86529  1.000 43.74872 ? 307 HOH   A O   1 
HETATM 1209 O  O   . HOH   F 6 .   ? -6.17957  13.49027  -12.09935 1.000 35.03500 ? 308 HOH   A O   1 
HETATM 1210 O  O   . HOH   F 6 .   ? 0.45841   -3.04288  -12.53433 1.000 45.72635 ? 309 HOH   A O   1 
HETATM 1211 O  O   . HOH   F 6 .   ? 15.34683  -3.49270  -6.48001  1.000 35.69279 ? 310 HOH   A O   1 
HETATM 1212 O  O   . HOH   F 6 .   ? 8.84949   -8.59356  -7.06942  1.000 31.95053 ? 311 HOH   A O   1 
HETATM 1213 O  O   . HOH   F 6 .   ? 19.65925  -6.40647  12.36058  1.000 60.41446 ? 312 HOH   A O   1 
HETATM 1214 O  O   . HOH   F 6 .   ? -8.22942  3.67789   -6.98165  1.000 26.40798 ? 313 HOH   A O   1 
HETATM 1215 O  O   . HOH   F 6 .   ? -9.54377  -9.54443  -9.98559  1.000 32.51832 ? 314 HOH   A O   1 
HETATM 1216 O  O   . HOH   F 6 .   ? -7.97536  12.80860  6.86885   1.000 58.43001 ? 315 HOH   A O   1 
HETATM 1217 O  O   . HOH   F 6 .   ? 15.98883  -12.68082 5.70721   1.000 36.75843 ? 316 HOH   A O   1 
HETATM 1218 O  O   . HOH   F 6 .   ? -5.54550  12.26870  8.30695   1.000 56.44579 ? 317 HOH   A O   1 
HETATM 1219 O  O   . HOH   F 6 .   ? 1.74937   5.49679   10.62251  1.000 51.01552 ? 318 HOH   A O   1 
HETATM 1220 O  O   . HOH   F 6 .   ? 13.23161  6.53110   -8.35108  1.000 40.61934 ? 319 HOH   A O   1 
HETATM 1221 O  O   . HOH   F 6 .   ? 2.46654   0.93489   -7.62375  1.000 26.82171 ? 320 HOH   A O   1 
HETATM 1222 O  O   . HOH   F 6 .   ? 10.10776  -17.13770 6.76290   1.000 42.69154 ? 321 HOH   A O   1 
HETATM 1223 O  O   . HOH   F 6 .   ? 6.41894   -5.05524  8.97074   1.000 25.22618 ? 322 HOH   A O   1 
HETATM 1224 O  O   . HOH   F 6 .   ? 16.76069  -11.40163 -4.84319  1.000 26.15325 ? 323 HOH   A O   1 
HETATM 1225 O  O   . HOH   F 6 .   ? 13.06010  12.13944  -3.47686  1.000 36.01770 ? 324 HOH   A O   1 
HETATM 1226 O  O   . HOH   F 6 .   ? 2.84518   -0.66144  7.85876   1.000 24.51607 ? 325 HOH   A O   1 
HETATM 1227 O  O   . HOH   F 6 .   ? -2.77247  -7.23324  -12.55780 1.000 28.55651 ? 326 HOH   A O   1 
HETATM 1228 O  O   . HOH   F 6 .   ? 16.22372  6.90481   1.34113   1.000 30.40881 ? 327 HOH   A O   1 
HETATM 1229 O  O   . HOH   F 6 .   ? 10.59825  0.91275   -9.14770  1.000 39.98349 ? 328 HOH   A O   1 
HETATM 1230 O  O   . HOH   F 6 .   ? 3.34488   5.94324   8.70478   1.000 29.90308 ? 329 HOH   A O   1 
HETATM 1231 O  O   . HOH   F 6 .   ? 12.14917  -8.21146  5.17779   1.000 28.15755 ? 330 HOH   A O   1 
HETATM 1232 O  O   . HOH   F 6 .   ? 0.04181   17.02482  -0.24042  1.000 42.15358 ? 331 HOH   A O   1 
HETATM 1233 O  O   . HOH   F 6 .   ? 1.32114   3.06744   -7.73158  1.000 28.02800 ? 332 HOH   A O   1 
HETATM 1234 O  O   . HOH   F 6 .   ? -6.53066  -13.33063 9.23844   1.000 54.34954 ? 333 HOH   A O   1 
HETATM 1235 O  O   . HOH   F 6 .   ? -4.96204  -16.40965 -0.28804  1.000 31.21591 ? 334 HOH   A O   1 
HETATM 1236 O  O   . HOH   F 6 .   ? -16.40956 -6.08630  3.52857   1.000 59.30250 ? 335 HOH   A O   1 
HETATM 1237 O  O   . HOH   F 6 .   ? -14.63482 -7.06468  4.24664   1.000 44.25442 ? 336 HOH   A O   1 
HETATM 1238 O  O   . HOH   F 6 .   ? 3.20285   13.97481  3.67489   1.000 30.14282 ? 337 HOH   A O   1 
HETATM 1239 O  O   . HOH   F 6 .   ? -1.37860  17.87607  3.16777   1.000 41.75318 ? 338 HOH   A O   1 
HETATM 1240 O  O   . HOH   F 6 .   ? 3.32538   8.58989   8.45229   1.000 33.50021 ? 339 HOH   A O   1 
HETATM 1241 O  O   . HOH   F 6 .   ? 2.44507   7.14985   -13.23744 1.000 61.32809 ? 340 HOH   A O   1 
HETATM 1242 O  O   . HOH   F 6 .   ? 3.65789   -8.56714  17.00802  1.000 33.89232 ? 341 HOH   A O   1 
HETATM 1243 O  O   . HOH   F 6 .   ? -5.24391  -0.40566  -12.49872 1.000 27.92933 ? 342 HOH   A O   1 
HETATM 1244 O  O   . HOH   F 6 .   ? 14.83506  -8.49878  6.03462   1.000 31.60252 ? 343 HOH   A O   1 
HETATM 1245 O  O   . HOH   F 6 .   ? -28.17888 3.77418   -4.54954  1.000 55.07668 ? 344 HOH   A O   1 
HETATM 1246 O  O   . HOH   F 6 .   ? 4.04472   12.52097  -10.01444 1.000 46.57016 ? 345 HOH   A O   1 
HETATM 1247 O  O   . HOH   F 6 .   ? 0.12118   -3.94016  19.88044  1.000 44.42744 ? 346 HOH   A O   1 
HETATM 1248 O  O   . HOH   F 6 .   ? -18.33837 6.55678   -8.09458  1.000 41.33066 ? 347 HOH   A O   1 
HETATM 1249 O  O   . HOH   F 6 .   ? 15.51986  -1.60107  -6.88266  1.000 43.54198 ? 348 HOH   A O   1 
HETATM 1250 O  O   . HOH   F 6 .   ? 16.54621  -8.93165  4.88067   1.000 37.90777 ? 349 HOH   A O   1 
HETATM 1251 O  O   . HOH   F 6 .   ? 19.90095  -8.08053  13.47603  1.000 61.15030 ? 350 HOH   A O   1 
HETATM 1252 O  O   . HOH   F 6 .   ? 4.52526   7.54063   -12.18207 1.000 43.19471 ? 351 HOH   A O   1 
HETATM 1253 O  O   . HOH   F 6 .   ? 4.82768   10.36571  -11.32810 1.000 43.44373 ? 352 HOH   A O   1 
HETATM 1254 O  O   . HOH   G 6 .   ? -17.84815 -5.81217  -8.02120  1.000 43.51104 ? 101 HOH   C O   1 
HETATM 1255 O  O   . HOH   G 6 .   ? -10.12669 -7.29774  -8.52428  1.000 23.02594 ? 102 HOH   C O   1 
HETATM 1256 O  O   . HOH   G 6 .   ? -1.18445  -19.20368 -8.61199  1.000 25.60430 ? 103 HOH   C O   1 
HETATM 1257 O  O   . HOH   G 6 .   ? -7.49249  -17.51759 -6.49301  1.000 43.30896 ? 104 HOH   C O   1 
HETATM 1258 O  O   . HOH   G 6 .   ? -2.86223  -20.43366 -6.70070  1.000 43.79719 ? 105 HOH   C O   1 
# 
